data_7UZY
#
_entry.id   7UZY
#
_symmetry.space_group_name_H-M   'P 1'
#
loop_
_entity.id
_entity.type
_entity.pdbx_description
1 polymer 'CRISPR system single-strand-specific deoxyribonuclease Cas10/Csm1 (subtype III-A)'
2 polymer 'CRISPR system Cms protein Csm2'
3 polymer 'CRISPR system Cms endoribonuclease Csm3'
4 polymer 'CRISPR system Cms protein Csm4'
5 polymer 'RNA (37-MER)'
6 polymer 'RNA (40-MER)'
#
loop_
_entity_poly.entity_id
_entity_poly.type
_entity_poly.pdbx_seq_one_letter_code
_entity_poly.pdbx_strand_id
1 'polypeptide(L)'
;MNKKNILMYGSLLHDIGKIIYRSGDHTFSRGTHSKLGHQFLSQFSEFKDNEVLDNVAYHHYKELAKANLDNDNTAYITYI
ADNIASGIDRRDIIEEGDEEYEKQLFNFDKYTPLYSVFNIVNSEKLKQTNGKFKFSNESNIEYPKTENIQYSSGNYTTLM
KDMSHDLEHKLSIKEGTFPSLLQWTESLWQYVPSSTNKNQLIDISLYDHSRITCAIASCIFDYLNENNIHNYKDELFSKY
ENTKSFYQKEAFLLLSMDMSGIQDFIYNISGSKALKSLRSRSFYLELMLEVIVDQLLERLELARANLLYTGGGHAYLLVS
NTDKVKKKITQFNNELKKWFMSEFTTDLSLSMAFEKCSGDDLMNTSGNYRTIWRNVSSKLSDIKAHKYSAEDILKLNHFH
SYGDRECKECLRSDIDINDDGLCSICEGIINISNDLRDKSFFVLSETGKLKMPFNKFISVIDYEEAEMLVQNNNQVRIYS
KNKPYIGIGISTNLWMCDYDYASQNQDMREKGIGSYVDREEGVKRLGVVRADIDNLGATFISGIPEKYNSISRTATLSRQ
LSLFFKYELNHLLENYQITAIYSGGDDLFLIGAWDDIIEASIYINDKFKEFTLDKLTLSAGVGMFSGKYPVSKMAFETGR
LEEAAKTGEKNQISLWLQEKVYNWDEFKKNILEEKLLVLQQGFSQTDEHGKAFIYKMLALLRNNEAINIARLAYLLARSK
MNEDFTSKIFNWAQNDKDKNQLITALEYYIYQIREAD
;
F
2 'polypeptide(L)'
;MTFAHEVVKSNVKNVKDRKGKEKQVLFNGLTTSKLRNLMEQVNRLYTIAFNSNEDQLNEEFIDELEYLKIKFYYEAGREK
SVDEFLKKTLMFPIIDRVIKKESKKFFLDYCKYFEALVAYAKYYQKED
;
J,I,K
3 'polypeptide(L)'
;MYSKIKISGTIEVVTGLHIGGGGESSMIGAIDSPVVRDLQTKLPIIPGSSIKGKMRNLLAKHFGLKMKQESHNQDDERVL
RLFGSSEKGNIQRARLQISDAFFSEKTKEHFAQNDIAYTETKFENTINRLTAVANPRQIERVTRGSEFDFVFIYNVDEES
QVEDDFENIEKAIHLLENDYLGGGGTRGNGRIQFKDTNIETVVGEYDSTNLKIK
;
D,C,A,B
4 'polypeptide(L)'
;MTLATKVFKLSFKTPVHFGKKRLSDGEMTITADTLFSALFIETLQLGKDTDWLLNDLIISDTFPYENELYYLPKPLIKID
SKEEDNHKAFKKLKYVPVHHYNQYLNGELSAEDATDLNDIFNIGYFSLQTKVSLIAQETDSSADSEPYSVGTFTFEPEAG
LYFIAKGSEETLDHLNNIMTALQYSGLGGKRNAGYGQFEYEIINNQQLSKLLNQNGKHSILLSTAMAKKEEIESALKEAR
YILTKRSGFVQSTNYSEMLVKKSDFYSFSSGSVFKNIFNGDIFNVGHNGKHPVYRYAKPLWLEV
;
H
5 'polyribonucleotide' ACGAGAACUAGUAAUAAUUGUCAUUUGCAUACGUUAC G
6 'polyribonucleotide' AGCCUGGUAACGUAUGCAAAUGACAAUUAUUACUAUCCAG L
#
loop_
_chem_comp.id
_chem_comp.type
_chem_comp.name
_chem_comp.formula
A RNA linking ADENOSINE-5'-MONOPHOSPHATE 'C10 H14 N5 O7 P'
C RNA linking CYTIDINE-5'-MONOPHOSPHATE 'C9 H14 N3 O8 P'
G RNA linking GUANOSINE-5'-MONOPHOSPHATE 'C10 H14 N5 O8 P'
U RNA linking URIDINE-5'-MONOPHOSPHATE 'C9 H13 N2 O9 P'
#
# COMPACT_ATOMS: atom_id res chain seq x y z
N MET A 1 -58.44 -43.92 40.44
CA MET A 1 -57.28 -43.06 40.30
C MET A 1 -56.36 -43.16 41.51
N ASN A 2 -55.06 -43.31 41.25
CA ASN A 2 -54.09 -43.32 42.34
C ASN A 2 -54.09 -41.99 43.07
N LYS A 3 -54.12 -42.05 44.41
CA LYS A 3 -54.33 -40.85 45.20
C LYS A 3 -53.26 -39.81 44.95
N LYS A 4 -52.06 -40.24 44.55
CA LYS A 4 -51.06 -39.29 44.09
C LYS A 4 -51.54 -38.55 42.85
N ASN A 5 -52.16 -39.26 41.91
CA ASN A 5 -52.71 -38.59 40.73
C ASN A 5 -53.86 -37.68 41.10
N ILE A 6 -54.68 -38.06 42.08
CA ILE A 6 -55.73 -37.18 42.56
C ILE A 6 -55.12 -35.90 43.14
N LEU A 7 -54.07 -36.06 43.96
CA LEU A 7 -53.34 -34.93 44.48
C LEU A 7 -52.86 -34.02 43.36
N MET A 8 -52.23 -34.61 42.34
CA MET A 8 -51.69 -33.83 41.23
C MET A 8 -52.79 -33.04 40.54
N TYR A 9 -53.82 -33.73 40.10
CA TYR A 9 -54.86 -33.06 39.32
C TYR A 9 -55.61 -32.04 40.15
N GLY A 10 -55.71 -32.22 41.46
CA GLY A 10 -56.40 -31.23 42.26
C GLY A 10 -55.54 -30.03 42.52
N SER A 11 -54.29 -30.26 42.92
CA SER A 11 -53.38 -29.17 43.22
C SER A 11 -53.11 -28.30 42.00
N LEU A 12 -52.89 -28.93 40.84
CA LEU A 12 -52.61 -28.14 39.65
C LEU A 12 -53.76 -27.23 39.28
N LEU A 13 -54.96 -27.48 39.80
CA LEU A 13 -56.12 -26.61 39.57
C LEU A 13 -56.69 -26.10 40.88
N HIS A 14 -55.87 -26.07 41.94
CA HIS A 14 -56.40 -25.80 43.27
C HIS A 14 -56.95 -24.37 43.37
N ASP A 15 -56.22 -23.39 42.82
CA ASP A 15 -56.64 -21.99 42.84
C ASP A 15 -57.09 -21.48 41.47
N ILE A 16 -57.78 -22.31 40.70
CA ILE A 16 -58.24 -21.90 39.37
C ILE A 16 -59.35 -20.84 39.46
N GLY A 17 -60.18 -20.90 40.50
CA GLY A 17 -61.39 -20.08 40.55
C GLY A 17 -61.14 -18.59 40.46
N LYS A 18 -59.92 -18.15 40.75
CA LYS A 18 -59.60 -16.73 40.61
C LYS A 18 -59.87 -16.25 39.19
N ILE A 19 -59.45 -17.04 38.19
CA ILE A 19 -59.67 -16.69 36.79
C ILE A 19 -61.15 -16.54 36.48
N ILE A 20 -62.01 -17.22 37.23
CA ILE A 20 -63.45 -17.05 37.06
C ILE A 20 -63.92 -15.81 37.80
N TYR A 21 -63.37 -15.57 39.00
CA TYR A 21 -63.83 -14.46 39.83
C TYR A 21 -63.52 -13.11 39.18
N ARG A 22 -62.29 -12.92 38.72
CA ARG A 22 -61.95 -11.70 38.01
C ARG A 22 -62.55 -11.62 36.62
N SER A 23 -63.09 -12.74 36.10
CA SER A 23 -63.75 -12.70 34.79
C SER A 23 -64.92 -11.73 34.80
N GLY A 24 -65.70 -11.72 35.88
CA GLY A 24 -66.82 -10.81 36.01
C GLY A 24 -68.08 -11.30 35.33
N ASP A 25 -67.94 -11.82 34.12
CA ASP A 25 -69.06 -12.35 33.36
C ASP A 25 -69.32 -13.83 33.65
N HIS A 26 -68.46 -14.48 34.44
CA HIS A 26 -68.61 -15.89 34.79
C HIS A 26 -68.73 -16.08 36.30
N THR A 27 -69.06 -15.02 37.03
CA THR A 27 -69.06 -15.04 38.50
C THR A 27 -70.37 -15.62 39.02
N PHE A 28 -70.42 -16.95 39.00
CA PHE A 28 -71.59 -17.66 39.51
C PHE A 28 -71.67 -17.60 41.03
N SER A 29 -70.55 -17.83 41.71
CA SER A 29 -70.46 -17.73 43.18
C SER A 29 -69.55 -16.55 43.52
N ARG A 30 -70.16 -15.38 43.65
CA ARG A 30 -69.42 -14.14 43.86
C ARG A 30 -69.11 -13.95 45.35
N GLY A 31 -69.20 -15.03 46.10
CA GLY A 31 -68.80 -15.03 47.49
C GLY A 31 -67.35 -15.41 47.61
N THR A 32 -66.97 -16.50 46.95
CA THR A 32 -65.61 -17.00 47.04
C THR A 32 -65.17 -17.58 45.71
N HIS A 33 -63.86 -17.59 45.46
CA HIS A 33 -63.34 -18.25 44.23
C HIS A 33 -63.40 -19.78 44.38
N SER A 34 -63.32 -20.34 45.61
CA SER A 34 -63.30 -21.79 45.74
C SER A 34 -64.61 -22.42 45.28
N LYS A 35 -65.73 -21.93 45.80
CA LYS A 35 -67.03 -22.46 45.41
C LYS A 35 -67.29 -22.24 43.93
N LEU A 36 -66.86 -21.09 43.42
CA LEU A 36 -67.05 -20.75 42.02
C LEU A 36 -66.29 -21.71 41.11
N GLY A 37 -65.02 -21.98 41.44
CA GLY A 37 -64.25 -22.93 40.66
C GLY A 37 -64.81 -24.34 40.75
N HIS A 38 -65.28 -24.74 41.94
CA HIS A 38 -65.92 -26.04 42.08
C HIS A 38 -67.12 -26.15 41.14
N GLN A 39 -67.95 -25.12 41.13
CA GLN A 39 -69.14 -25.15 40.27
C GLN A 39 -68.76 -25.22 38.80
N PHE A 40 -67.75 -24.46 38.37
CA PHE A 40 -67.37 -24.50 36.96
C PHE A 40 -66.81 -25.86 36.59
N LEU A 41 -65.91 -26.40 37.42
CA LEU A 41 -65.32 -27.71 37.14
C LEU A 41 -66.32 -28.84 37.27
N SER A 42 -67.47 -28.60 37.91
CA SER A 42 -68.53 -29.59 37.99
C SER A 42 -69.39 -29.65 36.74
N GLN A 43 -68.88 -29.18 35.59
CA GLN A 43 -69.64 -29.19 34.35
C GLN A 43 -69.12 -30.18 33.32
N PHE A 44 -68.05 -30.90 33.62
CA PHE A 44 -67.28 -31.57 32.58
C PHE A 44 -67.18 -33.07 32.83
N SER A 45 -67.38 -33.84 31.76
CA SER A 45 -67.39 -35.30 31.88
C SER A 45 -66.01 -35.85 32.21
N GLU A 46 -64.97 -35.38 31.51
CA GLU A 46 -63.63 -35.91 31.74
C GLU A 46 -63.17 -35.67 33.16
N PHE A 47 -63.27 -34.42 33.62
CA PHE A 47 -62.89 -34.06 34.98
C PHE A 47 -64.03 -34.24 35.97
N LYS A 48 -64.92 -35.19 35.71
CA LYS A 48 -66.05 -35.49 36.58
C LYS A 48 -65.64 -36.18 37.88
N ASP A 49 -64.34 -36.28 38.16
CA ASP A 49 -63.90 -36.85 39.43
C ASP A 49 -64.31 -35.94 40.59
N ASN A 50 -64.72 -36.56 41.70
CA ASN A 50 -65.28 -35.82 42.84
C ASN A 50 -64.20 -35.34 43.81
N GLU A 51 -63.19 -36.17 44.09
CA GLU A 51 -62.17 -35.78 45.06
C GLU A 51 -61.34 -34.61 44.55
N VAL A 52 -61.14 -34.51 43.24
CA VAL A 52 -60.46 -33.34 42.68
C VAL A 52 -61.30 -32.09 42.92
N LEU A 53 -62.62 -32.19 42.78
CA LEU A 53 -63.50 -31.07 43.09
C LEU A 53 -63.40 -30.67 44.55
N ASP A 54 -63.35 -31.66 45.45
CA ASP A 54 -63.19 -31.37 46.87
C ASP A 54 -61.88 -30.64 47.13
N ASN A 55 -60.79 -31.12 46.53
CA ASN A 55 -59.50 -30.45 46.63
C ASN A 55 -59.60 -28.99 46.22
N VAL A 56 -60.17 -28.74 45.03
CA VAL A 56 -60.25 -27.38 44.52
C VAL A 56 -61.06 -26.50 45.46
N ALA A 57 -62.23 -27.00 45.88
CA ALA A 57 -63.12 -26.20 46.70
C ALA A 57 -62.65 -26.05 48.15
N TYR A 58 -61.63 -26.79 48.56
CA TYR A 58 -61.28 -26.85 49.98
C TYR A 58 -59.79 -26.57 50.22
N HIS A 59 -59.26 -25.50 49.63
CA HIS A 59 -57.84 -25.16 49.81
C HIS A 59 -57.58 -24.09 50.88
N HIS A 60 -58.60 -23.59 51.57
CA HIS A 60 -58.39 -22.47 52.49
C HIS A 60 -58.94 -22.81 53.86
N TYR A 61 -58.44 -22.07 54.85
CA TYR A 61 -58.72 -22.37 56.26
C TYR A 61 -60.20 -22.31 56.56
N LYS A 62 -60.87 -21.22 56.17
CA LYS A 62 -62.30 -21.12 56.40
C LYS A 62 -63.04 -22.24 55.68
N GLU A 63 -62.66 -22.50 54.43
CA GLU A 63 -63.32 -23.55 53.67
C GLU A 63 -63.15 -24.92 54.31
N LEU A 64 -61.93 -25.24 54.73
CA LEU A 64 -61.69 -26.52 55.39
C LEU A 64 -62.30 -26.58 56.78
N ALA A 65 -62.64 -25.44 57.38
CA ALA A 65 -63.05 -25.41 58.79
C ALA A 65 -64.29 -26.25 59.04
N LYS A 66 -65.23 -26.32 58.08
CA LYS A 66 -66.48 -27.04 58.30
C LYS A 66 -66.78 -28.11 57.27
N ALA A 67 -65.83 -28.45 56.40
CA ALA A 67 -66.11 -29.42 55.34
C ALA A 67 -66.36 -30.83 55.87
N ASN A 68 -65.96 -31.11 57.11
CA ASN A 68 -66.18 -32.42 57.73
C ASN A 68 -65.58 -33.56 56.91
N LEU A 69 -64.41 -33.31 56.34
CA LEU A 69 -63.73 -34.31 55.53
C LEU A 69 -63.07 -35.36 56.43
N ASP A 70 -62.70 -36.48 55.81
CA ASP A 70 -62.05 -37.57 56.52
C ASP A 70 -60.65 -37.14 56.99
N ASN A 71 -60.15 -37.86 57.99
CA ASN A 71 -58.79 -37.63 58.47
C ASN A 71 -57.75 -37.88 57.39
N ASP A 72 -58.03 -38.78 56.45
CA ASP A 72 -57.18 -39.04 55.29
C ASP A 72 -57.93 -38.55 54.07
N ASN A 73 -57.68 -37.30 53.70
CA ASN A 73 -58.25 -36.71 52.51
C ASN A 73 -57.22 -35.72 51.97
N THR A 74 -56.93 -35.85 50.68
CA THR A 74 -55.76 -35.17 50.11
C THR A 74 -55.80 -33.66 50.25
N ALA A 75 -57.00 -33.07 50.26
CA ALA A 75 -57.08 -31.61 50.15
C ALA A 75 -56.30 -30.91 51.26
N TYR A 76 -56.23 -31.53 52.45
CA TYR A 76 -55.49 -30.90 53.54
C TYR A 76 -54.04 -30.65 53.15
N ILE A 77 -53.43 -31.65 52.52
CA ILE A 77 -52.07 -31.49 52.03
C ILE A 77 -51.99 -30.28 51.12
N THR A 78 -52.94 -30.18 50.18
CA THR A 78 -52.98 -29.02 49.30
C THR A 78 -52.94 -27.75 50.12
N TYR A 79 -53.72 -27.73 51.20
CA TYR A 79 -53.71 -26.61 52.14
C TYR A 79 -52.30 -26.23 52.51
N ILE A 80 -51.56 -27.16 53.11
CA ILE A 80 -50.21 -26.79 53.54
C ILE A 80 -49.39 -26.40 52.32
N ALA A 81 -49.57 -27.09 51.20
CA ALA A 81 -48.80 -26.76 50.01
C ALA A 81 -49.06 -25.31 49.60
N ASP A 82 -50.34 -24.91 49.60
CA ASP A 82 -50.62 -23.51 49.29
C ASP A 82 -49.91 -22.61 50.26
N ASN A 83 -50.01 -22.94 51.55
CA ASN A 83 -49.34 -22.16 52.57
C ASN A 83 -47.83 -22.20 52.37
N ILE A 84 -47.31 -23.36 51.95
CA ILE A 84 -45.88 -23.47 51.67
C ILE A 84 -45.50 -22.64 50.44
N ALA A 85 -46.37 -22.62 49.44
CA ALA A 85 -45.98 -22.00 48.18
C ALA A 85 -45.70 -20.52 48.34
N SER A 86 -46.45 -19.85 49.21
CA SER A 86 -46.34 -18.40 49.37
C SER A 86 -45.01 -18.03 50.00
N SER A 152 -58.33 -5.86 31.32
CA SER A 152 -59.78 -5.72 31.20
C SER A 152 -60.48 -7.04 31.49
N SER A 153 -61.77 -6.95 31.84
CA SER A 153 -62.52 -8.11 32.28
C SER A 153 -62.75 -9.10 31.12
N GLY A 154 -63.13 -8.58 29.95
CA GLY A 154 -63.50 -9.45 28.84
C GLY A 154 -62.40 -10.41 28.42
N ASN A 155 -61.14 -10.05 28.64
CA ASN A 155 -60.05 -10.98 28.41
C ASN A 155 -60.21 -12.24 29.24
N TYR A 156 -60.62 -12.09 30.49
CA TYR A 156 -60.85 -13.25 31.34
C TYR A 156 -62.00 -14.11 30.84
N THR A 157 -63.05 -13.47 30.30
CA THR A 157 -64.12 -14.23 29.67
C THR A 157 -63.60 -15.00 28.47
N THR A 158 -62.73 -14.36 27.69
CA THR A 158 -62.12 -15.03 26.56
C THR A 158 -61.32 -16.25 27.03
N LEU A 159 -60.59 -16.09 28.12
CA LEU A 159 -59.85 -17.21 28.69
C LEU A 159 -60.80 -18.30 29.17
N MET A 160 -61.97 -17.94 29.72
CA MET A 160 -62.93 -18.95 30.12
C MET A 160 -63.42 -19.75 28.92
N LYS A 161 -63.71 -19.05 27.82
CA LYS A 161 -64.12 -19.73 26.60
C LYS A 161 -63.03 -20.65 26.08
N ASP A 162 -61.79 -20.15 26.02
CA ASP A 162 -60.68 -20.94 25.49
C ASP A 162 -60.41 -22.16 26.37
N MET A 163 -60.48 -21.99 27.69
CA MET A 163 -60.26 -23.10 28.61
C MET A 163 -61.38 -24.12 28.53
N SER A 164 -62.63 -23.67 28.35
CA SER A 164 -63.72 -24.63 28.13
C SER A 164 -63.51 -25.42 26.85
N HIS A 165 -63.08 -24.74 25.78
CA HIS A 165 -62.78 -25.43 24.53
C HIS A 165 -61.70 -26.47 24.72
N ASP A 166 -60.56 -26.07 25.31
CA ASP A 166 -59.46 -27.01 25.51
C ASP A 166 -59.82 -28.13 26.48
N LEU A 167 -60.72 -27.87 27.42
CA LEU A 167 -61.10 -28.91 28.37
C LEU A 167 -62.07 -29.91 27.75
N GLU A 168 -62.97 -29.45 26.88
CA GLU A 168 -63.90 -30.37 26.21
C GLU A 168 -63.20 -31.15 25.11
N HIS A 169 -62.22 -30.53 24.42
CA HIS A 169 -61.68 -31.10 23.21
C HIS A 169 -60.23 -31.55 23.31
N LYS A 170 -59.43 -30.98 24.22
CA LYS A 170 -58.02 -31.32 24.31
C LYS A 170 -57.63 -32.06 25.57
N LEU A 171 -58.38 -31.91 26.66
CA LEU A 171 -58.03 -32.51 27.94
C LEU A 171 -58.81 -33.79 28.19
N SER A 172 -58.16 -34.76 28.83
CA SER A 172 -58.76 -36.03 29.20
C SER A 172 -58.03 -36.56 30.43
N ILE A 173 -58.72 -37.40 31.19
CA ILE A 173 -58.23 -37.86 32.49
C ILE A 173 -57.64 -39.26 32.33
N LYS A 174 -56.32 -39.36 32.45
CA LYS A 174 -55.62 -40.64 32.50
C LYS A 174 -54.41 -40.51 33.40
N GLU A 175 -53.75 -41.64 33.65
CA GLU A 175 -52.63 -41.68 34.59
C GLU A 175 -51.48 -40.79 34.12
N GLY A 176 -51.20 -40.79 32.82
CA GLY A 176 -50.15 -39.99 32.24
C GLY A 176 -50.59 -38.68 31.61
N THR A 177 -51.80 -38.23 31.88
CA THR A 177 -52.32 -37.01 31.28
C THR A 177 -52.10 -35.79 32.15
N PHE A 178 -51.59 -35.96 33.36
CA PHE A 178 -51.19 -34.79 34.14
C PHE A 178 -50.16 -33.92 33.43
N PRO A 179 -49.15 -34.48 32.73
CA PRO A 179 -48.32 -33.61 31.89
C PRO A 179 -49.11 -32.82 30.88
N SER A 180 -50.19 -33.39 30.35
CA SER A 180 -51.01 -32.65 29.41
C SER A 180 -51.66 -31.45 30.08
N LEU A 181 -52.19 -31.66 31.30
CA LEU A 181 -52.76 -30.55 32.05
C LEU A 181 -51.72 -29.47 32.31
N LEU A 182 -50.51 -29.88 32.72
CA LEU A 182 -49.45 -28.90 32.98
C LEU A 182 -49.10 -28.13 31.71
N GLN A 183 -49.00 -28.83 30.57
CA GLN A 183 -48.62 -28.17 29.34
C GLN A 183 -49.66 -27.16 28.90
N TRP A 184 -50.94 -27.52 28.98
CA TRP A 184 -51.96 -26.58 28.52
C TRP A 184 -52.10 -25.40 29.49
N THR A 185 -52.06 -25.67 30.79
CA THR A 185 -52.12 -24.57 31.75
C THR A 185 -50.94 -23.63 31.58
N GLU A 186 -49.75 -24.18 31.32
CA GLU A 186 -48.59 -23.36 31.02
C GLU A 186 -48.80 -22.55 29.74
N SER A 187 -49.39 -23.17 28.73
CA SER A 187 -49.71 -22.44 27.52
C SER A 187 -50.62 -21.26 27.81
N LEU A 188 -51.49 -21.40 28.82
CA LEU A 188 -52.57 -20.43 28.98
C LEU A 188 -52.31 -19.34 30.02
N TRP A 189 -51.69 -19.67 31.15
CA TRP A 189 -51.70 -18.77 32.31
C TRP A 189 -50.38 -18.04 32.52
N GLN A 190 -49.47 -18.13 31.55
CA GLN A 190 -48.07 -17.74 31.78
C GLN A 190 -47.92 -16.30 32.21
N TYR A 191 -48.89 -15.44 31.92
CA TYR A 191 -48.79 -14.05 32.33
C TYR A 191 -50.03 -13.62 33.08
N VAL A 192 -50.73 -14.57 33.69
CA VAL A 192 -51.86 -14.29 34.54
C VAL A 192 -51.35 -14.24 35.98
N PRO A 193 -51.30 -13.08 36.61
CA PRO A 193 -50.76 -12.99 37.98
C PRO A 193 -51.61 -13.79 38.95
N ASP A 203 -45.77 -10.14 41.37
CA ASP A 203 -44.79 -10.58 40.39
C ASP A 203 -44.89 -12.07 40.09
N ILE A 204 -45.98 -12.71 40.50
CA ILE A 204 -46.15 -14.16 40.38
C ILE A 204 -47.32 -14.44 39.46
N SER A 205 -47.08 -15.26 38.43
CA SER A 205 -48.17 -15.74 37.59
C SER A 205 -48.90 -16.87 38.29
N LEU A 206 -50.15 -17.09 37.87
CA LEU A 206 -50.89 -18.22 38.41
C LEU A 206 -50.27 -19.55 38.01
N TYR A 207 -49.63 -19.60 36.84
CA TYR A 207 -49.05 -20.86 36.39
C TYR A 207 -47.96 -21.34 37.34
N ASP A 208 -47.05 -20.45 37.70
CA ASP A 208 -46.00 -20.80 38.64
C ASP A 208 -46.59 -21.21 39.98
N HIS A 209 -47.63 -20.51 40.41
CA HIS A 209 -48.27 -20.84 41.69
C HIS A 209 -48.82 -22.25 41.67
N SER A 210 -49.55 -22.60 40.62
CA SER A 210 -50.11 -23.94 40.54
C SER A 210 -48.99 -24.98 40.50
N ARG A 211 -47.94 -24.74 39.71
CA ARG A 211 -46.88 -25.74 39.61
C ARG A 211 -46.17 -25.93 40.95
N ILE A 212 -45.84 -24.84 41.62
CA ILE A 212 -45.11 -24.96 42.87
C ILE A 212 -45.98 -25.60 43.94
N THR A 213 -47.26 -25.23 43.99
CA THR A 213 -48.17 -25.88 44.92
C THR A 213 -48.21 -27.38 44.67
N CYS A 214 -48.26 -27.77 43.40
CA CYS A 214 -48.30 -29.20 43.08
C CYS A 214 -47.01 -29.91 43.49
N ALA A 215 -45.86 -29.28 43.24
CA ALA A 215 -44.59 -29.90 43.58
C ALA A 215 -44.48 -30.09 45.09
N ILE A 216 -44.86 -29.06 45.83
CA ILE A 216 -44.80 -29.11 47.29
C ILE A 216 -45.75 -30.18 47.82
N ALA A 217 -46.95 -30.26 47.24
CA ALA A 217 -47.89 -31.29 47.65
C ALA A 217 -47.34 -32.68 47.35
N SER A 218 -46.65 -32.83 46.22
CA SER A 218 -46.03 -34.11 45.87
C SER A 218 -45.04 -34.54 46.94
N CYS A 219 -44.15 -33.62 47.30
CA CYS A 219 -43.17 -33.93 48.33
C CYS A 219 -43.86 -34.28 49.64
N ILE A 220 -44.86 -33.49 50.03
CA ILE A 220 -45.53 -33.69 51.31
C ILE A 220 -46.22 -35.04 51.36
N PHE A 221 -46.95 -35.38 50.29
CA PHE A 221 -47.68 -36.64 50.27
C PHE A 221 -46.73 -37.83 50.32
N ASP A 222 -45.63 -37.77 49.55
CA ASP A 222 -44.67 -38.85 49.62
C ASP A 222 -44.08 -38.97 51.02
N TYR A 223 -43.76 -37.84 51.64
CA TYR A 223 -43.15 -37.86 52.96
C TYR A 223 -44.10 -38.46 54.01
N LEU A 224 -45.38 -38.07 53.96
CA LEU A 224 -46.31 -38.54 54.98
C LEU A 224 -46.69 -40.00 54.77
N ASN A 225 -46.88 -40.42 53.52
CA ASN A 225 -47.16 -41.83 53.26
C ASN A 225 -45.97 -42.70 53.63
N GLU A 226 -44.75 -42.23 53.35
CA GLU A 226 -43.57 -43.02 53.68
C GLU A 226 -43.37 -43.11 55.19
N ASN A 227 -43.74 -42.06 55.92
CA ASN A 227 -43.55 -42.02 57.36
C ASN A 227 -44.72 -42.61 58.12
N ASN A 228 -45.54 -43.42 57.44
CA ASN A 228 -46.65 -44.13 58.09
C ASN A 228 -47.53 -43.16 58.86
N ILE A 229 -47.88 -42.05 58.20
CA ILE A 229 -48.77 -41.06 58.79
C ILE A 229 -49.95 -40.87 57.86
N HIS A 230 -51.15 -40.94 58.39
CA HIS A 230 -52.36 -40.95 57.57
C HIS A 230 -53.37 -39.95 58.12
N ASN A 231 -53.33 -39.71 59.43
CA ASN A 231 -54.28 -38.81 60.07
C ASN A 231 -53.74 -37.38 59.97
N TYR A 232 -53.66 -36.93 58.71
CA TYR A 232 -53.05 -35.63 58.42
C TYR A 232 -53.83 -34.49 59.05
N LYS A 233 -55.16 -34.60 59.10
CA LYS A 233 -55.98 -33.56 59.72
C LYS A 233 -55.60 -33.36 61.17
N ASP A 234 -55.39 -34.44 61.90
CA ASP A 234 -54.81 -34.33 63.23
C ASP A 234 -53.31 -34.11 63.18
N GLU A 235 -52.64 -34.64 62.16
CA GLU A 235 -51.21 -34.45 62.04
C GLU A 235 -50.86 -33.00 61.75
N LEU A 236 -51.64 -32.34 60.89
CA LEU A 236 -51.30 -30.99 60.47
C LEU A 236 -52.29 -29.94 60.96
N PHE A 237 -53.59 -30.17 60.78
CA PHE A 237 -54.58 -29.13 61.03
C PHE A 237 -54.88 -28.95 62.52
N THR A 243 -48.56 -27.74 63.71
CA THR A 243 -48.47 -27.13 62.36
C THR A 243 -47.06 -26.58 62.15
N LYS A 244 -46.63 -25.63 62.99
CA LYS A 244 -45.30 -25.06 62.89
C LYS A 244 -44.21 -26.11 63.08
N SER A 245 -44.44 -27.08 63.97
CA SER A 245 -43.47 -28.15 64.14
C SER A 245 -43.32 -28.95 62.86
N PHE A 246 -44.44 -29.24 62.19
CA PHE A 246 -44.36 -29.89 60.89
C PHE A 246 -43.61 -29.00 59.90
N TYR A 247 -43.87 -27.69 59.95
CA TYR A 247 -43.07 -26.76 59.16
C TYR A 247 -41.59 -26.94 59.43
N GLN A 248 -41.24 -27.20 60.69
CA GLN A 248 -39.84 -27.27 61.09
C GLN A 248 -39.19 -28.61 60.75
N LYS A 249 -39.98 -29.64 60.45
CA LYS A 249 -39.42 -30.93 60.11
C LYS A 249 -38.76 -30.90 58.74
N GLU A 250 -37.55 -31.44 58.65
CA GLU A 250 -36.81 -31.47 57.39
C GLU A 250 -37.37 -32.59 56.53
N ALA A 251 -38.49 -32.28 55.88
CA ALA A 251 -39.15 -33.21 55.00
C ALA A 251 -38.83 -32.97 53.54
N PHE A 252 -37.97 -32.00 53.23
CA PHE A 252 -37.68 -31.65 51.86
C PHE A 252 -36.21 -31.96 51.59
N LEU A 253 -35.91 -32.34 50.35
CA LEU A 253 -34.55 -32.65 49.93
C LEU A 253 -34.24 -31.87 48.67
N LEU A 254 -33.08 -31.25 48.63
CA LEU A 254 -32.62 -30.57 47.43
C LEU A 254 -31.57 -31.45 46.77
N LEU A 255 -31.85 -31.89 45.54
CA LEU A 255 -30.87 -32.62 44.76
C LEU A 255 -30.51 -31.77 43.55
N SER A 256 -29.24 -31.81 43.20
CA SER A 256 -28.76 -31.03 42.08
C SER A 256 -27.85 -31.92 41.24
N MET A 257 -27.87 -31.62 39.93
CA MET A 257 -27.06 -32.40 38.97
C MET A 257 -26.07 -31.47 38.27
N ASP A 258 -24.92 -32.01 37.86
CA ASP A 258 -23.89 -31.21 37.21
C ASP A 258 -23.20 -32.06 36.16
N MET A 259 -23.28 -31.61 34.90
CA MET A 259 -22.56 -32.24 33.79
C MET A 259 -21.13 -31.72 33.71
N SER A 260 -20.18 -32.64 33.52
CA SER A 260 -18.77 -32.26 33.63
C SER A 260 -18.25 -31.56 32.38
N GLY A 261 -18.23 -32.25 31.25
CA GLY A 261 -17.33 -31.89 30.17
C GLY A 261 -17.98 -31.14 29.03
N ILE A 262 -18.80 -30.16 29.38
CA ILE A 262 -19.50 -29.34 28.39
C ILE A 262 -18.51 -28.86 27.34
N GLN A 263 -17.46 -28.17 27.77
CA GLN A 263 -16.65 -27.38 26.85
C GLN A 263 -15.84 -28.24 25.90
N ASP A 264 -15.13 -29.25 26.41
CA ASP A 264 -14.29 -30.03 25.52
C ASP A 264 -15.09 -30.94 24.61
N PHE A 265 -16.27 -31.40 25.05
CA PHE A 265 -17.11 -32.22 24.18
C PHE A 265 -17.81 -31.37 23.12
N ILE A 266 -18.10 -30.13 23.45
CA ILE A 266 -18.75 -29.28 22.45
C ILE A 266 -17.73 -28.70 21.48
N TYR A 267 -16.48 -28.59 21.89
CA TYR A 267 -15.49 -27.91 21.07
C TYR A 267 -14.36 -28.84 20.67
N ASN A 268 -14.72 -30.05 20.24
CA ASN A 268 -13.76 -31.02 19.77
C ASN A 268 -14.06 -31.35 18.31
N ILE A 269 -14.25 -30.33 17.49
CA ILE A 269 -14.59 -30.48 16.09
C ILE A 269 -13.46 -29.93 15.23
N SER A 270 -13.12 -30.67 14.16
CA SER A 270 -12.10 -30.25 13.22
C SER A 270 -12.48 -30.48 11.76
N GLY A 271 -13.63 -31.08 11.47
CA GLY A 271 -13.98 -31.46 10.12
C GLY A 271 -14.55 -30.31 9.30
N SER A 272 -14.95 -30.65 8.06
CA SER A 272 -15.51 -29.67 7.13
C SER A 272 -16.98 -29.38 7.40
N LYS A 273 -17.62 -30.14 8.27
CA LYS A 273 -19.04 -29.98 8.62
C LYS A 273 -19.22 -29.22 9.91
N ALA A 274 -18.37 -28.22 10.15
CA ALA A 274 -18.29 -27.57 11.46
C ALA A 274 -19.65 -27.11 11.97
N LEU A 275 -20.39 -26.36 11.17
CA LEU A 275 -21.70 -25.87 11.62
C LEU A 275 -22.67 -27.02 11.85
N LYS A 276 -22.73 -27.97 10.90
CA LYS A 276 -23.70 -29.05 11.00
C LYS A 276 -23.40 -29.94 12.21
N SER A 277 -22.13 -30.31 12.40
CA SER A 277 -21.73 -31.09 13.57
C SER A 277 -21.97 -30.32 14.86
N LEU A 278 -21.62 -29.03 14.85
CA LEU A 278 -21.69 -28.24 16.07
C LEU A 278 -23.13 -28.11 16.56
N ARG A 279 -24.04 -27.76 15.65
CA ARG A 279 -25.44 -27.61 16.03
C ARG A 279 -26.04 -28.92 16.50
N SER A 280 -25.58 -30.05 15.97
CA SER A 280 -26.14 -31.32 16.40
C SER A 280 -25.57 -31.76 17.74
N ARG A 281 -24.28 -31.50 17.98
CA ARG A 281 -23.70 -31.87 19.27
C ARG A 281 -24.32 -31.08 20.40
N SER A 282 -24.57 -29.78 20.18
CA SER A 282 -25.18 -28.98 21.25
C SER A 282 -26.55 -29.53 21.64
N PHE A 283 -27.40 -29.77 20.65
CA PHE A 283 -28.71 -30.35 20.94
C PHE A 283 -28.58 -31.77 21.48
N TYR A 284 -27.54 -32.50 21.06
CA TYR A 284 -27.35 -33.85 21.56
C TYR A 284 -27.09 -33.84 23.05
N LEU A 285 -26.21 -32.96 23.50
CA LEU A 285 -25.96 -32.85 24.93
C LEU A 285 -27.21 -32.37 25.66
N GLU A 286 -27.90 -31.39 25.09
CA GLU A 286 -29.11 -30.89 25.74
C GLU A 286 -30.13 -32.01 25.92
N LEU A 287 -30.35 -32.80 24.88
CA LEU A 287 -31.32 -33.88 24.93
C LEU A 287 -30.85 -35.00 25.85
N MET A 288 -29.54 -35.22 25.95
CA MET A 288 -29.05 -36.17 26.95
C MET A 288 -29.45 -35.72 28.34
N LEU A 289 -29.28 -34.43 28.63
CA LEU A 289 -29.67 -33.92 29.93
C LEU A 289 -31.17 -34.09 30.16
N GLU A 290 -31.98 -33.76 29.14
CA GLU A 290 -33.42 -33.83 29.28
C GLU A 290 -33.91 -35.27 29.45
N VAL A 291 -33.32 -36.21 28.71
CA VAL A 291 -33.72 -37.60 28.85
C VAL A 291 -33.29 -38.14 30.21
N ILE A 292 -32.13 -37.71 30.71
CA ILE A 292 -31.71 -38.10 32.04
C ILE A 292 -32.73 -37.64 33.08
N VAL A 293 -33.13 -36.38 33.01
CA VAL A 293 -34.07 -35.87 34.01
C VAL A 293 -35.42 -36.54 33.86
N ASP A 294 -35.84 -36.83 32.63
CA ASP A 294 -37.13 -37.50 32.43
C ASP A 294 -37.12 -38.91 32.98
N GLN A 295 -36.06 -39.68 32.69
CA GLN A 295 -35.95 -41.02 33.22
C GLN A 295 -35.94 -40.99 34.76
N LEU A 296 -35.22 -40.03 35.33
CA LEU A 296 -35.14 -39.94 36.78
C LEU A 296 -36.50 -39.62 37.38
N LEU A 297 -37.20 -38.63 36.84
CA LEU A 297 -38.49 -38.27 37.40
C LEU A 297 -39.48 -39.42 37.29
N GLU A 298 -39.43 -40.14 36.16
CA GLU A 298 -40.32 -41.28 35.97
C GLU A 298 -40.06 -42.37 36.98
N ARG A 299 -38.79 -42.74 37.19
CA ARG A 299 -38.48 -43.81 38.12
C ARG A 299 -38.97 -43.47 39.52
N LEU A 300 -38.78 -42.24 39.93
CA LEU A 300 -39.23 -41.84 41.25
C LEU A 300 -40.71 -41.67 41.34
N GLU A 301 -41.47 -41.99 40.30
CA GLU A 301 -42.92 -41.78 40.27
C GLU A 301 -43.28 -40.32 40.49
N LEU A 302 -42.33 -39.42 40.31
CA LEU A 302 -42.59 -38.02 40.53
C LEU A 302 -42.87 -37.30 39.21
N ALA A 303 -43.47 -36.12 39.33
CA ALA A 303 -43.97 -35.37 38.19
C ALA A 303 -43.04 -34.21 37.84
N ARG A 304 -43.33 -33.58 36.69
CA ARG A 304 -42.56 -32.45 36.18
C ARG A 304 -42.76 -31.18 37.00
N ALA A 305 -43.72 -31.13 37.91
CA ALA A 305 -43.89 -29.93 38.73
C ALA A 305 -42.70 -29.70 39.63
N ASN A 306 -42.10 -30.78 40.12
CA ASN A 306 -40.98 -30.71 41.05
C ASN A 306 -39.65 -30.32 40.40
N LEU A 307 -39.56 -30.32 39.07
CA LEU A 307 -38.38 -29.78 38.40
C LEU A 307 -38.39 -28.26 38.48
N LEU A 308 -37.26 -27.67 38.89
CA LEU A 308 -37.18 -26.22 39.05
C LEU A 308 -36.34 -25.53 37.99
N TYR A 309 -35.25 -26.14 37.54
CA TYR A 309 -34.46 -25.52 36.48
C TYR A 309 -33.56 -26.57 35.87
N THR A 310 -33.44 -26.52 34.54
CA THR A 310 -32.46 -27.31 33.82
C THR A 310 -31.83 -26.38 32.80
N GLY A 311 -30.57 -26.60 32.52
CA GLY A 311 -29.94 -25.80 31.49
C GLY A 311 -28.45 -25.77 31.62
N GLY A 312 -27.78 -25.68 30.47
CA GLY A 312 -26.35 -25.90 30.43
C GLY A 312 -26.07 -27.29 30.95
N GLY A 313 -25.59 -27.36 32.17
CA GLY A 313 -25.46 -28.63 32.84
C GLY A 313 -26.10 -28.59 34.21
N HIS A 314 -26.45 -27.40 34.68
CA HIS A 314 -27.02 -27.29 36.01
C HIS A 314 -28.53 -27.49 35.96
N ALA A 315 -29.00 -28.29 36.91
CA ALA A 315 -30.41 -28.67 36.96
C ALA A 315 -30.71 -29.07 38.38
N TYR A 316 -31.90 -28.72 38.82
CA TYR A 316 -32.27 -28.75 40.23
C TYR A 316 -33.60 -29.43 40.42
N LEU A 317 -33.72 -30.26 41.45
CA LEU A 317 -34.95 -30.96 41.78
C LEU A 317 -35.20 -30.88 43.28
N LEU A 318 -36.46 -30.74 43.66
CA LEU A 318 -36.88 -30.82 45.05
C LEU A 318 -37.65 -32.13 45.22
N VAL A 319 -37.09 -33.03 46.04
CA VAL A 319 -37.60 -34.38 46.17
C VAL A 319 -37.86 -34.68 47.64
N SER A 320 -38.39 -35.87 47.89
CA SER A 320 -38.80 -36.25 49.23
C SER A 320 -37.59 -36.62 50.07
N ASN A 321 -37.65 -36.25 51.35
CA ASN A 321 -36.57 -36.52 52.28
C ASN A 321 -36.86 -37.83 53.01
N THR A 322 -36.88 -38.92 52.25
CA THR A 322 -37.16 -40.24 52.79
C THR A 322 -36.01 -41.18 52.50
N ASP A 323 -35.98 -42.27 53.26
CA ASP A 323 -34.94 -43.27 53.07
C ASP A 323 -35.08 -43.96 51.72
N LYS A 324 -36.31 -44.28 51.33
CA LYS A 324 -36.54 -44.88 50.03
C LYS A 324 -36.03 -43.98 48.92
N VAL A 325 -36.35 -42.70 49.03
CA VAL A 325 -35.94 -41.75 48.00
C VAL A 325 -34.43 -41.68 47.92
N LYS A 326 -33.78 -41.58 49.08
CA LYS A 326 -32.32 -41.49 49.06
C LYS A 326 -31.69 -42.74 48.47
N LYS A 327 -32.22 -43.90 48.85
CA LYS A 327 -31.67 -45.15 48.33
C LYS A 327 -31.82 -45.22 46.82
N LYS A 328 -33.01 -44.91 46.31
CA LYS A 328 -33.23 -44.98 44.88
C LYS A 328 -32.37 -43.97 44.15
N ILE A 329 -32.20 -42.78 44.73
CA ILE A 329 -31.29 -41.81 44.14
C ILE A 329 -29.91 -42.40 44.02
N THR A 330 -29.45 -43.06 45.08
CA THR A 330 -28.13 -43.67 45.05
C THR A 330 -28.03 -44.66 43.91
N GLN A 331 -29.03 -45.54 43.81
CA GLN A 331 -28.95 -46.62 42.83
C GLN A 331 -28.92 -46.06 41.42
N PHE A 332 -29.78 -45.09 41.14
CA PHE A 332 -29.79 -44.47 39.81
C PHE A 332 -28.46 -43.81 39.54
N ASN A 333 -27.90 -43.12 40.54
CA ASN A 333 -26.59 -42.48 40.38
C ASN A 333 -25.55 -43.52 40.00
N ASN A 334 -25.54 -44.63 40.70
CA ASN A 334 -24.58 -45.68 40.43
C ASN A 334 -24.70 -46.18 39.00
N GLU A 335 -25.93 -46.48 38.57
CA GLU A 335 -26.12 -46.98 37.22
C GLU A 335 -25.68 -45.95 36.18
N LEU A 336 -26.02 -44.69 36.41
CA LEU A 336 -25.61 -43.64 35.49
C LEU A 336 -24.09 -43.61 35.37
N LYS A 337 -23.41 -43.66 36.51
CA LYS A 337 -21.95 -43.60 36.47
C LYS A 337 -21.39 -44.80 35.74
N LYS A 338 -22.01 -45.96 35.95
CA LYS A 338 -21.54 -47.15 35.27
C LYS A 338 -21.62 -46.98 33.77
N TRP A 339 -22.77 -46.50 33.27
CA TRP A 339 -22.88 -46.23 31.85
C TRP A 339 -21.83 -45.23 31.40
N PHE A 340 -21.79 -44.08 32.06
CA PHE A 340 -20.90 -43.01 31.59
C PHE A 340 -19.47 -43.51 31.52
N MET A 341 -19.06 -44.34 32.48
CA MET A 341 -17.77 -44.99 32.35
C MET A 341 -17.75 -45.89 31.14
N SER A 342 -18.88 -46.52 30.81
CA SER A 342 -18.91 -47.37 29.64
C SER A 342 -18.83 -46.59 28.34
N GLU A 343 -19.08 -45.28 28.36
CA GLU A 343 -19.17 -44.56 27.06
C GLU A 343 -17.93 -43.73 26.73
N PHE A 344 -17.56 -42.76 27.57
CA PHE A 344 -16.47 -41.86 27.23
C PHE A 344 -15.28 -41.98 28.18
N THR A 345 -15.57 -42.14 29.48
CA THR A 345 -14.66 -42.30 30.60
C THR A 345 -13.98 -41.01 31.06
N THR A 346 -14.04 -39.94 30.27
CA THR A 346 -13.58 -38.66 30.78
C THR A 346 -14.42 -37.49 30.29
N ASP A 347 -15.00 -37.63 29.10
CA ASP A 347 -15.42 -36.45 28.35
C ASP A 347 -16.69 -35.83 28.93
N LEU A 348 -17.54 -36.63 29.55
CA LEU A 348 -18.77 -36.14 30.16
C LEU A 348 -19.04 -36.98 31.39
N SER A 349 -19.27 -36.31 32.52
CA SER A 349 -19.63 -37.06 33.70
C SER A 349 -20.57 -36.22 34.53
N LEU A 350 -21.45 -36.91 35.25
CA LEU A 350 -22.52 -36.27 35.99
C LEU A 350 -22.30 -36.51 37.47
N SER A 351 -22.50 -35.44 38.23
CA SER A 351 -22.37 -35.45 39.68
C SER A 351 -23.66 -34.96 40.27
N MET A 352 -24.19 -35.69 41.23
CA MET A 352 -25.44 -35.31 41.88
C MET A 352 -25.21 -35.21 43.37
N ALA A 353 -25.90 -34.27 43.99
CA ALA A 353 -25.69 -34.05 45.41
C ALA A 353 -26.99 -33.64 46.06
N PHE A 354 -27.21 -34.15 47.27
CA PHE A 354 -28.49 -33.92 47.93
C PHE A 354 -28.28 -33.51 49.38
N GLU A 355 -29.17 -32.65 49.84
CA GLU A 355 -29.10 -32.07 51.18
C GLU A 355 -30.50 -31.81 51.72
N LYS A 356 -30.68 -32.07 53.01
CA LYS A 356 -31.98 -31.91 53.66
C LYS A 356 -32.33 -30.44 53.91
N CYS A 357 -33.62 -30.13 53.90
CA CYS A 357 -34.17 -28.86 54.38
C CYS A 357 -35.57 -29.09 54.88
N SER A 358 -36.05 -28.15 55.69
CA SER A 358 -37.42 -28.17 56.20
C SER A 358 -38.26 -27.13 55.48
N GLY A 359 -39.58 -27.31 55.56
CA GLY A 359 -40.49 -26.38 54.91
C GLY A 359 -40.37 -24.95 55.41
N ASP A 360 -39.94 -24.79 56.67
CA ASP A 360 -39.76 -23.45 57.22
C ASP A 360 -38.74 -22.63 56.44
N ASP A 361 -37.76 -23.30 55.82
CA ASP A 361 -36.72 -22.58 55.12
C ASP A 361 -37.18 -22.04 53.77
N LEU A 362 -38.17 -22.67 53.15
CA LEU A 362 -38.64 -22.21 51.84
C LEU A 362 -39.48 -20.94 51.92
N MET A 363 -39.98 -20.59 53.11
CA MET A 363 -40.84 -19.44 53.29
C MET A 363 -40.08 -18.15 53.57
N ASN A 364 -38.76 -18.15 53.32
CA ASN A 364 -37.90 -17.01 53.60
C ASN A 364 -38.04 -16.57 55.06
N THR A 365 -38.05 -17.55 55.96
CA THR A 365 -38.27 -17.26 57.37
C THR A 365 -37.10 -16.46 57.96
N SER A 366 -35.87 -16.90 57.68
CA SER A 366 -34.68 -16.19 58.12
C SER A 366 -33.63 -16.14 57.01
N GLY A 367 -34.07 -16.24 55.76
CA GLY A 367 -33.15 -16.21 54.63
C GLY A 367 -32.23 -17.41 54.59
N ASN A 368 -32.57 -18.43 55.39
CA ASN A 368 -31.80 -19.67 55.39
C ASN A 368 -31.91 -20.39 54.06
N TYR A 369 -32.87 -20.02 53.21
CA TYR A 369 -32.99 -20.62 51.89
C TYR A 369 -31.74 -20.39 51.06
N ARG A 370 -31.25 -19.16 51.03
CA ARG A 370 -29.99 -18.90 50.33
C ARG A 370 -28.86 -19.69 50.97
N THR A 371 -28.90 -19.82 52.29
CA THR A 371 -27.87 -20.56 53.00
C THR A 371 -27.85 -22.01 52.55
N ILE A 372 -29.01 -22.65 52.51
CA ILE A 372 -29.07 -24.05 52.14
C ILE A 372 -28.69 -24.23 50.67
N TRP A 373 -29.05 -23.26 49.82
CA TRP A 373 -28.63 -23.35 48.43
C TRP A 373 -27.11 -23.26 48.31
N ARG A 374 -26.51 -22.29 48.99
CA ARG A 374 -25.06 -22.17 48.97
C ARG A 374 -24.42 -23.43 49.53
N ASN A 375 -25.05 -24.03 50.54
CA ASN A 375 -24.52 -25.25 51.13
C ASN A 375 -24.54 -26.39 50.14
N VAL A 376 -25.65 -26.58 49.44
CA VAL A 376 -25.70 -27.66 48.46
C VAL A 376 -24.75 -27.36 47.31
N SER A 377 -24.55 -26.08 46.99
CA SER A 377 -23.55 -25.71 46.00
C SER A 377 -22.16 -26.10 46.45
N SER A 378 -21.85 -25.82 47.72
CA SER A 378 -20.55 -26.19 48.26
C SER A 378 -20.37 -27.68 48.26
N LYS A 379 -21.41 -28.41 48.64
CA LYS A 379 -21.34 -29.86 48.61
C LYS A 379 -21.07 -30.36 47.21
N LEU A 380 -21.79 -29.83 46.22
CA LEU A 380 -21.59 -30.26 44.84
C LEU A 380 -20.18 -29.93 44.38
N SER A 381 -19.69 -28.77 44.78
CA SER A 381 -18.32 -28.37 44.48
C SER A 381 -17.30 -29.27 45.14
N ASP A 382 -17.63 -29.88 46.26
CA ASP A 382 -16.67 -30.67 46.99
C ASP A 382 -16.90 -32.17 46.87
N ILE A 383 -17.86 -32.60 46.06
CA ILE A 383 -17.96 -33.99 45.65
C ILE A 383 -17.31 -34.23 44.30
N LYS A 384 -17.05 -33.18 43.55
CA LYS A 384 -16.38 -33.32 42.27
C LYS A 384 -14.88 -33.48 42.44
N ALA A 385 -14.38 -33.43 43.66
CA ALA A 385 -12.96 -33.65 43.90
C ALA A 385 -12.61 -35.13 43.74
N HIS A 386 -13.16 -35.97 44.59
CA HIS A 386 -12.88 -37.41 44.55
C HIS A 386 -13.98 -38.03 43.71
N LYS A 387 -13.67 -38.27 42.44
CA LYS A 387 -14.68 -38.73 41.51
C LYS A 387 -14.63 -40.21 41.24
N TYR A 388 -13.46 -40.84 41.33
CA TYR A 388 -13.33 -42.23 40.94
C TYR A 388 -12.67 -43.03 42.04
N SER A 389 -13.34 -44.09 42.48
CA SER A 389 -12.85 -44.93 43.55
C SER A 389 -11.70 -45.78 43.04
N ALA A 390 -11.13 -46.57 43.95
CA ALA A 390 -9.91 -47.32 43.62
C ALA A 390 -10.14 -48.31 42.50
N GLU A 391 -11.18 -49.14 42.61
CA GLU A 391 -11.41 -50.14 41.57
C GLU A 391 -11.69 -49.49 40.23
N ASP A 392 -12.42 -48.36 40.23
CA ASP A 392 -12.76 -47.72 38.98
C ASP A 392 -11.51 -47.35 38.21
N ILE A 393 -10.60 -46.63 38.86
CA ILE A 393 -9.38 -46.23 38.18
C ILE A 393 -8.51 -47.43 37.88
N LEU A 394 -8.51 -48.43 38.77
CA LEU A 394 -7.71 -49.61 38.53
C LEU A 394 -8.11 -50.26 37.20
N LYS A 395 -9.41 -50.40 36.98
CA LYS A 395 -9.87 -50.84 35.67
C LYS A 395 -9.50 -49.82 34.61
N LEU A 396 -9.71 -48.53 34.88
CA LEU A 396 -9.46 -47.48 33.85
C LEU A 396 -8.06 -47.63 33.25
N ASN A 397 -7.07 -48.07 34.04
CA ASN A 397 -5.72 -48.15 33.49
C ASN A 397 -5.45 -49.45 32.74
N HIS A 398 -6.20 -50.51 33.01
CA HIS A 398 -5.88 -51.83 32.47
C HIS A 398 -7.02 -52.29 31.56
N PHE A 399 -6.92 -51.88 30.29
CA PHE A 399 -7.76 -52.39 29.21
C PHE A 399 -6.92 -52.37 27.94
N ASP A 404 -10.44 -47.33 16.17
CA ASP A 404 -8.98 -47.46 15.98
C ASP A 404 -8.31 -46.11 16.25
N ARG A 405 -8.09 -45.30 15.20
CA ARG A 405 -7.48 -43.99 15.36
C ARG A 405 -8.55 -42.92 15.53
N GLU A 406 -8.09 -41.66 15.58
CA GLU A 406 -8.94 -40.54 15.97
C GLU A 406 -9.84 -40.12 14.81
N CYS A 407 -11.14 -39.99 15.12
CA CYS A 407 -12.10 -39.51 14.09
C CYS A 407 -11.69 -38.10 13.65
N LYS A 408 -11.72 -37.84 12.34
CA LYS A 408 -11.41 -36.51 11.84
C LYS A 408 -12.42 -35.49 12.34
N GLU A 409 -13.70 -35.83 12.30
CA GLU A 409 -14.74 -34.92 12.80
C GLU A 409 -14.69 -34.83 14.33
N CYS A 410 -14.62 -35.95 15.01
CA CYS A 410 -14.69 -36.01 16.47
C CYS A 410 -13.28 -36.22 17.00
N LEU A 411 -12.74 -35.22 17.69
CA LEU A 411 -11.38 -35.33 18.22
C LEU A 411 -11.41 -36.28 19.41
N ARG A 412 -11.48 -37.58 19.09
CA ARG A 412 -11.39 -38.64 20.09
C ARG A 412 -10.92 -39.89 19.37
N SER A 413 -9.99 -40.60 20.00
CA SER A 413 -9.48 -41.85 19.45
C SER A 413 -10.18 -43.06 20.04
N ASP A 414 -10.59 -42.98 21.31
CA ASP A 414 -11.07 -44.16 22.02
C ASP A 414 -12.25 -44.80 21.31
N ILE A 415 -13.17 -43.94 20.85
CA ILE A 415 -14.35 -44.44 20.08
C ILE A 415 -13.83 -45.03 18.76
N ASP A 416 -14.45 -46.10 18.27
CA ASP A 416 -13.92 -46.91 17.17
C ASP A 416 -14.47 -46.38 15.85
N ILE A 417 -13.56 -45.97 14.96
CA ILE A 417 -13.88 -45.33 13.70
C ILE A 417 -14.35 -46.33 12.66
N ASN A 418 -14.86 -45.82 11.55
CA ASN A 418 -15.42 -46.60 10.45
C ASN A 418 -15.08 -45.87 9.16
N ASP A 419 -15.80 -46.20 8.08
CA ASP A 419 -15.63 -45.55 6.78
C ASP A 419 -15.45 -44.04 6.92
N ASP A 420 -14.56 -43.50 6.09
CA ASP A 420 -14.21 -42.07 6.09
C ASP A 420 -13.63 -41.63 7.42
N GLY A 421 -13.10 -42.57 8.20
CA GLY A 421 -12.52 -42.24 9.50
C GLY A 421 -13.50 -41.60 10.45
N LEU A 422 -14.74 -42.08 10.47
CA LEU A 422 -15.78 -41.51 11.31
C LEU A 422 -16.38 -42.59 12.19
N CYS A 423 -16.57 -42.24 13.46
CA CYS A 423 -17.06 -43.18 14.48
C CYS A 423 -18.58 -43.35 14.38
N SER A 424 -19.13 -44.42 14.98
CA SER A 424 -20.55 -44.71 14.89
C SER A 424 -21.39 -43.61 15.52
N ILE A 425 -21.01 -43.17 16.73
CA ILE A 425 -21.82 -42.16 17.43
C ILE A 425 -21.73 -40.83 16.70
N CYS A 426 -20.53 -40.47 16.24
CA CYS A 426 -20.38 -39.21 15.52
C CYS A 426 -21.06 -39.25 14.15
N GLU A 427 -21.09 -40.42 13.52
CA GLU A 427 -21.87 -40.54 12.29
C GLU A 427 -23.37 -40.40 12.57
N GLY A 428 -23.84 -40.94 13.69
CA GLY A 428 -25.20 -40.67 14.11
C GLY A 428 -25.43 -39.19 14.37
N ILE A 429 -24.40 -38.50 14.87
CA ILE A 429 -24.47 -37.05 15.04
C ILE A 429 -24.65 -36.37 13.69
N ILE A 430 -23.93 -36.82 12.67
CA ILE A 430 -24.10 -36.25 11.33
C ILE A 430 -25.52 -36.49 10.83
N ASN A 431 -26.05 -37.70 11.05
CA ASN A 431 -27.40 -38.01 10.62
C ASN A 431 -28.43 -37.12 11.32
N ILE A 432 -28.32 -36.98 12.63
CA ILE A 432 -29.27 -36.16 13.37
C ILE A 432 -29.16 -34.71 12.96
N SER A 433 -27.94 -34.25 12.64
CA SER A 433 -27.76 -32.90 12.10
C SER A 433 -28.49 -32.73 10.79
N ASN A 434 -28.38 -33.72 9.89
CA ASN A 434 -29.08 -33.63 8.62
C ASN A 434 -30.59 -33.62 8.83
N ASP A 435 -31.07 -34.36 9.82
CA ASP A 435 -32.50 -34.41 10.14
C ASP A 435 -32.98 -33.23 10.98
N LEU A 436 -32.07 -32.38 11.47
CA LEU A 436 -32.46 -31.31 12.38
C LEU A 436 -33.38 -30.30 11.70
N ARG A 437 -33.01 -29.85 10.51
CA ARG A 437 -33.63 -28.64 9.94
C ARG A 437 -35.09 -28.89 9.53
N ASP A 438 -35.38 -30.05 8.94
CA ASP A 438 -36.69 -30.26 8.33
C ASP A 438 -37.71 -30.86 9.28
N LYS A 439 -37.27 -31.52 10.34
CA LYS A 439 -38.17 -32.18 11.27
C LYS A 439 -38.07 -31.52 12.65
N SER A 440 -39.17 -31.55 13.39
CA SER A 440 -39.26 -30.87 14.67
C SER A 440 -39.43 -31.82 15.85
N PHE A 441 -40.05 -32.98 15.67
CA PHE A 441 -40.31 -33.90 16.75
C PHE A 441 -39.19 -34.94 16.87
N PHE A 442 -38.85 -35.27 18.11
CA PHE A 442 -37.85 -36.28 18.43
C PHE A 442 -38.46 -37.30 19.36
N VAL A 443 -38.30 -38.58 19.03
CA VAL A 443 -38.99 -39.65 19.72
C VAL A 443 -37.97 -40.58 20.38
N LEU A 444 -38.25 -40.93 21.63
CA LEU A 444 -37.41 -41.81 22.44
C LEU A 444 -38.00 -43.22 22.37
N SER A 445 -37.22 -44.17 21.85
CA SER A 445 -37.73 -45.50 21.62
C SER A 445 -36.62 -46.51 21.88
N GLU A 446 -36.87 -47.76 21.50
CA GLU A 446 -35.94 -48.86 21.73
C GLU A 446 -34.87 -48.99 20.66
N THR A 447 -35.12 -48.50 19.44
CA THR A 447 -34.20 -48.70 18.32
C THR A 447 -33.57 -47.40 17.85
N GLY A 448 -34.39 -46.41 17.48
CA GLY A 448 -33.95 -45.05 17.21
C GLY A 448 -32.74 -44.89 16.31
N LYS A 449 -32.04 -43.77 16.47
CA LYS A 449 -30.78 -43.53 15.76
C LYS A 449 -29.62 -43.23 16.69
N LEU A 450 -29.84 -42.45 17.74
CA LEU A 450 -28.75 -42.05 18.64
C LEU A 450 -28.90 -42.73 19.99
N LYS A 451 -27.76 -42.97 20.65
CA LYS A 451 -27.70 -43.78 21.86
C LYS A 451 -28.00 -42.92 23.08
N MET A 452 -28.93 -43.37 23.91
CA MET A 452 -29.43 -42.69 25.09
C MET A 452 -28.99 -43.43 26.37
N PRO A 453 -29.08 -42.77 27.55
CA PRO A 453 -28.53 -43.37 28.77
C PRO A 453 -29.02 -44.77 29.11
N PHE A 454 -30.33 -44.94 29.25
CA PHE A 454 -30.89 -46.18 29.81
C PHE A 454 -31.34 -47.13 28.70
N ASN A 455 -30.37 -47.53 27.89
CA ASN A 455 -30.57 -48.52 26.82
C ASN A 455 -31.72 -48.13 25.89
N LYS A 456 -31.68 -46.89 25.43
CA LYS A 456 -32.69 -46.36 24.54
C LYS A 456 -32.02 -45.64 23.39
N PHE A 457 -32.85 -45.14 22.48
CA PHE A 457 -32.34 -44.40 21.34
C PHE A 457 -33.32 -43.28 21.01
N ILE A 458 -32.80 -42.29 20.29
CA ILE A 458 -33.54 -41.11 19.85
C ILE A 458 -33.59 -41.12 18.33
N SER A 459 -34.79 -40.91 17.78
CA SER A 459 -34.99 -40.79 16.34
C SER A 459 -35.84 -39.55 16.06
N VAL A 460 -36.08 -39.28 14.77
CA VAL A 460 -36.78 -38.09 14.31
C VAL A 460 -38.03 -38.51 13.55
N ILE A 461 -39.12 -37.79 13.78
CA ILE A 461 -40.40 -38.09 13.15
C ILE A 461 -41.13 -36.81 12.78
N ASP A 462 -42.33 -36.94 12.24
CA ASP A 462 -43.19 -35.81 11.92
C ASP A 462 -44.46 -35.90 12.76
N TYR A 463 -45.23 -34.81 12.77
CA TYR A 463 -46.39 -34.72 13.64
C TYR A 463 -47.43 -35.79 13.30
N GLU A 464 -47.63 -36.06 12.01
CA GLU A 464 -48.50 -37.17 11.63
C GLU A 464 -47.90 -38.49 12.08
N GLU A 465 -46.59 -38.67 11.89
CA GLU A 465 -45.91 -39.86 12.38
C GLU A 465 -45.96 -39.93 13.91
N ALA A 466 -45.84 -38.78 14.56
CA ALA A 466 -45.94 -38.74 16.02
C ALA A 466 -47.32 -39.22 16.48
N GLU A 467 -48.37 -38.75 15.81
CA GLU A 467 -49.72 -39.19 16.14
C GLU A 467 -49.87 -40.69 15.89
N MET A 468 -49.31 -41.19 14.78
CA MET A 468 -49.37 -42.61 14.50
C MET A 468 -48.69 -43.43 15.61
N LEU A 469 -47.55 -42.96 16.10
CA LEU A 469 -46.91 -43.66 17.21
C LEU A 469 -47.71 -43.54 18.50
N VAL A 470 -48.39 -42.40 18.70
CA VAL A 470 -49.21 -42.22 19.89
C VAL A 470 -50.37 -43.21 19.88
N ARG A 477 -41.61 -40.57 24.21
CA ARG A 477 -41.63 -39.19 24.69
C ARG A 477 -41.35 -38.27 23.51
N ILE A 478 -42.09 -37.17 23.45
CA ILE A 478 -42.01 -36.22 22.35
C ILE A 478 -41.29 -34.98 22.86
N TYR A 479 -40.19 -34.64 22.21
CA TYR A 479 -39.49 -33.39 22.47
C TYR A 479 -39.54 -32.54 21.21
N SER A 480 -40.05 -31.31 21.35
CA SER A 480 -40.44 -30.50 20.22
C SER A 480 -39.50 -29.32 20.03
N ALA A 538 -24.83 -13.97 41.35
CA ALA A 538 -25.47 -13.29 42.48
C ALA A 538 -26.99 -13.31 42.33
N THR A 539 -27.46 -13.16 41.09
CA THR A 539 -28.90 -13.19 40.83
C THR A 539 -29.48 -14.55 41.20
N PHE A 540 -28.78 -15.63 40.82
CA PHE A 540 -29.22 -16.97 41.19
C PHE A 540 -29.30 -17.13 42.71
N ILE A 541 -28.29 -16.65 43.42
CA ILE A 541 -28.16 -16.92 44.85
C ILE A 541 -28.82 -15.82 45.67
N SER A 542 -28.30 -14.60 45.54
CA SER A 542 -28.76 -13.51 46.40
C SER A 542 -30.21 -13.12 46.10
N GLY A 543 -30.54 -12.96 44.82
CA GLY A 543 -31.89 -12.60 44.47
C GLY A 543 -32.30 -11.26 45.07
N ILE A 544 -33.59 -11.16 45.40
CA ILE A 544 -34.14 -9.97 46.03
C ILE A 544 -34.00 -10.12 47.53
N ILE A 551 -39.06 -20.10 47.34
CA ILE A 551 -38.76 -21.00 46.23
C ILE A 551 -39.51 -20.56 44.97
N SER A 552 -40.76 -20.15 45.13
CA SER A 552 -41.59 -19.82 43.97
C SER A 552 -41.01 -18.66 43.18
N ARG A 553 -40.51 -17.64 43.87
CA ARG A 553 -40.09 -16.42 43.18
C ARG A 553 -38.75 -16.61 42.48
N THR A 554 -37.80 -17.29 43.11
CA THR A 554 -36.57 -17.61 42.38
C THR A 554 -36.85 -18.59 41.24
N ALA A 555 -37.80 -19.50 41.44
CA ALA A 555 -38.16 -20.42 40.37
C ALA A 555 -38.73 -19.68 39.17
N THR A 556 -39.61 -18.72 39.42
CA THR A 556 -40.21 -17.96 38.33
C THR A 556 -39.18 -17.05 37.66
N LEU A 557 -38.22 -16.52 38.44
CA LEU A 557 -37.14 -15.75 37.83
C LEU A 557 -36.32 -16.62 36.88
N SER A 558 -35.97 -17.82 37.33
CA SER A 558 -35.23 -18.74 36.47
C SER A 558 -36.04 -19.10 35.23
N ARG A 559 -37.34 -19.34 35.40
CA ARG A 559 -38.17 -19.64 34.24
C ARG A 559 -38.20 -18.48 33.26
N GLN A 560 -38.28 -17.25 33.76
CA GLN A 560 -38.28 -16.08 32.88
C GLN A 560 -36.97 -16.00 32.11
N LEU A 561 -35.86 -16.18 32.81
CA LEU A 561 -34.55 -16.12 32.14
C LEU A 561 -34.45 -17.20 31.08
N SER A 562 -34.89 -18.42 31.41
CA SER A 562 -34.83 -19.53 30.46
C SER A 562 -35.70 -19.24 29.24
N LEU A 563 -36.94 -18.78 29.46
CA LEU A 563 -37.82 -18.47 28.34
C LEU A 563 -37.28 -17.36 27.47
N PHE A 564 -36.61 -16.37 28.08
CA PHE A 564 -35.99 -15.31 27.30
C PHE A 564 -34.85 -15.86 26.44
N PHE A 565 -33.96 -16.65 27.05
CA PHE A 565 -32.87 -17.25 26.29
C PHE A 565 -33.31 -18.43 25.43
N LYS A 566 -34.55 -18.89 25.58
CA LYS A 566 -35.08 -19.95 24.73
C LYS A 566 -36.39 -19.51 24.08
N ALA B 4 47.84 45.80 -25.78
CA ALA B 4 47.16 47.05 -26.14
C ALA B 4 47.22 48.06 -25.00
N HIS B 5 46.71 47.68 -23.84
CA HIS B 5 46.76 48.56 -22.67
C HIS B 5 48.20 48.86 -22.27
N GLU B 6 49.08 47.86 -22.39
CA GLU B 6 50.44 47.98 -21.92
C GLU B 6 51.18 49.10 -22.64
N VAL B 7 51.06 49.15 -23.97
CA VAL B 7 51.78 50.16 -24.75
C VAL B 7 51.34 51.56 -24.35
N VAL B 8 50.03 51.75 -24.18
CA VAL B 8 49.52 53.09 -23.87
C VAL B 8 49.89 53.50 -22.45
N LYS B 9 49.72 52.61 -21.47
CA LYS B 9 50.00 52.98 -20.10
C LYS B 9 51.50 53.20 -19.88
N SER B 10 52.35 52.45 -20.59
CA SER B 10 53.79 52.58 -20.43
C SER B 10 54.37 53.74 -21.23
N ASN B 11 53.62 54.32 -22.17
CA ASN B 11 54.07 55.48 -22.92
C ASN B 11 53.62 56.79 -22.30
N VAL B 12 53.22 56.77 -21.03
CA VAL B 12 52.78 57.99 -20.33
C VAL B 12 54.04 58.63 -19.76
N LYS B 13 54.55 59.64 -20.44
CA LYS B 13 55.80 60.28 -20.06
C LYS B 13 55.55 61.65 -19.46
N ASN B 14 56.51 62.08 -18.64
CA ASN B 14 56.40 63.35 -17.93
C ASN B 14 57.29 64.40 -18.59
N GLN B 24 52.03 65.71 -17.46
CA GLN B 24 52.15 64.44 -18.16
C GLN B 24 51.75 64.56 -19.62
N VAL B 25 52.43 63.80 -20.49
CA VAL B 25 52.11 63.78 -21.90
C VAL B 25 51.92 62.34 -22.36
N LEU B 26 51.00 62.16 -23.30
CA LEU B 26 50.77 60.89 -23.95
C LEU B 26 51.27 61.01 -25.38
N PHE B 27 52.33 60.26 -25.70
CA PHE B 27 53.01 60.41 -26.98
C PHE B 27 53.26 61.88 -27.28
N ASN B 28 53.71 62.61 -26.25
CA ASN B 28 53.91 64.06 -26.32
C ASN B 28 52.63 64.78 -26.73
N GLY B 29 51.61 64.62 -25.90
CA GLY B 29 50.37 65.35 -26.12
C GLY B 29 49.52 64.86 -27.26
N LEU B 30 49.43 63.54 -27.45
CA LEU B 30 48.57 62.98 -28.48
C LEU B 30 47.11 63.18 -28.07
N THR B 31 46.28 63.51 -29.06
CA THR B 31 44.87 63.79 -28.84
C THR B 31 44.05 63.03 -29.86
N THR B 32 42.87 62.55 -29.45
CA THR B 32 42.05 61.74 -30.34
C THR B 32 41.55 62.52 -31.55
N SER B 33 41.47 63.85 -31.44
CA SER B 33 41.07 64.66 -32.58
C SER B 33 42.01 64.46 -33.76
N LYS B 34 43.30 64.29 -33.49
CA LYS B 34 44.25 64.04 -34.56
C LYS B 34 44.08 62.66 -35.16
N LEU B 35 43.40 61.75 -34.46
CA LEU B 35 43.16 60.41 -34.98
C LEU B 35 41.89 60.35 -35.81
N ARG B 36 41.18 61.47 -35.91
CA ARG B 36 39.86 61.47 -36.53
C ARG B 36 39.90 60.80 -37.89
N ASN B 37 40.73 61.34 -38.80
CA ASN B 37 40.80 60.76 -40.13
C ASN B 37 41.18 59.29 -40.04
N LEU B 38 42.24 58.99 -39.30
CA LEU B 38 42.60 57.58 -39.13
C LEU B 38 41.43 56.80 -38.57
N MET B 39 40.77 57.33 -37.53
CA MET B 39 39.60 56.67 -36.99
C MET B 39 38.59 56.40 -38.10
N GLU B 40 38.25 57.44 -38.86
CA GLU B 40 37.29 57.29 -39.95
C GLU B 40 37.75 56.22 -40.91
N GLN B 41 39.04 56.22 -41.24
CA GLN B 41 39.55 55.24 -42.18
C GLN B 41 39.19 53.83 -41.69
N VAL B 42 39.57 53.52 -40.45
CA VAL B 42 39.30 52.20 -39.94
C VAL B 42 37.81 51.94 -39.95
N ASN B 43 37.03 52.97 -39.59
CA ASN B 43 35.59 52.79 -39.49
C ASN B 43 35.01 52.31 -40.81
N ARG B 44 35.40 52.95 -41.91
CA ARG B 44 34.88 52.51 -43.20
C ARG B 44 35.32 51.08 -43.47
N LEU B 45 36.59 50.79 -43.24
CA LEU B 45 37.06 49.46 -43.52
C LEU B 45 36.47 48.47 -42.53
N TYR B 46 35.98 48.96 -41.39
CA TYR B 46 35.32 48.06 -40.47
C TYR B 46 34.00 47.57 -41.03
N THR B 47 33.28 48.44 -41.74
CA THR B 47 32.02 48.02 -42.32
C THR B 47 32.25 46.94 -43.37
N ILE B 48 33.30 47.09 -44.16
CA ILE B 48 33.62 46.11 -45.20
C ILE B 48 34.17 44.85 -44.55
N PHE B 61 40.41 44.66 -52.55
CA PHE B 61 40.40 45.25 -51.20
C PHE B 61 41.82 45.32 -50.66
N ILE B 62 42.73 44.61 -51.33
CA ILE B 62 44.15 44.68 -50.98
C ILE B 62 44.66 46.09 -51.23
N ASP B 63 44.27 46.68 -52.36
CA ASP B 63 44.63 48.07 -52.63
C ASP B 63 44.02 49.00 -51.58
N GLU B 64 42.87 48.63 -51.02
CA GLU B 64 42.33 49.41 -49.91
C GLU B 64 43.25 49.37 -48.70
N LEU B 65 43.81 48.20 -48.40
CA LEU B 65 44.79 48.12 -47.32
C LEU B 65 46.05 48.91 -47.64
N GLU B 66 46.46 48.92 -48.91
CA GLU B 66 47.60 49.72 -49.32
C GLU B 66 47.33 51.21 -49.09
N TYR B 67 46.12 51.66 -49.43
CA TYR B 67 45.76 53.05 -49.18
C TYR B 67 45.61 53.34 -47.68
N LEU B 68 45.22 52.34 -46.90
CA LEU B 68 45.23 52.48 -45.45
C LEU B 68 46.66 52.73 -44.95
N LYS B 69 47.62 51.96 -45.48
CA LYS B 69 49.03 52.21 -45.16
C LYS B 69 49.46 53.61 -45.59
N ILE B 70 49.04 54.03 -46.78
CA ILE B 70 49.38 55.36 -47.27
C ILE B 70 48.82 56.43 -46.34
N LYS B 71 47.60 56.23 -45.87
CA LYS B 71 47.01 57.17 -44.91
C LYS B 71 47.71 57.11 -43.57
N PHE B 72 48.22 55.95 -43.18
CA PHE B 72 49.03 55.87 -41.98
C PHE B 72 50.30 56.71 -42.11
N TYR B 73 50.96 56.61 -43.26
CA TYR B 73 52.15 57.43 -43.50
C TYR B 73 51.79 58.91 -43.54
N TYR B 74 50.65 59.23 -44.16
CA TYR B 74 50.17 60.61 -44.21
C TYR B 74 49.96 61.18 -42.80
N GLU B 75 49.21 60.46 -41.95
CA GLU B 75 48.92 60.97 -40.63
C GLU B 75 50.14 60.97 -39.73
N ALA B 76 51.10 60.08 -39.97
CA ALA B 76 52.35 60.13 -39.19
C ALA B 76 53.25 61.28 -39.65
N GLY B 77 53.15 61.67 -40.92
CA GLY B 77 53.84 62.87 -41.36
C GLY B 77 53.17 64.14 -40.87
N ARG B 78 51.86 64.08 -40.65
CA ARG B 78 51.15 65.26 -40.18
C ARG B 78 51.67 65.74 -38.83
N GLU B 79 51.92 64.81 -37.91
CA GLU B 79 52.44 65.14 -36.59
C GLU B 79 53.52 64.16 -36.18
N LYS B 80 54.60 64.69 -35.59
CA LYS B 80 55.67 63.84 -35.09
C LYS B 80 55.17 62.96 -33.95
N SER B 81 54.27 63.49 -33.11
CA SER B 81 53.72 62.70 -32.03
C SER B 81 52.97 61.48 -32.56
N VAL B 82 52.22 61.67 -33.66
CA VAL B 82 51.50 60.54 -34.27
C VAL B 82 52.47 59.56 -34.89
N ASP B 83 53.54 60.05 -35.50
CA ASP B 83 54.55 59.14 -36.05
C ASP B 83 55.16 58.29 -34.95
N GLU B 84 55.49 58.92 -33.81
CA GLU B 84 55.98 58.14 -32.67
C GLU B 84 54.91 57.19 -32.16
N PHE B 85 53.65 57.61 -32.16
CA PHE B 85 52.59 56.71 -31.71
C PHE B 85 52.52 55.47 -32.58
N LEU B 86 52.60 55.66 -33.90
CA LEU B 86 52.57 54.52 -34.81
C LEU B 86 53.82 53.65 -34.72
N LYS B 87 54.98 54.25 -34.52
CA LYS B 87 56.21 53.47 -34.39
C LYS B 87 56.22 52.68 -33.09
N LYS B 88 55.88 53.32 -31.98
CA LYS B 88 55.87 52.67 -30.69
C LYS B 88 54.77 51.63 -30.57
N THR B 89 53.83 51.59 -31.51
CA THR B 89 52.83 50.54 -31.57
C THR B 89 53.24 49.40 -32.50
N LEU B 90 54.37 49.53 -33.21
CA LEU B 90 54.76 48.56 -34.23
C LEU B 90 53.65 48.38 -35.24
N MET B 91 52.94 49.48 -35.53
CA MET B 91 51.77 49.40 -36.38
C MET B 91 52.13 48.96 -37.79
N PHE B 92 53.20 49.50 -38.35
CA PHE B 92 53.55 49.20 -39.73
C PHE B 92 53.86 47.73 -39.96
N PRO B 93 54.68 47.05 -39.14
CA PRO B 93 54.84 45.60 -39.35
C PRO B 93 53.54 44.83 -39.17
N ILE B 94 52.70 45.28 -38.25
CA ILE B 94 51.42 44.61 -38.05
C ILE B 94 50.58 44.71 -39.32
N ILE B 95 50.52 45.90 -39.92
CA ILE B 95 49.72 46.09 -41.13
C ILE B 95 50.31 45.30 -42.29
N ASP B 96 51.64 45.27 -42.38
CA ASP B 96 52.28 44.47 -43.43
C ASP B 96 51.90 43.00 -43.29
N ARG B 97 51.95 42.48 -42.06
CA ARG B 97 51.61 41.07 -41.86
C ARG B 97 50.13 40.82 -42.09
N VAL B 98 49.27 41.80 -41.77
CA VAL B 98 47.85 41.67 -42.07
C VAL B 98 47.66 41.55 -43.58
N ILE B 99 48.34 42.40 -44.33
CA ILE B 99 48.24 42.35 -45.79
C ILE B 99 48.77 41.03 -46.30
N LYS B 100 49.86 40.53 -45.71
CA LYS B 100 50.41 39.25 -46.13
C LYS B 100 49.44 38.11 -45.87
N LYS B 101 48.75 38.14 -44.73
CA LYS B 101 47.83 37.08 -44.37
C LYS B 101 46.58 37.09 -45.26
N GLU B 102 46.11 38.28 -45.65
CA GLU B 102 44.93 38.44 -46.50
C GLU B 102 43.69 37.83 -45.87
N SER B 103 43.71 37.56 -44.57
CA SER B 103 42.59 36.97 -43.87
C SER B 103 41.74 38.06 -43.24
N LYS B 104 40.45 38.03 -43.52
CA LYS B 104 39.54 39.04 -42.98
C LYS B 104 39.43 38.93 -41.47
N LYS B 105 39.54 37.71 -40.93
CA LYS B 105 39.49 37.54 -39.48
C LYS B 105 40.66 38.22 -38.80
N PHE B 106 41.86 38.09 -39.37
CA PHE B 106 43.00 38.81 -38.82
C PHE B 106 42.81 40.31 -38.96
N PHE B 107 42.12 40.73 -40.02
CA PHE B 107 41.77 42.14 -40.18
C PHE B 107 40.86 42.59 -39.04
N LEU B 108 39.87 41.77 -38.70
CA LEU B 108 38.99 42.13 -37.58
C LEU B 108 39.74 42.14 -36.26
N ASP B 109 40.67 41.21 -36.07
CA ASP B 109 41.46 41.22 -34.85
C ASP B 109 42.29 42.49 -34.75
N TYR B 110 42.90 42.90 -35.87
CA TYR B 110 43.63 44.16 -35.88
C TYR B 110 42.68 45.32 -35.60
N CYS B 111 41.45 45.24 -36.09
CA CYS B 111 40.49 46.28 -35.78
C CYS B 111 40.24 46.36 -34.28
N LYS B 112 40.10 45.20 -33.63
CA LYS B 112 39.94 45.19 -32.18
C LYS B 112 41.14 45.82 -31.51
N TYR B 113 42.35 45.48 -31.99
CA TYR B 113 43.56 46.02 -31.39
C TYR B 113 43.63 47.53 -31.53
N PHE B 114 43.36 48.04 -32.73
CA PHE B 114 43.38 49.48 -32.94
C PHE B 114 42.33 50.18 -32.11
N GLU B 115 41.16 49.57 -31.98
CA GLU B 115 40.13 50.14 -31.12
C GLU B 115 40.61 50.20 -29.68
N ALA B 116 41.26 49.15 -29.20
CA ALA B 116 41.79 49.15 -27.85
C ALA B 116 42.82 50.25 -27.68
N LEU B 117 43.70 50.41 -28.67
CA LEU B 117 44.68 51.48 -28.60
C LEU B 117 44.01 52.83 -28.52
N VAL B 118 43.01 53.06 -29.37
CA VAL B 118 42.34 54.36 -29.36
C VAL B 118 41.68 54.61 -28.03
N ALA B 119 41.03 53.57 -27.48
CA ALA B 119 40.34 53.74 -26.21
C ALA B 119 41.32 54.07 -25.08
N TYR B 120 42.40 53.29 -24.98
CA TYR B 120 43.36 53.56 -23.91
C TYR B 120 44.01 54.92 -24.10
N ALA B 121 44.28 55.30 -25.35
CA ALA B 121 44.80 56.63 -25.63
C ALA B 121 43.84 57.69 -25.14
N LYS B 122 42.56 57.49 -25.38
CA LYS B 122 41.55 58.41 -24.85
C LYS B 122 41.62 58.44 -23.33
N TYR B 123 41.80 57.28 -22.72
CA TYR B 123 41.75 57.20 -21.27
C TYR B 123 42.89 57.98 -20.64
N TYR B 124 44.08 57.89 -21.20
CA TYR B 124 45.25 58.56 -20.64
C TYR B 124 45.43 59.88 -21.38
N GLN B 125 44.75 60.91 -20.90
CA GLN B 125 44.79 62.23 -21.51
C GLN B 125 44.73 63.30 -20.44
N LYS B 126 45.09 64.52 -20.84
CA LYS B 126 45.03 65.71 -19.99
C LYS B 126 43.70 65.82 -19.24
N MET C 1 24.98 39.38 3.62
CA MET C 1 26.04 39.86 2.70
C MET C 1 25.61 41.21 2.11
N THR C 2 24.74 41.22 1.09
CA THR C 2 24.25 42.47 0.43
C THR C 2 25.41 43.47 0.26
N PHE C 3 26.51 43.04 -0.34
CA PHE C 3 27.67 43.94 -0.57
C PHE C 3 27.26 45.04 -1.56
N ALA C 4 26.37 44.72 -2.50
CA ALA C 4 25.86 45.72 -3.46
C ALA C 4 25.14 46.84 -2.69
N HIS C 5 24.22 46.48 -1.79
CA HIS C 5 23.46 47.47 -0.99
C HIS C 5 24.41 48.45 -0.29
N GLU C 6 25.46 47.94 0.36
CA GLU C 6 26.41 48.80 1.13
C GLU C 6 26.76 50.07 0.33
N VAL C 7 27.29 49.91 -0.90
CA VAL C 7 27.74 51.07 -1.71
C VAL C 7 26.54 51.91 -2.16
N VAL C 8 25.50 51.27 -2.71
CA VAL C 8 24.30 52.01 -3.23
C VAL C 8 23.71 52.88 -2.11
N LYS C 9 23.38 52.27 -0.96
CA LYS C 9 22.72 53.01 0.16
C LYS C 9 23.67 54.11 0.69
N SER C 10 24.99 53.84 0.73
CA SER C 10 25.97 54.85 1.21
C SER C 10 25.89 56.09 0.33
N ASN C 11 26.01 55.92 -1.00
CA ASN C 11 25.93 57.06 -1.94
C ASN C 11 24.47 57.49 -2.11
N LEU C 26 22.79 60.51 -6.02
CA LEU C 26 23.21 59.11 -5.99
C LEU C 26 24.48 59.00 -6.83
N PHE C 27 25.58 58.59 -6.19
CA PHE C 27 26.88 58.47 -6.86
C PHE C 27 27.19 59.74 -7.65
N ASN C 28 26.82 60.89 -7.08
CA ASN C 28 26.91 62.18 -7.74
C ASN C 28 26.09 62.17 -9.03
N GLY C 29 24.80 61.92 -8.88
CA GLY C 29 23.87 61.98 -9.99
C GLY C 29 23.79 60.76 -10.86
N LEU C 30 23.95 59.57 -10.29
CA LEU C 30 23.89 58.36 -11.10
C LEU C 30 22.45 58.00 -11.43
N THR C 31 22.22 57.58 -12.68
CA THR C 31 20.91 57.14 -13.13
C THR C 31 21.05 55.85 -13.91
N THR C 32 19.94 55.08 -13.97
CA THR C 32 19.99 53.73 -14.51
C THR C 32 20.37 53.70 -15.98
N SER C 33 19.82 54.61 -16.78
CA SER C 33 20.10 54.58 -18.20
C SER C 33 21.57 54.84 -18.48
N LYS C 34 22.30 55.37 -17.51
CA LYS C 34 23.72 55.59 -17.67
C LYS C 34 24.52 54.30 -17.63
N LEU C 35 23.84 53.15 -17.52
CA LEU C 35 24.53 51.86 -17.55
C LEU C 35 24.03 50.98 -18.68
N ARG C 36 23.17 51.51 -19.55
CA ARG C 36 22.42 50.65 -20.47
C ARG C 36 23.34 49.75 -21.27
N ASN C 37 24.19 50.36 -22.11
CA ASN C 37 25.08 49.56 -22.94
C ASN C 37 25.96 48.67 -22.06
N LEU C 38 26.43 49.21 -20.94
CA LEU C 38 27.22 48.40 -20.02
C LEU C 38 26.40 47.20 -19.57
N MET C 39 25.19 47.47 -19.06
CA MET C 39 24.30 46.37 -18.75
C MET C 39 24.15 45.47 -19.96
N GLU C 40 23.83 46.08 -21.11
CA GLU C 40 23.65 45.32 -22.32
C GLU C 40 24.83 44.40 -22.56
N GLN C 41 26.03 44.98 -22.51
CA GLN C 41 27.21 44.17 -22.79
C GLN C 41 27.28 43.01 -21.81
N VAL C 42 27.12 43.30 -20.52
CA VAL C 42 27.17 42.23 -19.51
C VAL C 42 26.12 41.18 -19.85
N ASN C 43 24.89 41.62 -20.11
CA ASN C 43 23.83 40.66 -20.37
C ASN C 43 24.18 39.79 -21.56
N ARG C 44 24.78 40.40 -22.59
CA ARG C 44 25.18 39.61 -23.74
C ARG C 44 26.10 38.49 -23.31
N LEU C 45 27.17 38.84 -22.60
CA LEU C 45 28.12 37.82 -22.16
C LEU C 45 27.40 36.77 -21.34
N TYR C 46 26.40 37.18 -20.56
CA TYR C 46 25.65 36.24 -19.74
C TYR C 46 25.16 35.08 -20.58
N THR C 47 24.35 35.36 -21.60
CA THR C 47 23.83 34.24 -22.36
C THR C 47 24.96 33.53 -23.07
N ILE C 48 25.97 34.31 -23.48
CA ILE C 48 27.16 33.70 -24.05
C ILE C 48 27.79 32.76 -23.04
N ALA C 49 27.97 33.23 -21.81
CA ALA C 49 28.49 32.36 -20.76
C ALA C 49 27.55 31.19 -20.51
N PHE C 50 26.25 31.38 -20.72
CA PHE C 50 25.32 30.27 -20.57
C PHE C 50 25.56 29.20 -21.63
N ASN C 51 25.86 29.62 -22.87
CA ASN C 51 25.87 28.66 -23.97
C ASN C 51 27.05 27.69 -23.87
N SER C 52 28.13 28.11 -23.23
CA SER C 52 29.30 27.25 -23.13
C SER C 52 29.03 26.06 -22.21
N ASN C 53 29.65 24.93 -22.54
CA ASN C 53 29.48 23.70 -21.76
C ASN C 53 30.56 23.58 -20.68
N GLU C 54 31.82 23.62 -21.08
CA GLU C 54 32.93 23.47 -20.15
C GLU C 54 33.11 24.74 -19.33
N ASP C 55 33.75 24.57 -18.17
CA ASP C 55 34.03 25.72 -17.31
C ASP C 55 35.20 26.54 -17.82
N GLN C 56 36.15 25.91 -18.50
CA GLN C 56 37.30 26.63 -19.04
C GLN C 56 36.83 27.64 -20.08
N LEU C 57 37.27 28.89 -19.92
CA LEU C 57 36.85 29.97 -20.79
C LEU C 57 37.69 29.99 -22.05
N ASN C 58 37.03 29.99 -23.21
CA ASN C 58 37.75 30.06 -24.48
C ASN C 58 38.39 31.43 -24.66
N GLU C 59 39.44 31.46 -25.48
CA GLU C 59 40.19 32.70 -25.69
C GLU C 59 39.32 33.78 -26.33
N GLU C 60 38.35 33.40 -27.16
CA GLU C 60 37.43 34.39 -27.70
C GLU C 60 36.62 35.03 -26.58
N PHE C 61 36.16 34.22 -25.63
CA PHE C 61 35.48 34.78 -24.46
C PHE C 61 36.42 35.64 -23.64
N ILE C 62 37.71 35.28 -23.60
CA ILE C 62 38.67 36.13 -22.92
C ILE C 62 38.74 37.49 -23.59
N ASP C 63 38.77 37.52 -24.93
CA ASP C 63 38.78 38.77 -25.67
C ASP C 63 37.51 39.56 -25.45
N GLU C 64 36.38 38.88 -25.31
CA GLU C 64 35.15 39.55 -24.93
C GLU C 64 35.28 40.22 -23.57
N LEU C 65 35.89 39.52 -22.61
CA LEU C 65 36.12 40.11 -21.31
C LEU C 65 37.01 41.34 -21.43
N GLU C 66 38.05 41.25 -22.26
CA GLU C 66 38.98 42.35 -22.40
C GLU C 66 38.30 43.57 -23.00
N TYR C 67 37.50 43.36 -24.04
CA TYR C 67 36.78 44.47 -24.63
C TYR C 67 35.75 45.04 -23.65
N LEU C 68 35.16 44.19 -22.80
CA LEU C 68 34.27 44.69 -21.76
C LEU C 68 35.01 45.60 -20.80
N LYS C 69 36.24 45.22 -20.45
CA LYS C 69 37.07 46.08 -19.61
C LYS C 69 37.36 47.40 -20.31
N ILE C 70 37.66 47.33 -21.62
CA ILE C 70 37.92 48.53 -22.40
C ILE C 70 36.72 49.45 -22.38
N LYS C 71 35.53 48.90 -22.60
CA LYS C 71 34.33 49.71 -22.62
C LYS C 71 34.05 50.28 -21.25
N PHE C 72 34.31 49.49 -20.21
CA PHE C 72 34.20 50.02 -18.85
C PHE C 72 35.04 51.27 -18.69
N TYR C 73 36.31 51.20 -19.09
CA TYR C 73 37.18 52.36 -18.91
C TYR C 73 36.70 53.54 -19.74
N TYR C 74 36.28 53.29 -20.98
CA TYR C 74 35.84 54.39 -21.83
C TYR C 74 34.63 55.08 -21.23
N GLU C 75 33.67 54.28 -20.74
CA GLU C 75 32.47 54.85 -20.14
C GLU C 75 32.80 55.61 -18.86
N ALA C 76 33.74 55.10 -18.06
CA ALA C 76 34.15 55.83 -16.87
C ALA C 76 34.78 57.16 -17.23
N GLY C 77 35.56 57.20 -18.31
CA GLY C 77 36.11 58.47 -18.75
C GLY C 77 35.07 59.42 -19.30
N ARG C 78 34.06 58.89 -19.97
CA ARG C 78 33.05 59.73 -20.59
C ARG C 78 32.31 60.55 -19.53
N GLU C 79 31.91 59.91 -18.44
CA GLU C 79 31.14 60.57 -17.39
C GLU C 79 31.84 60.38 -16.06
N LYS C 80 31.76 61.40 -15.22
CA LYS C 80 32.39 61.34 -13.90
C LYS C 80 31.57 60.50 -12.92
N SER C 81 30.24 60.55 -13.00
CA SER C 81 29.42 59.81 -12.04
C SER C 81 29.58 58.29 -12.22
N VAL C 82 29.58 57.81 -13.46
CA VAL C 82 29.82 56.40 -13.72
C VAL C 82 31.23 56.02 -13.30
N ASP C 83 32.19 56.91 -13.50
CA ASP C 83 33.55 56.65 -13.05
C ASP C 83 33.60 56.47 -11.54
N GLU C 84 32.90 57.33 -10.80
CA GLU C 84 32.85 57.20 -9.35
C GLU C 84 32.17 55.89 -8.95
N PHE C 85 31.10 55.51 -9.65
CA PHE C 85 30.46 54.23 -9.34
C PHE C 85 31.43 53.07 -9.52
N LEU C 86 32.08 53.00 -10.68
CA LEU C 86 32.95 51.85 -10.98
C LEU C 86 34.15 51.80 -10.04
N LYS C 87 34.75 52.96 -9.74
CA LYS C 87 35.85 52.98 -8.80
C LYS C 87 35.39 52.59 -7.40
N LYS C 88 34.25 53.12 -6.97
CA LYS C 88 33.77 52.87 -5.61
C LYS C 88 33.19 51.47 -5.46
N THR C 89 32.72 50.86 -6.55
CA THR C 89 32.31 49.47 -6.52
C THR C 89 33.41 48.50 -6.95
N LEU C 90 34.64 48.97 -7.15
CA LEU C 90 35.80 48.11 -7.38
C LEU C 90 35.65 47.27 -8.64
N MET C 91 34.91 47.78 -9.62
CA MET C 91 34.60 46.97 -10.80
C MET C 91 35.85 46.54 -11.53
N PHE C 92 36.83 47.45 -11.69
CA PHE C 92 38.01 47.10 -12.47
C PHE C 92 38.84 45.99 -11.83
N PRO C 93 39.19 46.04 -10.55
CA PRO C 93 39.93 44.91 -9.97
C PRO C 93 39.16 43.62 -10.03
N ILE C 94 37.84 43.68 -9.82
CA ILE C 94 37.04 42.47 -9.90
C ILE C 94 37.11 41.87 -11.30
N ILE C 95 36.99 42.72 -12.32
CA ILE C 95 37.06 42.25 -13.69
C ILE C 95 38.42 41.63 -13.97
N ASP C 96 39.49 42.29 -13.49
CA ASP C 96 40.83 41.76 -13.73
C ASP C 96 40.98 40.39 -13.11
N ARG C 97 40.53 40.23 -11.85
CA ARG C 97 40.61 38.93 -11.20
C ARG C 97 39.80 37.89 -11.94
N VAL C 98 38.63 38.27 -12.45
CA VAL C 98 37.79 37.35 -13.20
C VAL C 98 38.51 36.86 -14.45
N ILE C 99 39.14 37.79 -15.17
CA ILE C 99 39.90 37.40 -16.36
C ILE C 99 41.04 36.49 -15.97
N LYS C 100 41.69 36.79 -14.84
CA LYS C 100 42.83 36.00 -14.40
C LYS C 100 42.42 34.57 -14.09
N LYS C 101 41.28 34.38 -13.42
CA LYS C 101 40.90 33.05 -12.97
C LYS C 101 40.41 32.16 -14.11
N GLU C 102 39.67 32.74 -15.06
CA GLU C 102 39.15 32.00 -16.21
C GLU C 102 38.25 30.83 -15.81
N SER C 103 37.41 31.03 -14.79
CA SER C 103 36.43 30.03 -14.37
C SER C 103 35.03 30.59 -14.60
N LYS C 104 34.16 29.76 -15.18
CA LYS C 104 32.85 30.26 -15.56
C LYS C 104 32.00 30.60 -14.35
N LYS C 105 32.05 29.76 -13.32
CA LYS C 105 31.19 29.94 -12.17
C LYS C 105 31.45 31.29 -11.51
N PHE C 106 32.72 31.68 -11.39
CA PHE C 106 33.03 32.98 -10.81
C PHE C 106 32.46 34.10 -11.69
N PHE C 107 32.43 33.88 -13.02
CA PHE C 107 31.81 34.87 -13.89
C PHE C 107 30.32 34.98 -13.62
N LEU C 108 29.65 33.85 -13.42
CA LEU C 108 28.23 33.90 -13.13
C LEU C 108 27.97 34.61 -11.80
N ASP C 109 28.83 34.36 -10.83
CA ASP C 109 28.72 35.07 -9.56
C ASP C 109 28.92 36.57 -9.78
N TYR C 110 29.87 36.94 -10.63
CA TYR C 110 30.07 38.36 -10.93
C TYR C 110 28.84 38.95 -11.56
N CYS C 111 28.20 38.22 -12.48
CA CYS C 111 26.96 38.68 -13.07
C CYS C 111 25.92 38.91 -12.00
N LYS C 112 25.82 38.00 -11.05
CA LYS C 112 24.85 38.17 -9.97
C LYS C 112 25.15 39.40 -9.14
N TYR C 113 26.42 39.62 -8.81
CA TYR C 113 26.79 40.80 -8.03
C TYR C 113 26.48 42.09 -8.78
N PHE C 114 26.85 42.15 -10.05
CA PHE C 114 26.57 43.35 -10.84
C PHE C 114 25.07 43.56 -10.98
N GLU C 115 24.32 42.48 -11.17
CA GLU C 115 22.87 42.59 -11.25
C GLU C 115 22.29 43.10 -9.94
N ALA C 116 22.84 42.65 -8.82
CA ALA C 116 22.39 43.15 -7.54
C ALA C 116 22.63 44.65 -7.45
N LEU C 117 23.81 45.08 -7.89
CA LEU C 117 24.10 46.52 -7.95
C LEU C 117 23.06 47.24 -8.79
N VAL C 118 22.77 46.70 -9.98
CA VAL C 118 21.85 47.37 -10.91
C VAL C 118 20.45 47.44 -10.32
N ALA C 119 19.97 46.33 -9.79
CA ALA C 119 18.62 46.28 -9.23
C ALA C 119 18.50 47.21 -8.03
N TYR C 120 19.51 47.22 -7.17
CA TYR C 120 19.49 48.17 -6.07
C TYR C 120 19.42 49.60 -6.57
N ALA C 121 20.35 49.96 -7.47
CA ALA C 121 20.43 51.33 -7.96
C ALA C 121 19.14 51.74 -8.64
N LYS C 122 18.44 50.79 -9.25
CA LYS C 122 17.11 51.09 -9.77
C LYS C 122 16.10 51.26 -8.64
N TYR C 123 16.30 50.55 -7.53
CA TYR C 123 15.36 50.69 -6.42
C TYR C 123 15.44 52.06 -5.78
N TYR C 124 16.61 52.68 -5.77
CA TYR C 124 16.79 54.01 -5.20
C TYR C 124 17.04 55.00 -6.34
N GLY D 29 -4.46 46.14 -5.69
CA GLY D 29 -4.64 45.63 -7.03
C GLY D 29 -3.64 44.53 -7.37
N LEU D 30 -3.20 43.81 -6.36
CA LEU D 30 -2.23 42.74 -6.56
C LEU D 30 -2.86 41.59 -7.34
N THR D 31 -2.08 41.01 -8.26
CA THR D 31 -2.51 39.85 -9.01
C THR D 31 -1.46 38.77 -8.90
N THR D 32 -1.91 37.51 -8.83
CA THR D 32 -0.98 36.39 -8.78
C THR D 32 -0.12 36.34 -10.04
N SER D 33 -0.65 36.85 -11.15
CA SER D 33 0.10 36.87 -12.41
C SER D 33 1.41 37.64 -12.28
N LYS D 34 1.44 38.68 -11.46
CA LYS D 34 2.65 39.46 -11.26
C LYS D 34 3.64 38.78 -10.33
N LEU D 35 3.29 37.60 -9.80
CA LEU D 35 4.16 36.87 -8.88
C LEU D 35 4.87 35.72 -9.58
N ARG D 36 4.62 35.53 -10.88
CA ARG D 36 4.95 34.26 -11.52
C ARG D 36 6.43 33.92 -11.37
N ASN D 37 7.31 34.84 -11.77
CA ASN D 37 8.73 34.56 -11.70
C ASN D 37 9.14 34.13 -10.30
N LEU D 38 8.68 34.89 -9.29
CA LEU D 38 9.03 34.55 -7.92
C LEU D 38 8.58 33.15 -7.58
N MET D 39 7.32 32.84 -7.89
CA MET D 39 6.82 31.50 -7.63
C MET D 39 7.67 30.49 -8.36
N GLU D 40 7.97 30.75 -9.64
CA GLU D 40 8.80 29.84 -10.41
C GLU D 40 10.11 29.59 -9.70
N GLN D 41 10.76 30.66 -9.25
CA GLN D 41 12.05 30.51 -8.59
C GLN D 41 11.90 29.68 -7.33
N VAL D 42 10.82 29.91 -6.58
CA VAL D 42 10.57 29.09 -5.40
C VAL D 42 10.51 27.62 -5.79
N ASN D 43 9.76 27.31 -6.85
CA ASN D 43 9.63 25.93 -7.29
C ASN D 43 10.98 25.38 -7.74
N ARG D 44 11.83 26.25 -8.29
CA ARG D 44 13.19 25.84 -8.63
C ARG D 44 13.95 25.42 -7.38
N LEU D 45 13.87 26.24 -6.32
CA LEU D 45 14.66 25.96 -5.14
C LEU D 45 13.97 25.03 -4.15
N TYR D 46 12.67 24.79 -4.32
CA TYR D 46 11.93 23.92 -3.41
C TYR D 46 12.30 22.45 -3.63
N GLU D 59 27.10 25.79 0.30
CA GLU D 59 27.36 27.23 0.25
C GLU D 59 26.78 27.85 -1.01
N GLU D 60 26.70 27.06 -2.08
CA GLU D 60 26.07 27.53 -3.32
C GLU D 60 24.59 27.82 -3.10
N PHE D 61 23.93 27.04 -2.24
CA PHE D 61 22.53 27.30 -1.92
C PHE D 61 22.36 28.64 -1.22
N ILE D 62 23.34 29.05 -0.41
CA ILE D 62 23.32 30.37 0.19
C ILE D 62 23.32 31.45 -0.89
N ASP D 63 24.15 31.27 -1.92
CA ASP D 63 24.16 32.20 -3.04
C ASP D 63 22.84 32.17 -3.79
N GLU D 64 22.21 31.00 -3.90
CA GLU D 64 20.88 30.93 -4.50
C GLU D 64 19.87 31.74 -3.71
N LEU D 65 19.94 31.64 -2.38
CA LEU D 65 19.07 32.45 -1.53
C LEU D 65 19.34 33.94 -1.70
N GLU D 66 20.61 34.30 -1.84
CA GLU D 66 20.96 35.70 -2.10
C GLU D 66 20.36 36.17 -3.41
N TYR D 67 20.45 35.35 -4.45
CA TYR D 67 19.83 35.67 -5.73
C TYR D 67 18.32 35.76 -5.59
N LEU D 68 17.74 34.92 -4.74
CA LEU D 68 16.32 35.01 -4.41
C LEU D 68 15.98 36.38 -3.86
N LYS D 69 16.76 36.85 -2.89
CA LYS D 69 16.48 38.15 -2.32
C LYS D 69 16.72 39.25 -3.35
N ILE D 70 17.69 39.05 -4.24
CA ILE D 70 17.95 40.03 -5.29
C ILE D 70 16.73 40.20 -6.18
N LYS D 71 16.21 39.07 -6.66
CA LYS D 71 15.02 39.13 -7.50
C LYS D 71 13.82 39.61 -6.72
N PHE D 72 13.74 39.29 -5.43
CA PHE D 72 12.66 39.78 -4.58
C PHE D 72 12.67 41.31 -4.54
N TYR D 73 13.85 41.89 -4.29
CA TYR D 73 13.96 43.34 -4.29
C TYR D 73 13.62 43.90 -5.65
N TYR D 74 14.05 43.22 -6.72
CA TYR D 74 13.78 43.70 -8.08
C TYR D 74 12.29 43.72 -8.36
N GLU D 75 11.59 42.65 -8.00
CA GLU D 75 10.14 42.59 -8.21
C GLU D 75 9.44 43.65 -7.39
N ALA D 76 9.84 43.81 -6.13
CA ALA D 76 9.23 44.84 -5.30
C ALA D 76 9.42 46.21 -5.92
N GLY D 77 10.58 46.44 -6.54
CA GLY D 77 10.82 47.71 -7.20
C GLY D 77 9.99 47.86 -8.46
N ARG D 78 9.73 46.75 -9.15
CA ARG D 78 9.00 46.82 -10.40
C ARG D 78 7.55 47.23 -10.19
N GLU D 79 6.87 46.61 -9.23
CA GLU D 79 5.45 46.84 -8.99
C GLU D 79 5.21 47.27 -7.55
N LYS D 80 4.28 48.21 -7.37
CA LYS D 80 3.98 48.75 -6.05
C LYS D 80 3.15 47.77 -5.22
N SER D 81 2.23 47.05 -5.87
CA SER D 81 1.43 46.07 -5.13
C SER D 81 2.30 44.94 -4.60
N VAL D 82 3.24 44.46 -5.43
CA VAL D 82 4.18 43.45 -4.98
C VAL D 82 5.05 43.99 -3.85
N ASP D 83 5.43 45.27 -3.95
CA ASP D 83 6.22 45.89 -2.89
C ASP D 83 5.47 45.88 -1.57
N GLU D 84 4.19 46.28 -1.60
CA GLU D 84 3.39 46.26 -0.37
C GLU D 84 3.25 44.85 0.17
N PHE D 85 2.96 43.89 -0.71
CA PHE D 85 2.80 42.50 -0.29
C PHE D 85 4.06 41.99 0.41
N LEU D 86 5.23 42.25 -0.18
CA LEU D 86 6.48 41.77 0.41
C LEU D 86 6.77 42.49 1.72
N LYS D 87 6.60 43.81 1.76
CA LYS D 87 7.02 44.56 2.95
C LYS D 87 6.10 44.31 4.14
N LYS D 88 4.78 44.33 3.92
CA LYS D 88 3.84 44.23 5.03
C LYS D 88 3.69 42.81 5.56
N THR D 89 4.03 41.80 4.77
CA THR D 89 3.97 40.40 5.21
C THR D 89 5.28 39.90 5.79
N LEU D 90 6.26 40.78 5.96
CA LEU D 90 7.55 40.44 6.57
C LEU D 90 8.34 39.44 5.72
N MET D 91 8.26 39.56 4.39
CA MET D 91 8.96 38.64 3.51
C MET D 91 10.47 38.79 3.63
N PHE D 92 10.97 40.03 3.59
CA PHE D 92 12.41 40.24 3.67
C PHE D 92 13.01 39.76 4.99
N PRO D 93 12.45 40.08 6.16
CA PRO D 93 13.06 39.56 7.40
C PRO D 93 13.07 38.04 7.49
N ILE D 94 12.00 37.36 7.04
CA ILE D 94 12.01 35.91 7.11
C ILE D 94 12.99 35.33 6.10
N ILE D 95 13.13 35.98 4.94
CA ILE D 95 14.12 35.54 3.97
C ILE D 95 15.52 35.63 4.57
N ASP D 96 15.82 36.75 5.22
CA ASP D 96 17.12 36.89 5.89
C ASP D 96 17.27 35.87 7.00
N ARG D 97 16.20 35.59 7.74
CA ARG D 97 16.25 34.64 8.84
C ARG D 97 16.58 33.24 8.34
N VAL D 98 15.99 32.82 7.22
CA VAL D 98 16.31 31.52 6.66
C VAL D 98 17.76 31.47 6.21
N ILE D 99 18.25 32.53 5.58
CA ILE D 99 19.61 32.58 5.07
C ILE D 99 20.62 32.53 6.21
N TYR E 2 -15.10 25.76 -45.79
CA TYR E 2 -13.81 26.29 -45.35
C TYR E 2 -12.87 26.41 -46.53
N SER E 3 -12.09 27.48 -46.58
CA SER E 3 -11.22 27.69 -47.72
C SER E 3 -10.07 28.59 -47.30
N LYS E 4 -9.06 28.66 -48.17
CA LYS E 4 -7.93 29.55 -47.99
C LYS E 4 -7.65 30.28 -49.28
N ILE E 5 -7.58 31.61 -49.21
CA ILE E 5 -7.23 32.45 -50.34
C ILE E 5 -5.92 33.13 -50.00
N LYS E 6 -4.93 33.01 -50.88
CA LYS E 6 -3.67 33.69 -50.70
C LYS E 6 -3.74 35.12 -51.22
N ILE E 7 -2.97 36.01 -50.59
CA ILE E 7 -2.72 37.35 -51.09
C ILE E 7 -1.21 37.48 -51.26
N SER E 8 -0.78 37.73 -52.49
CA SER E 8 0.64 37.88 -52.80
C SER E 8 0.89 39.22 -53.46
N GLY E 9 1.99 39.86 -53.10
CA GLY E 9 2.28 41.17 -53.69
C GLY E 9 3.64 41.68 -53.26
N THR E 10 3.93 42.91 -53.69
CA THR E 10 5.23 43.52 -53.53
C THR E 10 5.03 44.89 -52.91
N ILE E 11 5.90 45.23 -51.96
CA ILE E 11 5.94 46.57 -51.40
C ILE E 11 7.24 47.24 -51.83
N GLU E 12 7.13 48.45 -52.36
CA GLU E 12 8.27 49.22 -52.84
C GLU E 12 8.56 50.37 -51.88
N VAL E 13 9.81 50.52 -51.51
CA VAL E 13 10.23 51.54 -50.58
C VAL E 13 10.63 52.79 -51.36
N VAL E 14 10.15 53.94 -50.91
CA VAL E 14 10.36 55.22 -51.58
C VAL E 14 11.29 56.12 -50.77
N THR E 15 11.07 56.20 -49.48
CA THR E 15 11.90 56.98 -48.57
C THR E 15 12.85 56.03 -47.85
N GLY E 16 13.49 56.53 -46.79
CA GLY E 16 14.21 55.65 -45.90
C GLY E 16 13.29 54.71 -45.16
N LEU E 17 13.83 53.57 -44.76
CA LEU E 17 13.07 52.56 -44.02
C LEU E 17 13.90 52.07 -42.85
N HIS E 18 13.42 52.34 -41.63
CA HIS E 18 14.16 52.02 -40.42
C HIS E 18 13.24 51.27 -39.48
N ILE E 19 13.49 49.97 -39.31
CA ILE E 19 12.72 49.13 -38.41
C ILE E 19 13.53 48.79 -37.17
N GLY E 20 14.84 48.63 -37.30
CA GLY E 20 15.74 48.67 -36.15
C GLY E 20 15.35 47.76 -35.00
N GLY E 21 14.78 46.59 -35.28
CA GLY E 21 14.46 45.67 -34.22
C GLY E 21 15.69 45.20 -33.46
N GLY E 22 16.82 45.08 -34.16
CA GLY E 22 18.07 44.72 -33.52
C GLY E 22 18.62 45.75 -32.56
N GLY E 23 18.11 46.97 -32.60
CA GLY E 23 18.54 48.01 -31.67
C GLY E 23 18.09 47.75 -30.26
N ASP E 32 25.52 52.22 -34.88
CA ASP E 32 25.05 52.22 -33.50
C ASP E 32 23.58 51.84 -33.41
N SER E 33 22.88 52.02 -34.52
CA SER E 33 21.44 51.73 -34.60
C SER E 33 21.27 50.80 -35.80
N PRO E 34 21.34 49.49 -35.58
CA PRO E 34 21.32 48.54 -36.68
C PRO E 34 19.90 48.27 -37.15
N VAL E 35 19.80 47.41 -38.15
CA VAL E 35 18.51 46.94 -38.66
C VAL E 35 18.45 45.44 -38.44
N VAL E 36 17.23 44.95 -38.19
CA VAL E 36 17.02 43.52 -38.10
C VAL E 36 17.62 42.85 -39.32
N ARG E 37 18.22 41.69 -39.11
CA ARG E 37 18.79 40.95 -40.23
C ARG E 37 18.55 39.47 -40.01
N ASP E 38 18.27 38.77 -41.09
CA ASP E 38 18.17 37.32 -41.05
C ASP E 38 19.57 36.72 -41.01
N LEU E 39 19.79 35.80 -40.08
CA LEU E 39 21.11 35.26 -39.89
C LEU E 39 21.48 34.24 -40.95
N GLN E 40 20.51 33.74 -41.69
CA GLN E 40 20.83 32.86 -42.81
C GLN E 40 21.22 33.64 -44.05
N THR E 41 20.87 34.93 -44.13
CA THR E 41 21.18 35.75 -45.29
C THR E 41 21.90 37.05 -44.96
N LYS E 42 21.92 37.48 -43.71
CA LYS E 42 22.54 38.74 -43.32
C LYS E 42 21.94 39.91 -44.08
N LEU E 43 20.63 39.86 -44.28
CA LEU E 43 19.93 40.92 -44.98
C LEU E 43 18.78 41.42 -44.12
N PRO E 44 18.44 42.69 -44.21
CA PRO E 44 17.34 43.21 -43.41
C PRO E 44 16.01 42.67 -43.87
N ILE E 45 15.04 42.70 -42.96
CA ILE E 45 13.68 42.27 -43.23
C ILE E 45 12.73 43.28 -42.59
N ILE E 46 11.45 43.11 -42.87
CA ILE E 46 10.40 43.92 -42.27
C ILE E 46 9.44 43.00 -41.55
N PRO E 47 9.34 43.10 -40.23
CA PRO E 47 8.60 42.11 -39.47
C PRO E 47 7.13 42.08 -39.87
N GLY E 48 6.55 40.89 -39.84
CA GLY E 48 5.12 40.80 -40.02
C GLY E 48 4.39 41.48 -38.89
N SER E 49 4.99 41.47 -37.70
CA SER E 49 4.41 42.19 -36.58
C SER E 49 4.28 43.66 -36.91
N SER E 50 5.27 44.23 -37.61
CA SER E 50 5.22 45.65 -37.91
C SER E 50 4.07 45.97 -38.86
N ILE E 51 3.95 45.20 -39.95
CA ILE E 51 2.89 45.44 -40.92
C ILE E 51 1.53 45.30 -40.27
N LYS E 52 1.34 44.21 -39.52
CA LYS E 52 0.05 43.99 -38.88
C LYS E 52 -0.26 45.08 -37.86
N GLY E 53 0.72 45.48 -37.05
CA GLY E 53 0.46 46.49 -36.04
C GLY E 53 0.15 47.85 -36.63
N LYS E 54 0.94 48.27 -37.63
CA LYS E 54 0.66 49.53 -38.31
C LYS E 54 -0.73 49.52 -38.92
N MET E 55 -1.05 48.43 -39.62
CA MET E 55 -2.39 48.30 -40.26
C MET E 55 -3.49 48.39 -39.20
N ARG E 56 -3.36 47.64 -38.10
CA ARG E 56 -4.41 47.62 -37.09
C ARG E 56 -4.61 49.00 -36.50
N ASN E 57 -3.52 49.71 -36.22
CA ASN E 57 -3.63 51.05 -35.69
C ASN E 57 -4.33 51.98 -36.67
N LEU E 58 -3.94 51.92 -37.95
CA LEU E 58 -4.52 52.82 -38.93
C LEU E 58 -6.01 52.55 -39.14
N LEU E 59 -6.42 51.28 -39.15
CA LEU E 59 -7.83 50.97 -39.34
C LEU E 59 -8.65 51.31 -38.11
N ALA E 60 -8.09 51.10 -36.91
CA ALA E 60 -8.80 51.49 -35.70
C ALA E 60 -9.02 52.99 -35.65
N LYS E 61 -7.99 53.76 -36.04
CA LYS E 61 -8.18 55.20 -36.15
C LYS E 61 -9.19 55.54 -37.23
N HIS E 62 -9.21 54.77 -38.32
CA HIS E 62 -10.15 55.01 -39.40
C HIS E 62 -11.59 54.73 -38.98
N PHE E 63 -11.80 53.86 -38.03
CA PHE E 63 -13.13 53.57 -37.52
C PHE E 63 -13.30 54.27 -36.18
N GLY E 64 -14.39 53.96 -35.50
CA GLY E 64 -14.67 54.57 -34.22
C GLY E 64 -13.58 54.29 -33.21
N LEU E 65 -13.06 55.35 -32.58
CA LEU E 65 -12.00 55.24 -31.58
C LEU E 65 -12.39 56.07 -30.37
N LYS E 66 -13.16 55.47 -29.47
CA LYS E 66 -13.58 56.15 -28.25
C LYS E 66 -12.47 56.12 -27.22
N MET E 67 -12.48 57.13 -26.33
CA MET E 67 -11.49 57.19 -25.26
C MET E 67 -11.61 56.01 -24.31
N LYS E 68 -12.85 55.64 -23.96
CA LYS E 68 -13.05 54.47 -23.10
C LYS E 68 -12.61 53.20 -23.80
N GLN E 69 -12.92 53.07 -25.09
CA GLN E 69 -12.46 51.92 -25.86
C GLN E 69 -10.94 51.89 -25.95
N GLU E 70 -10.30 53.06 -26.04
CA GLU E 70 -8.85 53.14 -25.98
C GLU E 70 -8.34 52.64 -24.63
N SER E 71 -9.01 53.04 -23.55
CA SER E 71 -8.58 52.60 -22.22
C SER E 71 -8.70 51.09 -22.05
N HIS E 72 -9.77 50.51 -22.61
CA HIS E 72 -10.03 49.08 -22.44
C HIS E 72 -9.46 48.22 -23.57
N ASN E 73 -8.81 48.81 -24.57
CA ASN E 73 -8.16 48.10 -25.68
C ASN E 73 -9.13 47.22 -26.48
N GLN E 74 -10.43 47.45 -26.31
CA GLN E 74 -11.42 46.75 -27.12
C GLN E 74 -11.51 47.41 -28.48
N ASP E 75 -11.36 46.62 -29.53
CA ASP E 75 -11.25 47.14 -30.88
C ASP E 75 -12.61 47.10 -31.58
N ASP E 76 -12.71 47.86 -32.67
CA ASP E 76 -13.95 47.91 -33.42
C ASP E 76 -14.28 46.54 -33.97
N GLU E 77 -15.58 46.23 -33.99
CA GLU E 77 -16.02 44.87 -34.30
C GLU E 77 -15.52 44.42 -35.67
N ARG E 78 -15.45 45.35 -36.62
CA ARG E 78 -14.92 44.98 -37.94
C ARG E 78 -13.44 44.66 -37.85
N VAL E 79 -12.66 45.53 -37.21
CA VAL E 79 -11.24 45.25 -37.03
C VAL E 79 -11.06 44.01 -36.15
N LEU E 80 -11.87 43.90 -35.10
CA LEU E 80 -11.75 42.79 -34.15
C LEU E 80 -12.01 41.45 -34.84
N ARG E 81 -12.98 41.40 -35.75
CA ARG E 81 -13.20 40.18 -36.51
C ARG E 81 -12.12 39.98 -37.56
N LEU E 82 -11.62 41.05 -38.18
CA LEU E 82 -10.71 40.88 -39.30
C LEU E 82 -9.32 40.44 -38.87
N PHE E 83 -8.91 40.78 -37.65
CA PHE E 83 -7.56 40.42 -37.20
C PHE E 83 -7.55 39.68 -35.86
N GLY E 84 -8.68 39.53 -35.19
CA GLY E 84 -8.74 38.72 -34.00
C GLY E 84 -8.29 39.45 -32.76
N SER E 85 -9.11 39.44 -31.71
CA SER E 85 -8.68 39.92 -30.40
C SER E 85 -8.73 38.81 -29.37
N SER E 86 -9.87 38.16 -29.21
CA SER E 86 -10.07 37.12 -28.21
C SER E 86 -9.48 37.56 -26.86
N GLU E 87 -9.85 38.77 -26.46
CA GLU E 87 -9.35 39.38 -25.24
C GLU E 87 -10.45 39.79 -24.29
N LYS E 88 -11.70 39.80 -24.73
CA LYS E 88 -12.84 40.17 -23.89
C LYS E 88 -13.57 38.95 -23.35
N GLY E 89 -12.99 37.77 -23.49
CA GLY E 89 -13.63 36.53 -23.08
C GLY E 89 -14.45 35.85 -24.14
N ASN E 90 -14.54 36.42 -25.34
CA ASN E 90 -15.21 35.79 -26.46
C ASN E 90 -14.18 35.18 -27.40
N ILE E 91 -14.50 34.00 -27.92
CA ILE E 91 -13.59 33.33 -28.85
C ILE E 91 -13.61 34.09 -30.16
N GLN E 92 -12.44 34.59 -30.56
CA GLN E 92 -12.34 35.42 -31.74
C GLN E 92 -11.02 35.09 -32.42
N ARG E 93 -11.06 34.19 -33.37
CA ARG E 93 -9.85 33.83 -34.09
C ARG E 93 -9.67 34.74 -35.29
N ALA E 94 -8.42 35.15 -35.49
CA ALA E 94 -8.09 36.04 -36.60
C ALA E 94 -8.43 35.39 -37.93
N ARG E 95 -9.08 36.15 -38.80
CA ARG E 95 -9.39 35.64 -40.12
C ARG E 95 -8.29 35.91 -41.12
N LEU E 96 -7.31 36.74 -40.76
CA LEU E 96 -6.23 37.12 -41.65
C LEU E 96 -4.89 36.82 -41.03
N GLN E 97 -3.95 36.32 -41.82
CA GLN E 97 -2.60 36.02 -41.38
C GLN E 97 -1.60 36.88 -42.14
N ILE E 98 -0.70 37.54 -41.40
CA ILE E 98 0.34 38.42 -41.94
C ILE E 98 1.71 37.83 -41.61
N SER E 99 2.56 37.73 -42.63
CA SER E 99 3.89 37.17 -42.49
C SER E 99 4.95 38.26 -42.64
N ASP E 100 6.22 37.86 -42.58
CA ASP E 100 7.33 38.76 -42.85
C ASP E 100 7.42 38.98 -44.35
N ALA E 101 8.45 39.72 -44.79
CA ALA E 101 8.62 40.01 -46.20
C ALA E 101 10.10 40.04 -46.50
N PHE E 102 10.44 39.72 -47.77
CA PHE E 102 11.84 39.51 -48.10
C PHE E 102 12.20 40.20 -49.42
N PHE E 103 13.51 40.32 -49.65
CA PHE E 103 14.01 40.90 -50.88
C PHE E 103 13.59 40.09 -52.11
N SER E 104 13.32 40.79 -53.20
CA SER E 104 13.08 40.12 -54.47
C SER E 104 14.41 39.82 -55.16
N GLU E 105 14.40 38.78 -56.00
CA GLU E 105 15.62 38.39 -56.70
C GLU E 105 16.09 39.50 -57.63
N LYS E 106 15.16 40.11 -58.37
CA LYS E 106 15.55 41.21 -59.25
C LYS E 106 16.05 42.40 -58.46
N THR E 107 15.54 42.60 -57.25
CA THR E 107 16.05 43.68 -56.40
C THR E 107 17.53 43.48 -56.13
N LYS E 108 17.89 42.29 -55.65
CA LYS E 108 19.28 42.00 -55.33
C LYS E 108 20.15 42.06 -56.57
N GLU E 109 19.66 41.50 -57.69
CA GLU E 109 20.47 41.50 -58.90
C GLU E 109 20.73 42.93 -59.38
N HIS E 110 19.70 43.76 -59.39
CA HIS E 110 19.85 45.14 -59.84
C HIS E 110 20.82 45.90 -58.94
N PHE E 111 20.75 45.67 -57.62
CA PHE E 111 21.64 46.38 -56.73
C PHE E 111 23.08 45.88 -56.83
N ALA E 112 23.27 44.58 -57.02
CA ALA E 112 24.61 44.02 -57.15
C ALA E 112 25.27 44.45 -58.47
N GLN E 113 24.51 44.46 -59.55
CA GLN E 113 25.07 44.84 -60.84
C GLN E 113 25.50 46.30 -60.84
N ASN E 114 24.75 47.16 -60.16
CA ASN E 114 25.00 48.60 -60.21
C ASN E 114 25.92 49.11 -59.10
N ASP E 115 26.43 48.23 -58.26
CA ASP E 115 27.35 48.62 -57.18
C ASP E 115 26.70 49.67 -56.28
N ILE E 116 25.47 49.39 -55.85
CA ILE E 116 24.72 50.25 -54.96
C ILE E 116 24.44 49.47 -53.67
N ALA E 117 24.74 50.09 -52.53
CA ALA E 117 24.65 49.39 -51.26
C ALA E 117 23.21 49.39 -50.73
N TYR E 118 22.96 48.50 -49.77
CA TYR E 118 21.61 48.28 -49.26
C TYR E 118 21.26 49.16 -48.08
N THR E 119 22.26 49.80 -47.46
CA THR E 119 21.99 50.67 -46.33
C THR E 119 22.69 51.99 -46.55
N GLU E 120 22.05 53.04 -46.07
CA GLU E 120 22.58 54.39 -46.20
C GLU E 120 22.84 54.90 -44.81
N THR E 121 24.04 55.41 -44.59
CA THR E 121 24.36 56.05 -43.32
C THR E 121 23.96 57.52 -43.40
N LYS E 122 23.07 57.93 -42.52
CA LYS E 122 22.66 59.32 -42.41
C LYS E 122 23.21 59.88 -41.10
N PHE E 123 24.01 60.94 -41.20
CA PHE E 123 24.40 61.72 -40.05
C PHE E 123 23.28 62.69 -39.69
N GLU E 124 22.92 62.72 -38.43
CA GLU E 124 21.89 63.63 -37.93
C GLU E 124 22.57 64.66 -37.04
N ASN E 125 22.66 65.88 -37.54
CA ASN E 125 23.30 66.96 -36.81
C ASN E 125 22.27 67.63 -35.90
N THR E 126 22.67 67.88 -34.66
CA THR E 126 21.78 68.49 -33.67
C THR E 126 22.30 69.87 -33.27
N ILE E 127 21.39 70.83 -33.18
CA ILE E 127 21.69 72.16 -32.67
C ILE E 127 20.84 72.36 -31.42
N ASN E 128 21.49 72.70 -30.32
CA ASN E 128 20.82 72.88 -29.04
C ASN E 128 20.49 74.35 -28.83
N ARG E 129 19.31 74.63 -28.30
CA ARG E 129 18.86 76.01 -28.14
C ARG E 129 19.78 76.75 -27.18
N LEU E 130 20.10 77.99 -27.54
CA LEU E 130 20.88 78.92 -26.71
C LEU E 130 22.32 78.47 -26.60
N THR E 131 22.64 77.32 -27.17
CA THR E 131 23.95 76.71 -27.03
C THR E 131 24.58 76.33 -28.36
N ALA E 132 23.80 75.83 -29.31
CA ALA E 132 24.27 75.47 -30.65
C ALA E 132 25.50 74.55 -30.59
N VAL E 133 25.31 73.39 -29.96
CA VAL E 133 26.36 72.38 -29.82
C VAL E 133 26.03 71.24 -30.77
N ALA E 134 26.93 70.98 -31.73
CA ALA E 134 26.71 69.97 -32.75
C ALA E 134 27.30 68.64 -32.28
N ASN E 135 26.42 67.68 -31.97
CA ASN E 135 26.85 66.33 -31.62
C ASN E 135 26.29 65.35 -32.63
N PRO E 136 27.08 64.93 -33.63
CA PRO E 136 26.51 64.13 -34.71
C PRO E 136 26.00 62.78 -34.24
N ARG E 137 24.86 62.37 -34.79
CA ARG E 137 24.26 61.09 -34.52
C ARG E 137 24.30 60.28 -35.82
N GLN E 138 24.20 58.96 -35.70
CA GLN E 138 24.17 58.11 -36.88
C GLN E 138 22.87 57.32 -36.94
N ILE E 139 22.40 57.08 -38.16
CA ILE E 139 21.26 56.19 -38.35
C ILE E 139 21.42 55.49 -39.69
N GLU E 140 20.98 54.24 -39.76
CA GLU E 140 20.98 53.48 -41.00
C GLU E 140 19.59 53.46 -41.62
N ARG E 141 19.55 53.44 -42.94
CA ARG E 141 18.28 53.38 -43.64
C ARG E 141 18.36 52.36 -44.76
N VAL E 142 17.20 51.81 -45.10
CA VAL E 142 17.09 50.83 -46.17
C VAL E 142 16.99 51.57 -47.50
N THR E 143 17.78 51.14 -48.48
CA THR E 143 17.87 51.85 -49.75
C THR E 143 16.52 51.90 -50.45
N ARG E 144 16.07 53.11 -50.79
CA ARG E 144 14.85 53.27 -51.57
C ARG E 144 15.07 52.81 -53.00
N GLY E 145 13.98 52.43 -53.66
CA GLY E 145 14.06 51.78 -54.94
C GLY E 145 14.14 50.27 -54.88
N SER E 146 14.21 49.69 -53.69
CA SER E 146 14.18 48.26 -53.51
C SER E 146 12.76 47.79 -53.21
N GLU E 147 12.48 46.54 -53.57
CA GLU E 147 11.14 45.97 -53.42
C GLU E 147 11.19 44.66 -52.65
N PHE E 148 10.17 44.45 -51.81
CA PHE E 148 10.00 43.25 -51.01
C PHE E 148 8.76 42.50 -51.45
N ASP E 149 8.77 41.19 -51.25
CA ASP E 149 7.66 40.29 -51.54
C ASP E 149 7.07 39.79 -50.23
N PHE E 150 5.73 39.85 -50.12
CA PHE E 150 5.01 39.49 -48.91
C PHE E 150 3.93 38.45 -49.19
N VAL E 151 3.38 37.87 -48.12
CA VAL E 151 2.30 36.88 -48.24
C VAL E 151 1.31 37.06 -47.08
N PHE E 152 0.03 37.23 -47.42
CA PHE E 152 -1.07 37.22 -46.45
C PHE E 152 -1.98 36.05 -46.76
N ILE E 153 -2.63 35.51 -45.75
CA ILE E 153 -3.52 34.36 -45.93
C ILE E 153 -4.90 34.69 -45.34
N TYR E 154 -5.94 34.62 -46.17
CA TYR E 154 -7.30 34.83 -45.66
C TYR E 154 -8.11 33.54 -45.70
N ASN E 155 -8.56 33.12 -44.53
CA ASN E 155 -9.27 31.86 -44.33
C ASN E 155 -10.76 32.12 -44.24
N VAL E 156 -11.54 31.32 -44.96
CA VAL E 156 -12.97 31.58 -45.14
C VAL E 156 -13.74 30.83 -44.08
N ASP E 157 -14.51 31.57 -43.27
CA ASP E 157 -15.43 31.00 -42.30
C ASP E 157 -16.89 31.36 -42.55
N GLU E 158 -17.17 32.36 -43.39
CA GLU E 158 -18.54 32.69 -43.79
C GLU E 158 -18.52 33.15 -45.24
N GLU E 159 -19.28 32.46 -46.09
CA GLU E 159 -19.16 32.67 -47.53
C GLU E 159 -19.72 34.01 -47.99
N SER E 160 -20.42 34.75 -47.13
CA SER E 160 -21.09 35.98 -47.53
C SER E 160 -20.27 37.24 -47.25
N GLN E 161 -19.68 37.36 -46.07
CA GLN E 161 -18.94 38.58 -45.70
C GLN E 161 -17.55 38.64 -46.31
N VAL E 162 -17.23 37.77 -47.26
CA VAL E 162 -15.90 37.76 -47.86
C VAL E 162 -15.64 39.07 -48.61
N GLU E 163 -16.62 39.54 -49.37
CA GLU E 163 -16.44 40.76 -50.14
C GLU E 163 -16.27 41.98 -49.23
N ASP E 164 -17.01 42.03 -48.12
CA ASP E 164 -16.84 43.13 -47.17
C ASP E 164 -15.42 43.15 -46.62
N ASP E 165 -14.91 41.98 -46.24
CA ASP E 165 -13.53 41.92 -45.73
C ASP E 165 -12.54 42.33 -46.80
N PHE E 166 -12.76 41.91 -48.04
CA PHE E 166 -11.83 42.27 -49.11
C PHE E 166 -11.86 43.76 -49.39
N GLU E 167 -13.04 44.38 -49.33
CA GLU E 167 -13.11 45.83 -49.46
C GLU E 167 -12.40 46.53 -48.31
N ASN E 168 -12.59 46.03 -47.08
CA ASN E 168 -11.88 46.61 -45.94
C ASN E 168 -10.37 46.44 -46.09
N ILE E 169 -9.93 45.33 -46.70
CA ILE E 169 -8.52 45.12 -47.00
C ILE E 169 -8.04 46.11 -48.05
N GLU E 170 -8.90 46.45 -49.00
CA GLU E 170 -8.53 47.51 -49.94
C GLU E 170 -8.34 48.83 -49.21
N LYS E 171 -9.23 49.12 -48.26
CA LYS E 171 -9.04 50.32 -47.44
C LYS E 171 -7.74 50.25 -46.67
N ALA E 172 -7.41 49.06 -46.17
CA ALA E 172 -6.13 48.82 -45.51
C ALA E 172 -4.96 49.21 -46.40
N ILE E 173 -4.95 48.67 -47.61
CA ILE E 173 -3.85 48.89 -48.53
C ILE E 173 -3.74 50.38 -48.87
N HIS E 174 -4.88 51.03 -49.10
CA HIS E 174 -4.86 52.47 -49.37
C HIS E 174 -4.24 53.24 -48.22
N LEU E 175 -4.74 53.03 -47.00
CA LEU E 175 -4.25 53.80 -45.87
C LEU E 175 -2.77 53.57 -45.62
N LEU E 176 -2.34 52.30 -45.71
CA LEU E 176 -0.93 51.99 -45.50
C LEU E 176 -0.05 52.61 -46.59
N GLU E 177 -0.56 52.71 -47.82
CA GLU E 177 0.19 53.43 -48.84
C GLU E 177 0.28 54.92 -48.54
N ASN E 178 -0.74 55.48 -47.90
CA ASN E 178 -0.74 56.90 -47.60
C ASN E 178 -0.05 57.24 -46.27
N ASP E 179 0.53 56.25 -45.58
CA ASP E 179 1.17 56.53 -44.30
C ASP E 179 2.61 56.02 -44.26
N TYR E 180 3.21 55.99 -43.06
CA TYR E 180 4.61 55.63 -42.89
C TYR E 180 4.73 54.31 -42.17
N LEU E 181 5.77 53.54 -42.51
CA LEU E 181 6.05 52.26 -41.88
C LEU E 181 7.42 52.29 -41.21
N GLY E 182 7.46 51.89 -39.94
CA GLY E 182 8.72 51.76 -39.21
C GLY E 182 9.10 52.95 -38.36
N GLY E 183 10.40 53.17 -38.19
CA GLY E 183 10.89 54.30 -37.46
C GLY E 183 11.29 55.44 -38.38
N GLY E 184 11.41 56.62 -37.78
CA GLY E 184 11.64 57.82 -38.57
C GLY E 184 10.46 58.25 -39.41
N GLY E 185 9.25 57.91 -38.98
CA GLY E 185 8.08 58.32 -39.74
C GLY E 185 7.84 59.81 -39.74
N THR E 186 8.02 60.46 -38.60
CA THR E 186 7.67 61.88 -38.50
C THR E 186 8.66 62.75 -39.25
N ARG E 187 9.90 62.32 -39.34
CA ARG E 187 10.94 63.06 -40.03
C ARG E 187 11.17 62.56 -41.44
N GLY E 188 10.37 61.60 -41.91
CA GLY E 188 10.40 61.26 -43.31
C GLY E 188 10.93 59.90 -43.68
N ASN E 189 10.67 58.88 -42.86
CA ASN E 189 11.03 57.52 -43.22
C ASN E 189 9.83 56.63 -42.98
N GLY E 190 9.40 55.92 -44.03
CA GLY E 190 8.33 54.96 -43.91
C GLY E 190 7.36 54.93 -45.08
N ARG E 191 7.54 55.84 -46.04
CA ARG E 191 6.61 55.95 -47.15
C ARG E 191 6.84 54.80 -48.12
N ILE E 192 5.87 53.88 -48.20
CA ILE E 192 5.99 52.71 -49.07
C ILE E 192 4.73 52.58 -49.92
N GLN E 193 4.84 51.80 -51.00
CA GLN E 193 3.75 51.61 -51.94
C GLN E 193 3.56 50.12 -52.21
N PHE E 194 2.43 49.78 -52.81
CA PHE E 194 2.09 48.41 -53.14
C PHE E 194 2.09 48.25 -54.66
N LYS E 195 2.54 47.09 -55.13
CA LYS E 195 2.50 46.74 -56.53
C LYS E 195 2.24 45.25 -56.69
N ASP E 196 1.68 44.91 -57.86
CA ASP E 196 1.48 43.52 -58.30
C ASP E 196 0.71 42.69 -57.27
N THR E 197 -0.41 43.24 -56.78
CA THR E 197 -1.28 42.47 -55.90
C THR E 197 -1.87 41.29 -56.66
N ASN E 198 -1.88 40.12 -56.01
CA ASN E 198 -2.32 38.89 -56.64
C ASN E 198 -3.28 38.16 -55.73
N ILE E 199 -4.40 37.71 -56.29
CA ILE E 199 -5.38 36.90 -55.57
C ILE E 199 -5.55 35.59 -56.32
N GLU E 200 -5.34 34.48 -55.63
CA GLU E 200 -5.46 33.16 -56.25
C GLU E 200 -5.71 32.14 -55.15
N THR E 201 -6.95 31.68 -55.03
CA THR E 201 -7.29 30.73 -53.99
C THR E 201 -6.51 29.43 -54.19
N VAL E 202 -6.11 28.82 -53.08
CA VAL E 202 -5.31 27.59 -53.09
C VAL E 202 -6.09 26.41 -52.54
N VAL E 203 -6.92 26.64 -51.53
CA VAL E 203 -7.70 25.58 -50.90
C VAL E 203 -9.17 25.98 -50.93
N GLY E 204 -10.02 25.05 -51.35
CA GLY E 204 -11.45 25.28 -51.42
C GLY E 204 -11.93 25.38 -52.87
N GLU E 205 -13.24 25.55 -53.02
CA GLU E 205 -13.81 25.78 -54.38
C GLU E 205 -14.17 27.27 -54.48
N TYR E 206 -14.38 27.93 -53.34
CA TYR E 206 -14.71 29.38 -53.32
C TYR E 206 -13.52 30.18 -53.86
N ASP E 207 -13.77 31.07 -54.82
CA ASP E 207 -12.69 31.92 -55.41
C ASP E 207 -12.76 33.32 -54.81
N TYR F 2 -2.15 -7.42 -37.95
CA TYR F 2 -1.59 -6.41 -37.06
C TYR F 2 -0.27 -5.88 -37.61
N SER F 3 -0.20 -4.57 -37.80
CA SER F 3 0.96 -3.94 -38.41
C SER F 3 1.13 -2.54 -37.87
N LYS F 4 2.31 -1.98 -38.10
CA LYS F 4 2.61 -0.60 -37.72
C LYS F 4 3.24 0.08 -38.92
N ILE F 5 2.64 1.19 -39.35
CA ILE F 5 3.05 1.91 -40.55
C ILE F 5 3.75 3.18 -40.11
N LYS F 6 5.01 3.32 -40.48
CA LYS F 6 5.77 4.47 -40.00
C LYS F 6 5.85 5.54 -41.09
N ILE F 7 5.79 6.79 -40.65
CA ILE F 7 5.83 7.95 -41.54
C ILE F 7 6.97 8.83 -41.08
N SER F 8 8.01 8.97 -41.89
CA SER F 8 9.18 9.70 -41.46
C SER F 8 9.34 10.96 -42.29
N GLY F 9 9.87 12.01 -41.66
CA GLY F 9 10.18 13.20 -42.43
C GLY F 9 10.85 14.34 -41.67
N THR F 10 10.84 15.53 -42.27
CA THR F 10 11.62 16.65 -41.74
C THR F 10 10.75 17.91 -41.76
N ILE F 11 10.75 18.61 -40.64
CA ILE F 11 10.04 19.88 -40.50
C ILE F 11 11.03 21.00 -40.79
N GLU F 12 10.75 21.79 -41.82
CA GLU F 12 11.55 22.97 -42.10
C GLU F 12 10.79 24.21 -41.62
N VAL F 13 11.42 24.95 -40.70
CA VAL F 13 10.74 26.13 -40.13
C VAL F 13 10.95 27.32 -41.07
N VAL F 14 9.89 27.79 -41.70
CA VAL F 14 9.97 28.86 -42.69
C VAL F 14 10.31 30.18 -42.01
N THR F 15 9.47 30.62 -41.10
CA THR F 15 9.76 31.77 -40.25
C THR F 15 9.98 31.30 -38.82
N GLY F 16 9.99 32.24 -37.89
CA GLY F 16 10.31 31.89 -36.51
C GLY F 16 9.34 30.88 -35.92
N LEU F 17 9.86 30.12 -34.96
CA LEU F 17 9.05 29.19 -34.17
C LEU F 17 9.38 29.40 -32.71
N HIS F 18 8.35 29.44 -31.87
CA HIS F 18 8.54 29.72 -30.45
C HIS F 18 7.47 28.96 -29.66
N ILE F 19 7.87 27.85 -29.05
CA ILE F 19 6.96 27.11 -28.18
C ILE F 19 6.94 27.71 -26.79
N GLY F 20 8.12 27.82 -26.18
CA GLY F 20 8.24 28.53 -24.92
C GLY F 20 7.50 27.88 -23.78
N GLY F 21 7.38 26.56 -23.78
CA GLY F 21 6.75 25.89 -22.66
C GLY F 21 7.52 26.10 -21.36
N GLY F 22 8.84 26.18 -21.45
CA GLY F 22 9.68 26.35 -20.27
C GLY F 22 9.66 27.75 -19.67
N GLY F 23 8.92 28.67 -20.26
CA GLY F 23 8.85 30.03 -19.73
C GLY F 23 7.43 30.58 -19.70
N ASP F 32 15.24 35.47 -21.07
CA ASP F 32 14.01 36.18 -20.74
C ASP F 32 12.80 35.26 -20.87
N SER F 33 12.51 34.84 -22.11
CA SER F 33 11.35 34.00 -22.42
C SER F 33 11.83 32.78 -23.18
N PRO F 34 12.21 31.72 -22.48
CA PRO F 34 12.94 30.63 -23.12
C PRO F 34 12.07 29.89 -24.10
N VAL F 35 12.72 29.00 -24.85
CA VAL F 35 12.04 28.00 -25.63
C VAL F 35 12.17 26.66 -24.91
N VAL F 36 11.39 25.69 -25.35
CA VAL F 36 11.52 24.34 -24.83
C VAL F 36 12.76 23.69 -25.41
N ARG F 37 13.67 23.26 -24.55
CA ARG F 37 14.93 22.70 -24.96
C ARG F 37 15.28 21.52 -24.06
N ASP F 38 15.95 20.53 -24.64
CA ASP F 38 16.38 19.36 -23.90
C ASP F 38 17.49 19.72 -22.93
N LEU F 39 17.94 18.73 -22.15
CA LEU F 39 18.99 18.95 -21.18
C LEU F 39 20.25 18.15 -21.46
N GLN F 40 20.18 17.09 -22.24
CA GLN F 40 21.37 16.29 -22.49
C GLN F 40 22.29 16.96 -23.51
N THR F 41 21.71 17.70 -24.45
CA THR F 41 22.48 18.37 -25.49
C THR F 41 22.25 19.87 -25.54
N LYS F 42 21.17 20.37 -24.94
CA LYS F 42 20.82 21.78 -24.99
C LYS F 42 20.66 22.26 -26.44
N LEU F 43 19.81 21.55 -27.19
CA LEU F 43 19.39 21.97 -28.51
C LEU F 43 17.87 21.92 -28.62
N PRO F 44 17.26 22.85 -29.33
CA PRO F 44 15.80 22.97 -29.33
C PRO F 44 15.10 21.74 -29.91
N ILE F 45 13.88 21.51 -29.43
CA ILE F 45 13.05 20.37 -29.81
C ILE F 45 11.60 20.82 -30.00
N ILE F 46 10.87 20.04 -30.79
CA ILE F 46 9.45 20.27 -31.03
C ILE F 46 8.68 19.06 -30.50
N PRO F 47 7.89 19.21 -29.44
CA PRO F 47 7.18 18.06 -28.87
C PRO F 47 6.05 17.54 -29.74
N GLY F 48 5.64 16.30 -29.48
CA GLY F 48 4.48 15.74 -30.14
C GLY F 48 3.16 16.32 -29.68
N SER F 49 3.11 16.86 -28.46
CA SER F 49 1.82 17.22 -27.86
C SER F 49 1.11 18.34 -28.62
N SER F 50 1.79 19.46 -28.86
CA SER F 50 1.14 20.56 -29.56
C SER F 50 0.85 20.17 -31.00
N ILE F 51 1.74 19.38 -31.61
CA ILE F 51 1.51 18.90 -32.96
C ILE F 51 0.17 18.16 -33.01
N LYS F 52 -0.05 17.25 -32.07
CA LYS F 52 -1.27 16.47 -32.06
C LYS F 52 -2.49 17.34 -31.86
N GLY F 53 -2.43 18.26 -30.88
CA GLY F 53 -3.58 19.10 -30.63
C GLY F 53 -3.96 19.97 -31.82
N LYS F 54 -2.96 20.57 -32.46
CA LYS F 54 -3.25 21.43 -33.61
C LYS F 54 -3.85 20.63 -34.76
N MET F 55 -3.25 19.49 -35.11
CA MET F 55 -3.79 18.73 -36.23
C MET F 55 -5.19 18.23 -35.94
N ARG F 56 -5.46 17.87 -34.68
CA ARG F 56 -6.78 17.40 -34.31
C ARG F 56 -7.82 18.50 -34.46
N ASN F 57 -7.54 19.70 -33.94
CA ASN F 57 -8.49 20.80 -34.07
C ASN F 57 -8.68 21.17 -35.53
N LEU F 58 -7.61 21.10 -36.32
CA LEU F 58 -7.70 21.39 -37.75
C LEU F 58 -8.66 20.43 -38.44
N LEU F 59 -8.45 19.13 -38.27
CA LEU F 59 -9.32 18.17 -38.95
C LEU F 59 -10.73 18.20 -38.40
N ALA F 60 -10.89 18.62 -37.14
CA ALA F 60 -12.24 18.78 -36.60
C ALA F 60 -12.99 19.93 -37.27
N LYS F 61 -12.34 21.09 -37.38
CA LYS F 61 -12.98 22.22 -38.04
C LYS F 61 -13.23 21.95 -39.52
N HIS F 62 -12.37 21.15 -40.15
CA HIS F 62 -12.58 20.81 -41.55
C HIS F 62 -13.90 20.07 -41.73
N PHE F 63 -14.20 19.14 -40.83
CA PHE F 63 -15.50 18.49 -40.81
C PHE F 63 -16.45 19.29 -39.91
N GLY F 64 -17.53 18.66 -39.50
CA GLY F 64 -18.51 19.36 -38.68
C GLY F 64 -17.96 19.71 -37.31
N LEU F 65 -18.53 20.77 -36.74
CA LEU F 65 -18.15 21.21 -35.40
C LEU F 65 -19.28 22.08 -34.86
N LYS F 66 -20.12 21.50 -34.01
CA LYS F 66 -21.30 22.20 -33.49
C LYS F 66 -21.03 22.77 -32.11
N MET F 67 -21.91 23.69 -31.70
CA MET F 67 -21.77 24.32 -30.38
C MET F 67 -21.90 23.29 -29.27
N LYS F 68 -22.90 22.41 -29.36
CA LYS F 68 -22.98 21.30 -28.43
C LYS F 68 -21.79 20.36 -28.61
N GLN F 69 -21.31 20.21 -29.85
CA GLN F 69 -20.08 19.45 -30.06
C GLN F 69 -18.87 20.16 -29.47
N GLU F 70 -18.82 21.49 -29.58
CA GLU F 70 -17.74 22.30 -29.02
C GLU F 70 -17.80 22.40 -27.51
N SER F 71 -18.90 22.03 -26.88
CA SER F 71 -19.03 22.17 -25.44
C SER F 71 -17.99 21.33 -24.70
N HIS F 72 -17.93 20.03 -25.00
CA HIS F 72 -17.11 19.09 -24.22
C HIS F 72 -16.31 18.18 -25.14
N ASN F 73 -15.66 18.75 -26.16
CA ASN F 73 -14.67 18.03 -26.95
C ASN F 73 -15.26 16.76 -27.56
N GLN F 74 -16.52 16.84 -27.98
CA GLN F 74 -17.18 15.73 -28.65
C GLN F 74 -17.27 16.06 -30.14
N ASP F 75 -16.67 15.20 -30.96
CA ASP F 75 -16.34 15.50 -32.34
C ASP F 75 -16.89 14.43 -33.28
N ASP F 76 -16.60 14.62 -34.57
CA ASP F 76 -17.05 13.71 -35.62
C ASP F 76 -16.44 12.33 -35.46
N GLU F 77 -17.16 11.32 -35.96
CA GLU F 77 -16.82 9.94 -35.65
C GLU F 77 -15.51 9.49 -36.31
N ARG F 78 -15.25 9.89 -37.56
CA ARG F 78 -14.07 9.38 -38.24
C ARG F 78 -12.80 9.99 -37.68
N VAL F 79 -12.86 11.27 -37.30
CA VAL F 79 -11.76 11.89 -36.58
C VAL F 79 -11.54 11.18 -35.25
N LEU F 80 -12.62 10.76 -34.61
CA LEU F 80 -12.51 10.00 -33.36
C LEU F 80 -11.81 8.67 -33.59
N ARG F 81 -12.16 7.97 -34.66
CA ARG F 81 -11.47 6.73 -34.99
C ARG F 81 -9.99 6.98 -35.24
N LEU F 82 -9.68 8.07 -35.94
CA LEU F 82 -8.29 8.36 -36.28
C LEU F 82 -7.48 8.76 -35.06
N PHE F 83 -8.10 9.40 -34.05
CA PHE F 83 -7.37 9.93 -32.91
C PHE F 83 -7.80 9.38 -31.56
N GLY F 84 -8.89 8.62 -31.47
CA GLY F 84 -9.23 7.90 -30.26
C GLY F 84 -9.81 8.76 -29.16
N SER F 85 -10.96 8.38 -28.61
CA SER F 85 -11.53 9.09 -27.47
C SER F 85 -11.80 8.18 -26.29
N SER F 86 -12.49 7.06 -26.52
CA SER F 86 -12.74 6.06 -25.48
C SER F 86 -13.26 6.69 -24.19
N GLU F 87 -14.17 7.65 -24.34
CA GLU F 87 -14.78 8.34 -23.21
C GLU F 87 -16.27 8.06 -23.11
N LYS F 88 -16.99 8.14 -24.23
CA LYS F 88 -18.44 7.95 -24.22
C LYS F 88 -18.79 6.47 -24.27
N GLY F 89 -18.24 5.69 -23.34
CA GLY F 89 -18.53 4.27 -23.29
C GLY F 89 -18.12 3.49 -24.51
N ASN F 90 -17.20 4.02 -25.31
CA ASN F 90 -16.75 3.38 -26.54
C ASN F 90 -15.31 2.93 -26.39
N ILE F 91 -14.97 1.85 -27.08
CA ILE F 91 -13.59 1.37 -27.12
C ILE F 91 -12.95 2.01 -28.36
N GLN F 92 -12.19 3.08 -28.14
CA GLN F 92 -11.54 3.77 -29.25
C GLN F 92 -10.16 4.20 -28.80
N ARG F 93 -9.17 3.33 -29.00
CA ARG F 93 -7.80 3.73 -28.78
C ARG F 93 -7.22 4.26 -30.08
N ALA F 94 -6.46 5.34 -29.97
CA ALA F 94 -5.94 6.00 -31.15
C ALA F 94 -5.06 5.04 -31.94
N ARG F 95 -5.01 5.27 -33.25
CA ARG F 95 -4.17 4.50 -34.13
C ARG F 95 -2.91 5.25 -34.54
N LEU F 96 -2.72 6.47 -34.04
CA LEU F 96 -1.65 7.34 -34.51
C LEU F 96 -0.81 7.80 -33.33
N GLN F 97 0.47 7.42 -33.34
CA GLN F 97 1.44 7.81 -32.32
C GLN F 97 2.37 8.86 -32.91
N ILE F 98 2.47 10.01 -32.26
CA ILE F 98 3.22 11.14 -32.76
C ILE F 98 4.42 11.35 -31.87
N SER F 99 5.58 11.61 -32.48
CA SER F 99 6.84 11.78 -31.76
C SER F 99 7.08 13.26 -31.48
N ASP F 100 8.06 13.54 -30.62
CA ASP F 100 8.60 14.89 -30.55
C ASP F 100 9.56 15.08 -31.71
N ALA F 101 9.89 16.33 -32.00
CA ALA F 101 10.84 16.64 -33.06
C ALA F 101 12.07 17.26 -32.45
N PHE F 102 13.23 16.81 -32.90
CA PHE F 102 14.51 17.12 -32.28
C PHE F 102 15.39 17.84 -33.28
N PHE F 103 16.28 18.69 -32.76
CA PHE F 103 17.22 19.40 -33.62
C PHE F 103 18.11 18.40 -34.34
N SER F 104 18.16 18.47 -35.67
CA SER F 104 18.83 17.47 -36.49
C SER F 104 20.34 17.65 -36.46
N GLU F 105 21.04 16.64 -36.98
CA GLU F 105 22.50 16.70 -37.09
C GLU F 105 22.92 17.62 -38.22
N LYS F 106 22.27 17.53 -39.37
CA LYS F 106 22.68 18.33 -40.51
C LYS F 106 22.59 19.82 -40.19
N THR F 107 21.50 20.24 -39.57
CA THR F 107 21.31 21.67 -39.32
C THR F 107 22.33 22.18 -38.33
N LYS F 108 22.56 21.44 -37.25
CA LYS F 108 23.54 21.86 -36.27
C LYS F 108 24.93 21.96 -36.91
N GLU F 109 25.25 21.00 -37.79
CA GLU F 109 26.51 21.06 -38.52
C GLU F 109 26.59 22.29 -39.40
N HIS F 110 25.50 22.62 -40.10
CA HIS F 110 25.48 23.77 -40.99
C HIS F 110 25.72 25.05 -40.20
N PHE F 111 25.05 25.21 -39.08
CA PHE F 111 25.21 26.41 -38.27
C PHE F 111 26.56 26.43 -37.57
N ALA F 112 27.18 25.27 -37.36
CA ALA F 112 28.54 25.25 -36.85
C ALA F 112 29.54 25.71 -37.90
N GLN F 113 29.41 25.21 -39.13
CA GLN F 113 30.35 25.52 -40.20
C GLN F 113 30.10 26.87 -40.86
N ASN F 114 28.99 27.54 -40.50
CA ASN F 114 28.75 28.89 -40.97
C ASN F 114 28.69 29.92 -39.85
N ASP F 115 28.86 29.50 -38.59
CA ASP F 115 28.92 30.39 -37.43
C ASP F 115 27.63 31.20 -37.27
N ILE F 116 26.52 30.48 -37.12
CA ILE F 116 25.22 31.11 -36.90
C ILE F 116 24.61 30.54 -35.63
N ALA F 117 24.21 31.42 -34.73
CA ALA F 117 23.60 30.99 -33.49
C ALA F 117 22.27 30.32 -33.78
N TYR F 118 21.85 29.46 -32.85
CA TYR F 118 20.60 28.73 -33.02
C TYR F 118 19.39 29.56 -32.63
N THR F 119 19.59 30.64 -31.89
CA THR F 119 18.50 31.36 -31.27
C THR F 119 18.69 32.85 -31.48
N GLU F 120 17.59 33.54 -31.77
CA GLU F 120 17.56 34.99 -31.82
C GLU F 120 16.67 35.53 -30.70
N THR F 121 17.09 36.61 -30.07
CA THR F 121 16.25 37.33 -29.12
C THR F 121 15.73 38.56 -29.82
N LYS F 122 14.46 38.53 -30.20
CA LYS F 122 13.86 39.57 -31.01
C LYS F 122 13.04 40.45 -30.08
N PHE F 123 13.19 41.75 -30.23
CA PHE F 123 12.55 42.70 -29.36
C PHE F 123 11.28 43.22 -30.02
N GLU F 124 10.21 43.29 -29.25
CA GLU F 124 8.92 43.81 -29.68
C GLU F 124 8.57 45.02 -28.84
N ASN F 125 7.69 45.86 -29.38
CA ASN F 125 7.13 46.98 -28.63
C ASN F 125 5.62 46.90 -28.66
N THR F 126 4.99 47.40 -27.61
CA THR F 126 3.55 47.56 -27.58
C THR F 126 3.22 49.00 -27.22
N ILE F 127 2.28 49.58 -27.94
CA ILE F 127 1.96 51.00 -27.81
C ILE F 127 0.59 51.11 -27.14
N ASN F 128 0.58 51.74 -25.97
CA ASN F 128 -0.71 51.88 -25.25
C ASN F 128 -1.52 53.01 -25.91
N ARG F 129 -2.85 52.88 -25.93
CA ARG F 129 -3.75 53.82 -26.57
C ARG F 129 -3.81 55.13 -25.80
N LEU F 130 -3.84 56.24 -26.53
CA LEU F 130 -3.92 57.60 -25.99
C LEU F 130 -2.80 57.91 -25.01
N THR F 131 -1.72 57.15 -25.05
CA THR F 131 -0.57 57.37 -24.19
C THR F 131 0.72 57.49 -24.97
N ALA F 132 0.86 56.77 -26.09
CA ALA F 132 2.05 56.80 -26.93
C ALA F 132 3.31 56.43 -26.16
N VAL F 133 3.17 55.60 -25.13
CA VAL F 133 4.29 55.10 -24.35
C VAL F 133 4.45 53.61 -24.65
N ALA F 134 5.66 53.22 -25.00
CA ALA F 134 5.93 51.87 -25.49
C ALA F 134 6.43 50.98 -24.36
N ASN F 135 5.97 49.74 -24.37
CA ASN F 135 6.45 48.73 -23.44
C ASN F 135 7.22 47.67 -24.22
N PRO F 136 8.50 47.51 -23.95
CA PRO F 136 9.33 46.58 -24.73
C PRO F 136 9.32 45.17 -24.18
N ARG F 137 9.54 44.21 -25.09
CA ARG F 137 9.54 42.79 -24.78
C ARG F 137 10.65 42.13 -25.57
N GLN F 138 11.14 41.00 -25.04
CA GLN F 138 12.21 40.22 -25.66
C GLN F 138 11.77 38.78 -25.74
N ILE F 139 11.68 38.24 -26.96
CA ILE F 139 11.15 36.91 -27.18
C ILE F 139 12.21 36.07 -27.87
N GLU F 140 12.44 34.86 -27.37
CA GLU F 140 13.47 34.00 -27.92
C GLU F 140 12.85 33.06 -28.94
N ARG F 141 13.39 33.09 -30.15
CA ARG F 141 12.81 32.33 -31.23
C ARG F 141 13.90 31.65 -32.03
N VAL F 142 13.55 30.54 -32.65
CA VAL F 142 14.52 29.79 -33.42
C VAL F 142 14.81 30.53 -34.71
N THR F 143 16.09 30.68 -35.03
CA THR F 143 16.47 31.30 -36.28
C THR F 143 15.97 30.44 -37.43
N ARG F 144 15.70 31.10 -38.56
CA ARG F 144 15.05 30.47 -39.68
C ARG F 144 15.88 29.31 -40.24
N GLY F 145 15.37 28.71 -41.30
CA GLY F 145 16.09 27.68 -42.01
C GLY F 145 16.37 26.43 -41.21
N SER F 146 16.01 26.43 -39.93
CA SER F 146 16.26 25.26 -39.10
C SER F 146 15.36 24.11 -39.54
N GLU F 147 15.83 22.89 -39.28
CA GLU F 147 15.06 21.69 -39.56
C GLU F 147 15.04 20.76 -38.35
N PHE F 148 13.88 20.18 -38.10
CA PHE F 148 13.69 19.11 -37.14
C PHE F 148 13.35 17.82 -37.88
N ASP F 149 13.49 16.69 -37.19
CA ASP F 149 13.04 15.41 -37.71
C ASP F 149 11.81 14.96 -36.95
N PHE F 150 10.89 14.28 -37.64
CA PHE F 150 9.70 13.72 -37.01
C PHE F 150 9.44 12.31 -37.53
N VAL F 151 8.79 11.52 -36.68
CA VAL F 151 8.37 10.16 -37.01
C VAL F 151 6.95 9.94 -36.49
N PHE F 152 6.11 9.36 -37.33
CA PHE F 152 4.74 9.03 -37.00
C PHE F 152 4.57 7.52 -37.05
N ILE F 153 3.70 7.02 -36.18
CA ILE F 153 3.44 5.59 -36.04
C ILE F 153 1.96 5.36 -36.29
N TYR F 154 1.64 4.39 -37.12
CA TYR F 154 0.27 4.10 -37.47
C TYR F 154 -0.10 2.69 -37.05
N ASN F 155 -1.30 2.56 -36.51
CA ASN F 155 -1.90 1.28 -36.13
C ASN F 155 -3.00 0.92 -37.11
N VAL F 156 -2.99 -0.32 -37.57
CA VAL F 156 -4.02 -0.84 -38.48
C VAL F 156 -5.00 -1.66 -37.63
N ASP F 157 -6.04 -1.00 -37.13
CA ASP F 157 -7.07 -1.75 -36.41
C ASP F 157 -8.03 -2.46 -37.36
N GLU F 158 -8.18 -1.96 -38.59
CA GLU F 158 -9.05 -2.61 -39.56
C GLU F 158 -8.45 -2.47 -40.95
N GLU F 159 -8.55 -3.54 -41.73
CA GLU F 159 -7.91 -3.59 -43.04
C GLU F 159 -8.65 -2.75 -44.08
N SER F 160 -9.95 -2.53 -43.89
CA SER F 160 -10.75 -1.71 -44.80
C SER F 160 -10.90 -0.29 -44.30
N GLN F 161 -9.89 0.22 -43.57
CA GLN F 161 -9.99 1.57 -43.03
C GLN F 161 -8.69 2.36 -43.12
N VAL F 162 -7.72 1.92 -43.92
CA VAL F 162 -6.45 2.64 -43.95
C VAL F 162 -6.53 3.87 -44.85
N GLU F 163 -6.70 3.67 -46.16
CA GLU F 163 -6.42 4.72 -47.12
C GLU F 163 -7.25 5.97 -46.85
N ASP F 164 -8.53 5.80 -46.51
CA ASP F 164 -9.40 6.94 -46.28
C ASP F 164 -8.88 7.81 -45.14
N ASP F 165 -8.52 7.20 -44.01
CA ASP F 165 -7.88 7.96 -42.95
C ASP F 165 -6.58 8.57 -43.46
N PHE F 166 -5.80 7.81 -44.20
CA PHE F 166 -4.59 8.38 -44.77
C PHE F 166 -4.92 9.54 -45.68
N GLU F 167 -6.02 9.45 -46.42
CA GLU F 167 -6.44 10.61 -47.21
C GLU F 167 -6.63 11.81 -46.31
N ASN F 168 -7.41 11.63 -45.23
CA ASN F 168 -7.58 12.72 -44.28
C ASN F 168 -6.24 13.25 -43.82
N ILE F 169 -5.30 12.34 -43.55
CA ILE F 169 -4.05 12.78 -42.95
C ILE F 169 -3.32 13.71 -43.91
N GLU F 170 -3.31 13.39 -45.22
CA GLU F 170 -2.62 14.30 -46.11
C GLU F 170 -3.37 15.61 -46.20
N LYS F 171 -4.71 15.56 -46.18
CA LYS F 171 -5.50 16.76 -46.05
C LYS F 171 -5.09 17.53 -44.79
N ALA F 172 -4.99 16.82 -43.67
CA ALA F 172 -4.56 17.47 -42.44
C ALA F 172 -3.21 18.12 -42.64
N ILE F 173 -2.29 17.42 -43.31
CA ILE F 173 -0.96 17.98 -43.53
C ILE F 173 -1.08 19.27 -44.30
N HIS F 174 -1.94 19.27 -45.32
CA HIS F 174 -2.12 20.47 -46.13
C HIS F 174 -2.63 21.61 -45.27
N LEU F 175 -3.59 21.32 -44.38
CA LEU F 175 -4.14 22.36 -43.53
C LEU F 175 -3.05 22.93 -42.63
N LEU F 176 -2.07 22.10 -42.26
CA LEU F 176 -0.94 22.61 -41.51
C LEU F 176 -0.04 23.49 -42.37
N GLU F 177 0.20 23.08 -43.61
CA GLU F 177 1.19 23.77 -44.44
C GLU F 177 0.83 25.21 -44.72
N ASN F 178 -0.44 25.58 -44.60
CA ASN F 178 -0.88 26.96 -44.75
C ASN F 178 -1.46 27.46 -43.44
N ASP F 179 -0.80 27.09 -42.35
CA ASP F 179 -1.17 27.53 -41.02
C ASP F 179 0.10 27.55 -40.18
N TYR F 180 -0.06 27.71 -38.89
CA TYR F 180 1.06 27.83 -37.97
C TYR F 180 1.02 26.76 -36.90
N LEU F 181 2.20 26.28 -36.50
CA LEU F 181 2.38 25.43 -35.34
C LEU F 181 3.20 26.19 -34.33
N GLY F 182 2.61 26.46 -33.17
CA GLY F 182 3.26 27.23 -32.14
C GLY F 182 2.46 28.46 -31.79
N GLY F 183 3.13 29.44 -31.20
CA GLY F 183 2.50 30.55 -30.54
C GLY F 183 2.56 31.82 -31.39
N GLY F 184 1.55 32.67 -31.24
CA GLY F 184 1.55 33.98 -31.85
C GLY F 184 1.56 33.96 -33.35
N GLY F 185 1.02 32.91 -33.97
CA GLY F 185 1.06 32.81 -35.42
C GLY F 185 0.35 33.93 -36.14
N THR F 186 -0.57 34.62 -35.46
CA THR F 186 -1.22 35.75 -36.08
C THR F 186 -0.25 36.86 -36.38
N ARG F 187 0.89 36.90 -35.69
CA ARG F 187 1.89 37.92 -35.89
C ARG F 187 3.07 37.43 -36.72
N GLY F 188 2.96 36.26 -37.34
CA GLY F 188 3.87 35.89 -38.40
C GLY F 188 4.99 34.94 -38.03
N ASN F 189 4.74 34.02 -37.10
CA ASN F 189 5.75 33.03 -36.77
C ASN F 189 5.10 31.68 -36.53
N GLY F 190 5.68 30.66 -37.13
CA GLY F 190 5.19 29.32 -36.88
C GLY F 190 4.90 28.63 -38.18
N ARG F 191 5.08 29.37 -39.26
CA ARG F 191 4.91 28.75 -40.56
C ARG F 191 5.97 27.68 -40.72
N ILE F 192 5.54 26.50 -41.18
CA ILE F 192 6.40 25.34 -41.29
C ILE F 192 6.16 24.70 -42.65
N GLN F 193 7.01 23.74 -42.97
CA GLN F 193 6.81 22.91 -44.15
C GLN F 193 7.35 21.51 -43.87
N PHE F 194 6.88 20.55 -44.66
CA PHE F 194 7.26 19.16 -44.50
C PHE F 194 8.10 18.76 -45.70
N LYS F 195 9.17 18.01 -45.47
CA LYS F 195 9.97 17.50 -46.56
C LYS F 195 10.31 16.04 -46.33
N ASP F 196 10.51 15.32 -47.44
CA ASP F 196 11.08 13.98 -47.45
C ASP F 196 10.22 13.00 -46.65
N THR F 197 8.97 12.87 -47.07
CA THR F 197 8.07 11.91 -46.46
C THR F 197 8.49 10.49 -46.85
N ASN F 198 8.48 9.58 -45.88
CA ASN F 198 8.78 8.17 -46.10
C ASN F 198 7.72 7.33 -45.41
N ILE F 199 7.23 6.30 -46.11
CA ILE F 199 6.17 5.44 -45.60
C ILE F 199 6.69 4.00 -45.60
N GLU F 200 6.83 3.42 -44.40
CA GLU F 200 7.24 2.03 -44.27
C GLU F 200 6.37 1.35 -43.22
N THR F 201 6.21 0.05 -43.40
CA THR F 201 5.52 -0.81 -42.42
C THR F 201 6.62 -1.48 -41.60
N VAL F 202 6.83 -0.97 -40.39
CA VAL F 202 7.93 -1.48 -39.59
C VAL F 202 7.67 -2.91 -39.17
N VAL F 203 6.44 -3.23 -38.83
CA VAL F 203 6.07 -4.58 -38.38
C VAL F 203 4.78 -4.99 -39.09
N GLY F 204 4.83 -6.11 -39.81
CA GLY F 204 3.64 -6.68 -40.37
C GLY F 204 3.88 -7.15 -41.79
N GLU F 205 2.78 -7.40 -42.49
CA GLU F 205 2.78 -7.93 -43.85
C GLU F 205 1.86 -7.12 -44.74
N TYR F 206 1.96 -5.79 -44.65
CA TYR F 206 1.16 -4.89 -45.44
C TYR F 206 2.04 -4.07 -46.37
N ASP F 207 1.46 -3.62 -47.48
CA ASP F 207 2.19 -2.84 -48.47
C ASP F 207 1.98 -1.35 -48.26
N SER F 208 3.07 -0.60 -48.38
CA SER F 208 3.01 0.86 -48.26
C SER F 208 3.52 1.51 -49.54
N THR F 209 3.11 0.99 -50.69
CA THR F 209 3.60 1.46 -51.97
C THR F 209 2.64 2.43 -52.66
N ASN F 210 1.34 2.17 -52.59
CA ASN F 210 0.36 3.07 -53.17
C ASN F 210 -0.08 4.17 -52.22
N LEU F 211 0.48 4.16 -51.00
CA LEU F 211 0.06 5.09 -49.93
C LEU F 211 0.96 6.32 -49.92
N LYS F 212 0.37 7.52 -50.00
CA LYS F 212 1.15 8.75 -50.09
C LYS F 212 0.46 9.85 -49.30
N ILE F 213 1.28 10.79 -48.82
CA ILE F 213 0.80 11.96 -48.08
C ILE F 213 1.50 13.19 -48.62
N LYS F 214 0.74 14.18 -49.05
CA LYS F 214 1.34 15.37 -49.59
C LYS F 214 1.56 16.41 -48.52
N TYR G 2 17.34 -29.38 -14.21
CA TYR G 2 16.93 -28.11 -13.61
C TYR G 2 17.93 -27.03 -13.90
N SER G 3 17.67 -26.23 -14.93
CA SER G 3 18.53 -25.12 -15.28
C SER G 3 17.72 -23.83 -15.31
N LYS G 4 18.36 -22.76 -14.88
CA LYS G 4 17.82 -21.41 -14.90
C LYS G 4 18.73 -20.54 -15.75
N ILE G 5 18.09 -19.74 -16.61
CA ILE G 5 18.80 -18.90 -17.58
C ILE G 5 18.60 -17.45 -17.19
N LYS G 6 19.70 -16.70 -17.19
CA LYS G 6 19.69 -15.29 -16.84
C LYS G 6 19.96 -14.45 -18.07
N ILE G 7 19.14 -13.43 -18.27
CA ILE G 7 19.34 -12.45 -19.32
C ILE G 7 19.64 -11.12 -18.66
N SER G 8 20.75 -10.50 -19.03
CA SER G 8 21.09 -9.20 -18.47
C SER G 8 21.32 -8.21 -19.59
N GLY G 9 20.99 -6.96 -19.34
CA GLY G 9 21.17 -5.93 -20.34
C GLY G 9 20.76 -4.57 -19.79
N THR G 10 20.73 -3.58 -20.69
CA THR G 10 20.44 -2.22 -20.27
C THR G 10 19.44 -1.58 -21.21
N ILE G 11 18.51 -0.84 -20.61
CA ILE G 11 17.47 -0.12 -21.32
C ILE G 11 17.85 1.35 -21.35
N GLU G 12 17.80 1.95 -22.54
CA GLU G 12 18.14 3.35 -22.75
C GLU G 12 16.88 4.12 -23.10
N VAL G 13 16.66 5.21 -22.38
CA VAL G 13 15.52 6.10 -22.65
C VAL G 13 15.80 6.84 -23.95
N VAL G 14 14.85 6.77 -24.89
CA VAL G 14 14.97 7.53 -26.13
C VAL G 14 14.42 8.92 -25.86
N THR G 15 13.15 8.97 -25.44
CA THR G 15 12.49 10.21 -25.07
C THR G 15 11.87 10.04 -23.70
N GLY G 16 11.50 11.16 -23.08
CA GLY G 16 10.99 11.18 -21.72
C GLY G 16 10.06 10.04 -21.38
N LEU G 17 10.21 9.50 -20.18
CA LEU G 17 9.44 8.36 -19.73
C LEU G 17 8.66 8.73 -18.48
N HIS G 18 7.37 8.37 -18.45
CA HIS G 18 6.52 8.61 -17.29
C HIS G 18 5.77 7.34 -16.94
N ILE G 19 6.41 6.44 -16.21
CA ILE G 19 5.72 5.27 -15.69
C ILE G 19 4.74 5.76 -14.64
N GLY G 20 5.27 6.40 -13.60
CA GLY G 20 4.45 7.20 -12.72
C GLY G 20 3.38 6.51 -11.90
N GLY G 21 3.77 5.50 -11.12
CA GLY G 21 2.81 4.89 -10.21
C GLY G 21 2.48 5.73 -9.00
N GLY G 22 3.20 6.83 -8.77
CA GLY G 22 2.97 7.63 -7.59
C GLY G 22 1.68 8.41 -7.59
N GLY G 23 1.14 8.72 -8.77
CA GLY G 23 -0.09 9.48 -8.87
C GLY G 23 -0.86 9.25 -10.15
N ASP G 32 2.96 15.78 -7.90
CA ASP G 32 3.04 16.52 -9.18
C ASP G 32 3.32 15.53 -10.31
N SER G 33 2.34 14.66 -10.61
CA SER G 33 2.52 13.65 -11.65
C SER G 33 3.92 13.06 -11.61
N PRO G 34 4.30 12.41 -10.53
CA PRO G 34 5.67 11.93 -10.37
C PRO G 34 5.88 10.57 -11.01
N VAL G 35 7.12 10.11 -10.95
CA VAL G 35 7.49 8.78 -11.39
C VAL G 35 7.87 7.98 -10.15
N VAL G 36 7.82 6.65 -10.27
CA VAL G 36 8.19 5.80 -9.14
C VAL G 36 9.65 5.97 -8.80
N ARG G 37 9.96 6.02 -7.51
CA ARG G 37 11.33 6.18 -7.03
C ARG G 37 11.56 5.28 -5.83
N ASP G 38 12.78 4.73 -5.74
CA ASP G 38 13.17 3.96 -4.55
C ASP G 38 13.31 4.87 -3.34
N LEU G 39 13.14 4.29 -2.16
CA LEU G 39 13.30 5.01 -0.91
C LEU G 39 14.70 4.88 -0.33
N GLN G 40 15.61 4.18 -1.01
CA GLN G 40 16.98 4.08 -0.57
C GLN G 40 17.95 4.95 -1.35
N THR G 41 17.70 5.15 -2.65
CA THR G 41 18.60 5.94 -3.49
C THR G 41 17.94 7.14 -4.13
N LYS G 42 16.61 7.21 -4.18
CA LYS G 42 15.89 8.34 -4.78
C LYS G 42 16.22 8.48 -6.26
N LEU G 43 16.10 7.38 -7.00
CA LEU G 43 16.42 7.33 -8.41
C LEU G 43 15.26 6.78 -9.20
N PRO G 44 15.22 7.04 -10.51
CA PRO G 44 14.20 6.41 -11.36
C PRO G 44 14.33 4.89 -11.37
N ILE G 45 13.18 4.23 -11.48
CA ILE G 45 13.09 2.78 -11.55
C ILE G 45 12.09 2.40 -12.63
N ILE G 46 12.26 1.20 -13.18
CA ILE G 46 11.34 0.63 -14.17
C ILE G 46 10.67 -0.59 -13.55
N PRO G 47 9.42 -0.51 -13.11
CA PRO G 47 8.77 -1.66 -12.49
C PRO G 47 8.66 -2.84 -13.45
N GLY G 48 8.84 -4.04 -12.90
CA GLY G 48 8.76 -5.25 -13.69
C GLY G 48 7.35 -5.60 -14.12
N SER G 49 6.34 -5.31 -13.29
CA SER G 49 4.98 -5.63 -13.66
C SER G 49 4.54 -4.86 -14.90
N SER G 50 4.98 -3.61 -15.03
CA SER G 50 4.66 -2.84 -16.23
C SER G 50 5.31 -3.44 -17.47
N ILE G 51 6.61 -3.78 -17.40
CA ILE G 51 7.26 -4.35 -18.56
C ILE G 51 6.61 -5.68 -18.94
N LYS G 52 6.39 -6.53 -17.95
CA LYS G 52 5.83 -7.86 -18.20
C LYS G 52 4.44 -7.76 -18.81
N GLY G 53 3.58 -6.91 -18.24
CA GLY G 53 2.22 -6.83 -18.75
C GLY G 53 2.12 -6.14 -20.10
N LYS G 54 2.97 -5.14 -20.35
CA LYS G 54 2.98 -4.55 -21.68
C LYS G 54 3.37 -5.57 -22.73
N MET G 55 4.42 -6.35 -22.45
CA MET G 55 4.80 -7.40 -23.41
C MET G 55 3.68 -8.42 -23.55
N ARG G 56 3.09 -8.81 -22.41
CA ARG G 56 2.00 -9.83 -22.43
C ARG G 56 0.84 -9.34 -23.31
N ASN G 57 0.35 -8.12 -23.06
CA ASN G 57 -0.78 -7.61 -23.82
C ASN G 57 -0.44 -7.48 -25.29
N LEU G 58 0.77 -6.99 -25.58
CA LEU G 58 1.15 -6.81 -26.98
C LEU G 58 1.27 -8.15 -27.71
N LEU G 59 1.83 -9.16 -27.06
CA LEU G 59 1.93 -10.46 -27.73
C LEU G 59 0.59 -11.16 -27.82
N ALA G 60 -0.30 -10.93 -26.85
CA ALA G 60 -1.66 -11.46 -26.96
C ALA G 60 -2.36 -10.85 -28.15
N LYS G 61 -2.32 -9.52 -28.26
CA LYS G 61 -2.96 -8.86 -29.39
C LYS G 61 -2.21 -9.09 -30.68
N HIS G 62 -1.02 -9.69 -30.63
CA HIS G 62 -0.32 -10.07 -31.85
C HIS G 62 -1.14 -11.07 -32.66
N PHE G 63 -1.40 -12.24 -32.09
CA PHE G 63 -2.11 -13.29 -32.80
C PHE G 63 -3.61 -13.00 -32.73
N GLY G 64 -4.41 -14.04 -32.92
CA GLY G 64 -5.84 -13.93 -32.68
C GLY G 64 -6.17 -13.53 -31.26
N LEU G 65 -7.10 -12.59 -31.11
CA LEU G 65 -7.58 -12.15 -29.79
C LEU G 65 -9.06 -11.86 -29.97
N LYS G 66 -9.90 -12.88 -29.77
CA LYS G 66 -11.31 -12.78 -30.11
C LYS G 66 -12.08 -12.07 -29.02
N MET G 67 -13.32 -11.69 -29.35
CA MET G 67 -14.14 -10.98 -28.38
C MET G 67 -14.38 -11.84 -27.14
N LYS G 68 -14.68 -13.12 -27.35
CA LYS G 68 -14.75 -14.05 -26.22
C LYS G 68 -13.39 -14.19 -25.55
N GLN G 69 -12.31 -14.15 -26.31
CA GLN G 69 -10.98 -14.11 -25.71
C GLN G 69 -10.73 -12.78 -25.00
N GLU G 70 -11.27 -11.69 -25.54
CA GLU G 70 -11.15 -10.40 -24.87
C GLU G 70 -11.88 -10.38 -23.54
N SER G 71 -12.95 -11.17 -23.42
CA SER G 71 -13.82 -11.06 -22.25
C SER G 71 -13.15 -11.55 -20.96
N HIS G 72 -12.42 -12.66 -21.03
CA HIS G 72 -11.92 -13.32 -19.82
C HIS G 72 -10.41 -13.23 -19.63
N ASN G 73 -9.71 -12.47 -20.48
CA ASN G 73 -8.24 -12.44 -20.51
C ASN G 73 -7.67 -13.84 -20.75
N GLN G 74 -8.39 -14.63 -21.54
CA GLN G 74 -7.90 -15.91 -22.01
C GLN G 74 -7.17 -15.67 -23.33
N ASP G 75 -5.97 -16.18 -23.45
CA ASP G 75 -5.15 -15.85 -24.60
C ASP G 75 -4.54 -17.11 -25.22
N ASP G 76 -3.64 -16.86 -26.18
CA ASP G 76 -2.99 -17.90 -26.94
C ASP G 76 -2.24 -18.85 -26.02
N GLU G 77 -2.26 -20.13 -26.38
CA GLU G 77 -1.65 -21.15 -25.54
C GLU G 77 -0.17 -20.88 -25.35
N ARG G 78 0.52 -20.36 -26.36
CA ARG G 78 1.96 -20.20 -26.24
C ARG G 78 2.38 -18.97 -25.43
N VAL G 79 1.72 -17.84 -25.61
CA VAL G 79 2.01 -16.69 -24.76
C VAL G 79 1.58 -17.02 -23.33
N LEU G 80 0.48 -17.75 -23.20
CA LEU G 80 0.09 -18.33 -21.92
C LEU G 80 1.19 -19.19 -21.35
N ARG G 81 1.92 -19.90 -22.21
CA ARG G 81 3.04 -20.72 -21.74
C ARG G 81 4.15 -19.86 -21.17
N LEU G 82 4.50 -18.78 -21.87
CA LEU G 82 5.65 -17.99 -21.42
C LEU G 82 5.34 -17.17 -20.17
N PHE G 83 4.13 -16.61 -20.07
CA PHE G 83 3.82 -15.69 -18.98
C PHE G 83 3.01 -16.31 -17.85
N GLY G 84 2.51 -17.53 -18.03
CA GLY G 84 1.77 -18.22 -17.00
C GLY G 84 0.37 -17.66 -16.79
N SER G 85 -0.64 -18.54 -16.76
CA SER G 85 -2.02 -18.12 -16.48
C SER G 85 -2.58 -18.79 -15.23
N SER G 86 -2.65 -20.12 -15.20
CA SER G 86 -3.05 -20.89 -14.02
C SER G 86 -4.17 -20.23 -13.23
N GLU G 87 -5.25 -19.88 -13.92
CA GLU G 87 -6.37 -19.19 -13.29
C GLU G 87 -7.54 -20.12 -13.03
N LYS G 88 -8.03 -20.81 -14.06
CA LYS G 88 -9.12 -21.77 -13.90
C LYS G 88 -8.76 -23.03 -14.63
N GLY G 89 -9.13 -24.18 -14.04
CA GLY G 89 -8.92 -25.44 -14.69
C GLY G 89 -7.49 -25.69 -15.08
N ASN G 90 -7.18 -25.56 -16.36
CA ASN G 90 -5.86 -25.90 -16.89
C ASN G 90 -4.85 -24.95 -16.30
N ILE G 91 -4.18 -25.39 -15.26
CA ILE G 91 -3.18 -24.58 -14.59
C ILE G 91 -1.94 -24.51 -15.45
N GLN G 92 -1.32 -23.33 -15.50
CA GLN G 92 -0.01 -23.17 -16.11
C GLN G 92 0.79 -22.24 -15.23
N ARG G 93 1.75 -22.82 -14.50
CA ARG G 93 2.63 -22.04 -13.65
C ARG G 93 3.64 -21.27 -14.47
N ALA G 94 4.04 -20.10 -13.97
CA ALA G 94 4.86 -19.18 -14.75
C ALA G 94 6.15 -19.84 -15.19
N ARG G 95 6.76 -19.21 -16.17
CA ARG G 95 8.01 -19.67 -16.73
C ARG G 95 9.04 -18.56 -16.84
N LEU G 96 8.61 -17.29 -16.83
CA LEU G 96 9.48 -16.14 -16.90
C LEU G 96 9.26 -15.31 -15.65
N GLN G 97 10.33 -15.08 -14.90
CA GLN G 97 10.34 -14.14 -13.80
C GLN G 97 11.07 -12.89 -14.27
N ILE G 98 10.31 -11.84 -14.54
CA ILE G 98 10.81 -10.64 -15.19
C ILE G 98 11.34 -9.73 -14.11
N SER G 99 12.68 -9.61 -14.02
CA SER G 99 13.20 -8.80 -12.95
C SER G 99 13.31 -7.35 -13.39
N ASP G 100 13.66 -6.49 -12.45
CA ASP G 100 13.51 -5.07 -12.64
C ASP G 100 14.78 -4.48 -13.26
N ALA G 101 14.69 -3.19 -13.58
CA ALA G 101 15.82 -2.39 -14.00
C ALA G 101 16.01 -1.30 -12.96
N PHE G 102 17.26 -0.98 -12.68
CA PHE G 102 17.59 0.05 -11.71
C PHE G 102 18.47 1.10 -12.37
N PHE G 103 18.41 2.32 -11.83
CA PHE G 103 19.14 3.44 -12.40
C PHE G 103 20.64 3.21 -12.26
N SER G 104 21.31 3.06 -13.39
CA SER G 104 22.69 2.60 -13.42
C SER G 104 23.63 3.63 -12.82
N GLU G 105 24.75 3.14 -12.28
CA GLU G 105 25.73 4.00 -11.64
C GLU G 105 26.68 4.65 -12.64
N LYS G 106 26.93 3.99 -13.78
CA LYS G 106 27.78 4.59 -14.79
C LYS G 106 27.22 5.93 -15.26
N THR G 107 25.94 5.93 -15.63
CA THR G 107 25.32 7.19 -16.00
C THR G 107 25.20 8.11 -14.79
N LYS G 108 25.18 7.55 -13.58
CA LYS G 108 25.19 8.42 -12.40
C LYS G 108 26.46 9.25 -12.35
N GLU G 109 27.61 8.58 -12.53
CA GLU G 109 28.88 9.31 -12.58
C GLU G 109 28.92 10.28 -13.76
N HIS G 110 28.47 9.84 -14.93
CA HIS G 110 28.52 10.72 -16.10
C HIS G 110 27.75 12.00 -15.85
N PHE G 111 26.49 11.87 -15.42
CA PHE G 111 25.68 13.05 -15.21
C PHE G 111 26.23 13.90 -14.07
N ALA G 112 26.74 13.27 -13.00
CA ALA G 112 27.27 14.05 -11.89
C ALA G 112 28.45 14.89 -12.34
N GLN G 113 29.32 14.32 -13.16
CA GLN G 113 30.43 15.11 -13.70
C GLN G 113 29.90 16.25 -14.56
N ASN G 114 28.99 15.94 -15.48
CA ASN G 114 28.54 16.93 -16.45
C ASN G 114 27.36 17.75 -15.97
N ASP G 115 26.95 17.56 -14.71
CA ASP G 115 25.94 18.40 -14.04
C ASP G 115 24.61 18.40 -14.79
N ILE G 116 24.02 17.21 -14.87
CA ILE G 116 22.69 17.04 -15.45
C ILE G 116 21.78 16.40 -14.40
N ALA G 117 20.63 17.03 -14.18
CA ALA G 117 19.61 16.46 -13.31
C ALA G 117 19.02 15.21 -13.94
N TYR G 118 18.44 14.35 -13.11
CA TYR G 118 17.88 13.10 -13.61
C TYR G 118 16.45 13.24 -14.11
N THR G 119 15.82 14.40 -13.96
CA THR G 119 14.40 14.52 -14.26
C THR G 119 14.09 15.88 -14.86
N GLU G 120 13.32 15.89 -15.94
CA GLU G 120 12.82 17.12 -16.56
C GLU G 120 11.33 17.27 -16.31
N THR G 121 10.86 18.51 -16.27
CA THR G 121 9.46 18.81 -16.00
C THR G 121 8.88 19.52 -17.23
N LYS G 122 8.29 18.74 -18.13
CA LYS G 122 7.70 19.31 -19.37
C LYS G 122 6.45 20.13 -19.01
N PHE G 123 6.49 21.44 -19.26
CA PHE G 123 5.30 22.29 -19.02
C PHE G 123 4.46 22.35 -20.30
N GLU G 124 3.20 21.90 -20.21
CA GLU G 124 2.35 21.83 -21.43
C GLU G 124 0.99 22.53 -21.22
N ASN G 125 0.05 22.29 -22.13
CA ASN G 125 -1.30 22.92 -22.04
C ASN G 125 -2.38 21.88 -22.36
N THR G 126 -3.60 22.08 -21.86
CA THR G 126 -4.73 21.16 -22.19
C THR G 126 -5.93 22.01 -22.63
N ILE G 127 -5.84 22.62 -23.81
CA ILE G 127 -6.93 23.54 -24.30
C ILE G 127 -8.17 22.72 -24.69
N ASN G 128 -9.36 23.35 -24.65
CA ASN G 128 -10.60 22.66 -25.08
C ASN G 128 -11.17 23.37 -26.32
N ARG G 129 -12.47 23.20 -26.59
CA ARG G 129 -13.11 23.93 -27.72
C ARG G 129 -14.15 24.92 -27.15
N LEU G 130 -14.63 25.87 -27.97
CA LEU G 130 -15.59 26.92 -27.52
C LEU G 130 -15.01 27.66 -26.31
N THR G 131 -15.29 27.18 -25.09
CA THR G 131 -14.69 27.77 -23.86
C THR G 131 -13.17 27.79 -23.99
N ALA G 132 -12.58 26.74 -24.58
CA ALA G 132 -11.12 26.67 -24.83
C ALA G 132 -10.34 26.99 -23.54
N VAL G 133 -10.64 26.27 -22.45
CA VAL G 133 -9.92 26.47 -21.16
C VAL G 133 -8.51 25.87 -21.32
N ALA G 134 -7.49 26.73 -21.43
CA ALA G 134 -6.10 26.26 -21.61
C ALA G 134 -5.47 25.98 -20.24
N ASN G 135 -5.76 24.81 -19.66
CA ASN G 135 -5.23 24.48 -18.31
C ASN G 135 -3.72 24.17 -18.42
N PRO G 136 -2.84 24.92 -17.72
CA PRO G 136 -1.40 24.61 -17.73
C PRO G 136 -1.11 23.27 -17.03
N ARG G 137 -0.11 22.53 -17.52
CA ARG G 137 0.23 21.20 -16.96
C ARG G 137 1.73 21.11 -16.68
N GLN G 138 2.13 20.25 -15.74
CA GLN G 138 3.58 20.05 -15.45
C GLN G 138 3.85 18.55 -15.31
N ILE G 139 4.34 17.90 -16.37
CA ILE G 139 4.53 16.46 -16.28
C ILE G 139 6.00 16.17 -16.03
N GLU G 140 6.29 15.34 -15.02
CA GLU G 140 7.66 14.96 -14.71
C GLU G 140 8.06 13.72 -15.50
N ARG G 141 9.30 13.71 -15.98
CA ARG G 141 9.78 12.67 -16.87
C ARG G 141 11.25 12.43 -16.58
N VAL G 142 11.71 11.21 -16.87
CA VAL G 142 13.13 10.90 -16.74
C VAL G 142 13.85 11.37 -17.99
N THR G 143 14.82 12.25 -17.81
CA THR G 143 15.47 12.88 -18.94
C THR G 143 16.15 11.84 -19.81
N ARG G 144 16.18 12.12 -21.11
CA ARG G 144 16.80 11.17 -22.01
C ARG G 144 18.28 11.04 -21.69
N GLY G 145 18.88 9.97 -22.21
CA GLY G 145 20.25 9.64 -21.90
C GLY G 145 20.45 8.82 -20.64
N SER G 146 19.44 8.69 -19.79
CA SER G 146 19.55 7.79 -18.65
C SER G 146 19.47 6.34 -19.09
N GLU G 147 20.16 5.48 -18.35
CA GLU G 147 20.24 4.05 -18.64
C GLU G 147 19.85 3.27 -17.40
N PHE G 148 19.18 2.15 -17.59
CA PHE G 148 18.80 1.26 -16.50
C PHE G 148 19.34 -0.13 -16.77
N ASP G 149 19.63 -0.86 -15.70
CA ASP G 149 20.11 -2.22 -15.81
C ASP G 149 19.01 -3.20 -15.42
N PHE G 150 18.74 -4.17 -16.28
CA PHE G 150 17.66 -5.12 -16.05
C PHE G 150 18.13 -6.55 -16.24
N VAL G 151 17.41 -7.47 -15.58
CA VAL G 151 17.71 -8.89 -15.61
C VAL G 151 16.38 -9.63 -15.73
N PHE G 152 16.35 -10.69 -16.52
CA PHE G 152 15.21 -11.59 -16.63
C PHE G 152 15.64 -13.02 -16.29
N ILE G 153 14.68 -13.81 -15.80
CA ILE G 153 14.91 -15.18 -15.35
C ILE G 153 13.99 -16.13 -16.10
N TYR G 154 14.56 -17.19 -16.69
CA TYR G 154 13.78 -18.18 -17.42
C TYR G 154 13.99 -19.56 -16.82
N ASN G 155 12.88 -20.25 -16.56
CA ASN G 155 12.85 -21.63 -16.07
C ASN G 155 12.52 -22.55 -17.23
N VAL G 156 13.28 -23.63 -17.37
CA VAL G 156 13.10 -24.55 -18.49
C VAL G 156 12.16 -25.67 -18.01
N ASP G 157 10.86 -25.45 -18.21
CA ASP G 157 9.90 -26.51 -17.91
C ASP G 157 9.91 -27.60 -18.98
N GLU G 158 10.31 -27.27 -20.20
CA GLU G 158 10.46 -28.25 -21.27
C GLU G 158 11.64 -27.85 -22.13
N GLU G 159 12.62 -28.76 -22.25
CA GLU G 159 13.84 -28.42 -22.96
C GLU G 159 13.55 -28.05 -24.41
N SER G 160 12.82 -28.92 -25.13
CA SER G 160 12.67 -28.74 -26.57
C SER G 160 11.90 -27.48 -26.92
N GLN G 161 11.21 -26.89 -25.94
CA GLN G 161 10.40 -25.70 -26.16
C GLN G 161 11.16 -24.41 -25.93
N VAL G 162 12.43 -24.48 -25.51
CA VAL G 162 13.14 -23.25 -25.17
C VAL G 162 13.24 -22.34 -26.37
N GLU G 163 13.65 -22.87 -27.52
CA GLU G 163 13.98 -22.03 -28.67
C GLU G 163 12.78 -21.20 -29.09
N ASP G 164 11.65 -21.86 -29.34
CA ASP G 164 10.44 -21.13 -29.69
C ASP G 164 10.10 -20.13 -28.61
N ASP G 165 10.22 -20.54 -27.33
CA ASP G 165 10.02 -19.61 -26.24
C ASP G 165 10.91 -18.39 -26.41
N PHE G 166 12.21 -18.62 -26.60
CA PHE G 166 13.08 -17.49 -26.83
C PHE G 166 12.66 -16.76 -28.09
N GLU G 167 12.35 -17.50 -29.14
CA GLU G 167 11.89 -16.87 -30.36
C GLU G 167 10.74 -15.92 -30.04
N ASN G 168 9.77 -16.40 -29.28
CA ASN G 168 8.61 -15.57 -29.00
C ASN G 168 9.02 -14.32 -28.25
N ILE G 169 9.83 -14.47 -27.20
CA ILE G 169 10.14 -13.29 -26.43
C ILE G 169 10.93 -12.32 -27.30
N GLU G 170 11.67 -12.86 -28.26
CA GLU G 170 12.39 -12.00 -29.21
C GLU G 170 11.42 -11.07 -29.91
N LYS G 171 10.35 -11.63 -30.45
CA LYS G 171 9.32 -10.80 -31.09
C LYS G 171 8.83 -9.75 -30.12
N ALA G 172 8.60 -10.16 -28.87
CA ALA G 172 8.17 -9.21 -27.85
C ALA G 172 9.16 -8.07 -27.77
N ILE G 173 10.45 -8.39 -27.61
CA ILE G 173 11.46 -7.36 -27.61
C ILE G 173 11.27 -6.49 -28.84
N HIS G 174 11.20 -7.13 -30.01
CA HIS G 174 11.11 -6.35 -31.24
C HIS G 174 9.90 -5.46 -31.22
N LEU G 175 8.73 -6.01 -30.87
CA LEU G 175 7.55 -5.19 -30.98
C LEU G 175 7.64 -4.01 -30.02
N LEU G 176 8.20 -4.24 -28.83
CA LEU G 176 8.23 -3.15 -27.85
C LEU G 176 9.15 -2.05 -28.34
N GLU G 177 10.17 -2.42 -29.12
CA GLU G 177 11.10 -1.41 -29.62
C GLU G 177 10.43 -0.42 -30.55
N ASN G 178 9.27 -0.75 -31.12
CA ASN G 178 8.56 0.15 -32.01
C ASN G 178 7.27 0.65 -31.37
N ASP G 179 7.32 0.95 -30.08
CA ASP G 179 6.14 1.23 -29.30
C ASP G 179 6.58 2.03 -28.09
N TYR G 180 5.71 2.10 -27.08
CA TYR G 180 6.02 2.87 -25.90
C TYR G 180 5.66 2.12 -24.62
N LEU G 181 6.27 2.56 -23.52
CA LEU G 181 5.86 2.22 -22.18
C LEU G 181 5.43 3.50 -21.48
N GLY G 182 4.70 3.36 -20.39
CA GLY G 182 4.21 4.52 -19.69
C GLY G 182 2.94 5.08 -20.32
N GLY G 183 2.61 6.32 -19.93
CA GLY G 183 1.40 6.98 -20.38
C GLY G 183 1.66 8.08 -21.39
N GLY G 184 0.56 8.66 -21.88
CA GLY G 184 0.66 9.64 -22.94
C GLY G 184 1.30 9.10 -24.20
N GLY G 185 1.07 7.83 -24.52
CA GLY G 185 1.90 7.15 -25.49
C GLY G 185 1.82 7.72 -26.90
N THR G 186 0.60 7.92 -27.41
CA THR G 186 0.50 8.43 -28.78
C THR G 186 0.88 9.90 -28.86
N ARG G 187 1.02 10.58 -27.72
CA ARG G 187 1.43 11.97 -27.65
C ARG G 187 2.94 12.13 -27.65
N GLY G 188 3.70 11.03 -27.68
CA GLY G 188 5.13 11.09 -27.82
C GLY G 188 5.95 10.50 -26.70
N ASN G 189 5.39 10.38 -25.49
CA ASN G 189 6.21 9.99 -24.35
C ASN G 189 6.63 8.53 -24.42
N GLY G 190 7.77 8.24 -23.79
CA GLY G 190 8.15 6.89 -23.41
C GLY G 190 8.54 5.89 -24.46
N ARG G 191 9.40 6.26 -25.39
CA ARG G 191 10.01 5.31 -26.29
C ARG G 191 11.37 4.88 -25.75
N ILE G 192 11.66 3.58 -25.85
CA ILE G 192 12.87 3.02 -25.25
C ILE G 192 13.64 2.24 -26.31
N GLN G 193 14.90 1.94 -25.99
CA GLN G 193 15.66 0.96 -26.77
C GLN G 193 16.42 0.01 -25.85
N PHE G 194 16.72 -1.17 -26.38
CA PHE G 194 17.49 -2.19 -25.66
C PHE G 194 18.93 -2.19 -26.13
N LYS G 195 19.86 -2.43 -25.22
CA LYS G 195 21.26 -2.42 -25.59
C LYS G 195 22.06 -3.32 -24.65
N ASP G 196 23.16 -3.84 -25.17
CA ASP G 196 24.14 -4.62 -24.43
C ASP G 196 23.47 -5.77 -23.66
N THR G 197 22.89 -6.68 -24.43
CA THR G 197 22.23 -7.82 -23.83
C THR G 197 23.26 -8.83 -23.31
N ASN G 198 22.78 -9.77 -22.49
CA ASN G 198 23.62 -10.86 -22.02
C ASN G 198 22.73 -11.99 -21.55
N ILE G 199 23.01 -13.18 -22.05
CA ILE G 199 22.24 -14.37 -21.75
C ILE G 199 23.19 -15.39 -21.14
N GLU G 200 22.79 -15.97 -20.01
CA GLU G 200 23.63 -16.97 -19.40
C GLU G 200 22.76 -17.92 -18.58
N THR G 201 22.95 -19.21 -18.79
CA THR G 201 22.29 -20.21 -17.96
C THR G 201 22.98 -20.19 -16.61
N VAL G 202 22.41 -19.46 -15.65
CA VAL G 202 23.09 -19.28 -14.38
C VAL G 202 23.17 -20.58 -13.58
N VAL G 203 22.13 -21.41 -13.65
CA VAL G 203 22.16 -22.68 -12.93
C VAL G 203 21.84 -23.79 -13.91
N GLY G 204 22.51 -24.93 -13.77
CA GLY G 204 22.14 -26.08 -14.57
C GLY G 204 23.20 -26.47 -15.58
N GLU G 205 22.80 -27.23 -16.60
CA GLU G 205 23.76 -27.84 -17.52
C GLU G 205 23.30 -27.66 -18.96
N TYR G 206 22.51 -26.62 -19.21
CA TYR G 206 22.02 -26.36 -20.55
C TYR G 206 22.80 -25.21 -21.18
N ASP G 207 23.32 -25.47 -22.37
CA ASP G 207 24.16 -24.48 -23.05
C ASP G 207 23.29 -23.36 -23.60
N SER G 208 23.79 -22.14 -23.49
CA SER G 208 23.09 -20.95 -23.94
C SER G 208 23.95 -20.16 -24.93
N THR G 209 24.62 -20.88 -25.81
CA THR G 209 25.40 -20.26 -26.88
C THR G 209 24.55 -19.94 -28.09
N ASN G 210 23.67 -20.84 -28.47
CA ASN G 210 22.87 -20.64 -29.66
C ASN G 210 21.82 -19.58 -29.50
N LEU G 211 21.87 -18.80 -28.42
CA LEU G 211 20.85 -17.80 -28.14
C LEU G 211 21.36 -16.40 -28.47
N LYS G 212 20.44 -15.56 -28.93
CA LYS G 212 20.70 -14.17 -29.23
C LYS G 212 19.40 -13.40 -29.08
N ILE G 213 19.50 -12.18 -28.58
CA ILE G 213 18.34 -11.31 -28.40
C ILE G 213 18.71 -9.94 -28.94
N LYS G 214 18.08 -9.52 -30.03
CA LYS G 214 18.37 -8.22 -30.62
C LYS G 214 17.80 -7.08 -29.80
N TYR H 2 27.98 -37.89 18.24
CA TYR H 2 26.83 -37.02 18.04
C TYR H 2 27.16 -35.57 18.36
N SER H 3 27.29 -34.76 17.32
CA SER H 3 27.69 -33.37 17.42
C SER H 3 26.65 -32.47 16.76
N LYS H 4 26.81 -31.17 16.95
CA LYS H 4 25.92 -30.17 16.40
C LYS H 4 26.73 -29.11 15.65
N ILE H 5 26.39 -28.90 14.38
CA ILE H 5 26.98 -27.85 13.56
C ILE H 5 26.01 -26.69 13.50
N LYS H 6 26.51 -25.48 13.69
CA LYS H 6 25.70 -24.28 13.63
C LYS H 6 26.12 -23.45 12.43
N ILE H 7 25.16 -23.10 11.59
CA ILE H 7 25.43 -22.43 10.32
C ILE H 7 24.68 -21.10 10.31
N SER H 8 25.41 -19.98 10.42
CA SER H 8 24.80 -18.66 10.57
C SER H 8 25.28 -17.68 9.51
N GLY H 9 24.49 -16.62 9.30
CA GLY H 9 24.90 -15.57 8.37
C GLY H 9 23.90 -14.44 8.26
N THR H 10 24.03 -13.65 7.19
CA THR H 10 23.13 -12.54 6.90
C THR H 10 22.69 -12.62 5.44
N ILE H 11 21.51 -12.08 5.16
CA ILE H 11 20.89 -12.16 3.84
C ILE H 11 20.28 -10.81 3.49
N GLU H 12 20.52 -10.36 2.28
CA GLU H 12 20.11 -9.05 1.81
C GLU H 12 18.89 -9.12 0.91
N VAL H 13 18.11 -8.05 0.92
CA VAL H 13 16.92 -7.92 0.08
C VAL H 13 17.31 -7.14 -1.17
N VAL H 14 17.54 -7.86 -2.27
CA VAL H 14 17.86 -7.20 -3.53
C VAL H 14 16.66 -6.47 -4.08
N THR H 15 15.53 -7.16 -4.21
CA THR H 15 14.27 -6.58 -4.63
C THR H 15 13.25 -6.79 -3.53
N GLY H 16 12.26 -5.91 -3.46
CA GLY H 16 11.23 -6.00 -2.45
C GLY H 16 10.65 -7.39 -2.28
N LEU H 17 10.33 -7.76 -1.06
CA LEU H 17 9.90 -9.11 -0.76
C LEU H 17 8.50 -9.05 -0.16
N HIS H 18 7.74 -10.12 -0.34
CA HIS H 18 6.34 -10.14 0.12
C HIS H 18 6.03 -11.55 0.61
N ILE H 19 6.13 -11.76 1.92
CA ILE H 19 5.65 -13.01 2.50
C ILE H 19 4.17 -12.90 2.83
N GLY H 20 3.80 -11.94 3.67
CA GLY H 20 2.42 -11.52 3.71
C GLY H 20 1.39 -12.58 4.00
N GLY H 21 1.58 -13.33 5.07
CA GLY H 21 0.50 -14.16 5.57
C GLY H 21 -0.70 -13.35 6.03
N GLY H 22 -0.47 -12.09 6.40
CA GLY H 22 -1.58 -11.25 6.82
C GLY H 22 -2.57 -10.99 5.71
N GLY H 23 -2.08 -10.85 4.48
CA GLY H 23 -2.94 -10.64 3.33
C GLY H 23 -3.39 -11.93 2.68
N SER H 33 -2.97 -5.81 1.02
CA SER H 33 -2.32 -7.08 1.27
C SER H 33 -1.08 -6.87 2.14
N PRO H 34 -1.25 -6.99 3.45
CA PRO H 34 -0.14 -6.70 4.36
C PRO H 34 0.93 -7.78 4.35
N VAL H 35 1.93 -7.63 5.22
CA VAL H 35 3.08 -8.51 5.24
C VAL H 35 3.30 -9.03 6.65
N VAL H 36 3.93 -10.19 6.76
CA VAL H 36 4.17 -10.79 8.07
C VAL H 36 5.07 -9.89 8.88
N ARG H 37 4.85 -9.85 10.19
CA ARG H 37 5.65 -9.03 11.07
C ARG H 37 5.73 -9.73 12.42
N ASP H 38 6.19 -8.99 13.44
CA ASP H 38 6.01 -9.32 14.84
C ASP H 38 5.00 -8.33 15.43
N LEU H 39 4.11 -8.83 16.29
CA LEU H 39 2.96 -8.05 16.72
C LEU H 39 3.31 -6.89 17.65
N GLN H 40 4.48 -6.90 18.29
CA GLN H 40 4.86 -5.80 19.15
C GLN H 40 5.96 -4.94 18.55
N THR H 41 7.03 -5.57 18.07
CA THR H 41 8.09 -4.82 17.41
C THR H 41 7.63 -4.21 16.10
N LYS H 42 6.51 -4.69 15.56
CA LYS H 42 5.94 -4.16 14.31
C LYS H 42 6.97 -4.20 13.18
N LEU H 43 7.82 -5.22 13.20
CA LEU H 43 8.82 -5.25 12.17
C LEU H 43 8.72 -6.54 11.38
N PRO H 44 9.13 -6.54 10.12
CA PRO H 44 8.95 -7.73 9.30
C PRO H 44 9.77 -8.90 9.80
N ILE H 45 9.26 -10.10 9.54
CA ILE H 45 10.04 -11.32 9.65
C ILE H 45 9.89 -12.08 8.36
N ILE H 46 10.71 -13.11 8.21
CA ILE H 46 10.55 -14.04 7.11
C ILE H 46 10.45 -15.42 7.74
N PRO H 47 9.25 -15.96 7.89
CA PRO H 47 9.08 -17.16 8.71
C PRO H 47 9.85 -18.34 8.17
N GLY H 48 10.34 -19.16 9.11
CA GLY H 48 11.20 -20.26 8.75
C GLY H 48 10.47 -21.33 7.98
N SER H 49 9.16 -21.43 8.17
CA SER H 49 8.38 -22.36 7.36
C SER H 49 8.50 -22.01 5.90
N SER H 50 8.42 -20.72 5.56
CA SER H 50 8.53 -20.30 4.16
C SER H 50 9.89 -20.65 3.59
N ILE H 51 10.95 -20.44 4.37
CA ILE H 51 12.28 -20.88 3.96
C ILE H 51 12.25 -22.36 3.65
N LYS H 52 11.64 -23.13 4.55
CA LYS H 52 11.63 -24.58 4.39
C LYS H 52 10.84 -24.97 3.16
N GLY H 53 9.70 -24.31 2.94
CA GLY H 53 8.87 -24.68 1.81
C GLY H 53 9.55 -24.40 0.50
N LYS H 54 10.17 -23.22 0.37
CA LYS H 54 10.89 -22.94 -0.86
C LYS H 54 12.06 -23.88 -1.04
N MET H 55 12.78 -24.16 0.03
CA MET H 55 13.93 -25.05 -0.09
C MET H 55 13.49 -26.44 -0.49
N ARG H 56 12.41 -26.93 0.11
CA ARG H 56 11.90 -28.24 -0.24
C ARG H 56 11.48 -28.27 -1.69
N ASN H 57 10.76 -27.24 -2.13
CA ASN H 57 10.29 -27.20 -3.51
C ASN H 57 11.46 -27.23 -4.48
N LEU H 58 12.46 -26.38 -4.27
CA LEU H 58 13.57 -26.32 -5.20
C LEU H 58 14.35 -27.62 -5.18
N LEU H 59 14.75 -28.08 -4.00
CA LEU H 59 15.58 -29.27 -3.93
C LEU H 59 14.86 -30.47 -4.49
N ALA H 60 13.55 -30.58 -4.24
CA ALA H 60 12.79 -31.69 -4.80
C ALA H 60 12.69 -31.56 -6.31
N LYS H 61 12.39 -30.35 -6.79
CA LYS H 61 12.37 -30.13 -8.23
C LYS H 61 13.74 -30.34 -8.84
N HIS H 62 14.81 -30.31 -8.04
CA HIS H 62 16.13 -30.59 -8.58
C HIS H 62 16.23 -32.01 -9.12
N PHE H 63 15.44 -32.94 -8.57
CA PHE H 63 15.49 -34.33 -9.01
C PHE H 63 14.24 -34.71 -9.80
N ASP H 76 12.37 -38.04 -3.13
CA ASP H 76 13.71 -38.59 -3.09
C ASP H 76 14.18 -38.77 -1.64
N GLU H 77 15.21 -39.61 -1.45
CA GLU H 77 15.67 -39.96 -0.11
C GLU H 77 16.40 -38.81 0.57
N ARG H 78 17.15 -38.03 -0.19
CA ARG H 78 17.92 -36.94 0.40
C ARG H 78 17.00 -35.89 1.00
N VAL H 79 15.88 -35.59 0.34
CA VAL H 79 14.94 -34.62 0.90
C VAL H 79 14.36 -35.15 2.21
N LEU H 80 13.83 -36.37 2.17
CA LEU H 80 13.17 -36.94 3.34
C LEU H 80 14.12 -36.98 4.52
N ARG H 81 15.35 -37.40 4.29
CA ARG H 81 16.35 -37.34 5.35
C ARG H 81 16.57 -35.91 5.80
N LEU H 82 16.77 -35.00 4.84
CA LEU H 82 17.10 -33.62 5.17
C LEU H 82 15.95 -32.95 5.90
N PHE H 83 14.75 -33.00 5.34
CA PHE H 83 13.64 -32.22 5.87
C PHE H 83 12.66 -33.03 6.68
N GLY H 84 12.53 -34.33 6.41
CA GLY H 84 11.67 -35.17 7.22
C GLY H 84 10.26 -35.22 6.69
N SER H 85 9.76 -36.43 6.40
CA SER H 85 8.36 -36.62 6.06
C SER H 85 7.63 -37.41 7.13
N SER H 86 7.98 -38.68 7.31
CA SER H 86 7.35 -39.54 8.32
C SER H 86 5.83 -39.47 8.23
N GLU H 87 5.32 -39.71 7.02
CA GLU H 87 3.86 -39.78 6.79
C GLU H 87 3.64 -40.76 5.64
N LYS H 88 4.70 -41.44 5.21
CA LYS H 88 4.64 -42.33 4.06
C LYS H 88 4.92 -43.78 4.43
N GLY H 89 4.47 -44.21 5.61
CA GLY H 89 4.70 -45.57 6.07
C GLY H 89 6.03 -45.78 6.74
N ASN H 90 6.94 -44.82 6.66
CA ASN H 90 8.21 -44.87 7.36
C ASN H 90 8.39 -43.57 8.11
N ILE H 91 9.21 -43.61 9.16
CA ILE H 91 9.44 -42.43 9.99
C ILE H 91 10.91 -42.05 9.87
N GLN H 92 11.16 -40.81 9.49
CA GLN H 92 12.48 -40.22 9.55
C GLN H 92 12.36 -38.91 10.32
N ARG H 93 13.31 -38.66 11.21
CA ARG H 93 13.31 -37.40 11.94
C ARG H 93 14.09 -36.35 11.16
N ALA H 94 13.56 -35.14 11.11
CA ALA H 94 14.24 -34.07 10.40
C ALA H 94 15.60 -33.84 11.02
N ARG H 95 16.63 -33.82 10.18
CA ARG H 95 18.01 -33.64 10.63
C ARG H 95 18.48 -32.21 10.51
N LEU H 96 17.65 -31.32 9.96
CA LEU H 96 17.96 -29.90 9.82
C LEU H 96 16.86 -29.11 10.51
N GLN H 97 17.24 -28.16 11.36
CA GLN H 97 16.30 -27.22 11.92
C GLN H 97 16.59 -25.82 11.44
N ILE H 98 15.56 -25.16 10.92
CA ILE H 98 15.61 -23.78 10.49
C ILE H 98 14.67 -22.98 11.38
N SER H 99 15.14 -21.87 11.91
CA SER H 99 14.32 -20.95 12.66
C SER H 99 14.17 -19.65 11.88
N ASP H 100 13.46 -18.71 12.49
CA ASP H 100 13.20 -17.44 11.82
C ASP H 100 14.47 -16.60 11.73
N ALA H 101 14.34 -15.47 11.05
CA ALA H 101 15.41 -14.47 10.95
C ALA H 101 14.85 -13.14 11.41
N PHE H 102 15.74 -12.18 11.61
CA PHE H 102 15.32 -10.85 12.04
C PHE H 102 16.23 -9.79 11.46
N PHE H 103 15.75 -8.55 11.52
CA PHE H 103 16.55 -7.40 11.13
C PHE H 103 17.82 -7.33 11.94
N SER H 104 18.92 -7.01 11.27
CA SER H 104 20.18 -6.79 11.97
C SER H 104 20.20 -5.41 12.60
N GLU H 105 21.10 -5.23 13.57
CA GLU H 105 21.31 -3.89 14.10
C GLU H 105 21.93 -2.98 13.06
N LYS H 106 22.81 -3.53 12.22
CA LYS H 106 23.51 -2.70 11.24
C LYS H 106 22.53 -2.05 10.28
N THR H 107 21.65 -2.85 9.68
CA THR H 107 20.65 -2.28 8.80
C THR H 107 19.72 -1.35 9.56
N LYS H 108 19.44 -1.65 10.83
CA LYS H 108 18.53 -0.82 11.59
C LYS H 108 19.11 0.58 11.76
N GLU H 109 20.35 0.68 12.25
CA GLU H 109 20.98 1.98 12.41
C GLU H 109 21.19 2.65 11.07
N HIS H 110 21.53 1.87 10.04
CA HIS H 110 21.76 2.44 8.72
C HIS H 110 20.51 3.15 8.21
N PHE H 111 19.35 2.50 8.35
CA PHE H 111 18.11 3.13 7.92
C PHE H 111 17.72 4.28 8.84
N ALA H 112 17.93 4.14 10.16
CA ALA H 112 17.48 5.17 11.08
C ALA H 112 18.24 6.48 10.88
N GLN H 113 19.57 6.39 10.78
CA GLN H 113 20.36 7.59 10.54
C GLN H 113 20.00 8.22 9.21
N ASN H 114 19.90 7.39 8.17
CA ASN H 114 19.61 7.88 6.82
C ASN H 114 18.13 8.19 6.62
N ASP H 115 17.28 7.91 7.61
CA ASP H 115 15.85 8.25 7.60
C ASP H 115 15.15 7.64 6.39
N ILE H 116 15.16 6.31 6.35
CA ILE H 116 14.47 5.53 5.33
C ILE H 116 13.47 4.62 6.02
N ALA H 117 12.24 4.62 5.53
CA ALA H 117 11.23 3.74 6.07
C ALA H 117 11.56 2.29 5.76
N TYR H 118 11.08 1.38 6.61
CA TYR H 118 11.42 -0.02 6.47
C TYR H 118 10.65 -0.72 5.35
N THR H 119 9.47 -0.24 4.99
CA THR H 119 8.59 -0.92 4.04
C THR H 119 8.12 0.04 2.96
N GLU H 120 7.97 -0.49 1.74
CA GLU H 120 7.49 0.28 0.59
C GLU H 120 6.06 -0.13 0.25
N THR H 121 5.28 0.83 -0.23
CA THR H 121 3.89 0.58 -0.63
C THR H 121 3.75 0.90 -2.11
N LYS H 122 3.47 -0.13 -2.91
CA LYS H 122 3.36 0.01 -4.35
C LYS H 122 1.90 0.00 -4.77
N PHE H 123 1.55 0.97 -5.61
CA PHE H 123 0.23 1.02 -6.23
C PHE H 123 0.30 0.37 -7.61
N GLU H 124 -0.57 -0.60 -7.83
CA GLU H 124 -0.57 -1.39 -9.06
C GLU H 124 -1.91 -1.21 -9.74
N ASN H 125 -2.10 -1.87 -10.89
CA ASN H 125 -3.31 -1.66 -11.66
C ASN H 125 -3.58 -2.90 -12.49
N THR H 126 -4.85 -3.12 -12.80
CA THR H 126 -5.26 -4.25 -13.63
C THR H 126 -6.11 -3.75 -14.78
N ILE H 127 -5.81 -4.27 -15.97
CA ILE H 127 -6.32 -3.74 -17.23
C ILE H 127 -7.28 -4.76 -17.81
N ASN H 128 -8.54 -4.36 -17.97
CA ASN H 128 -9.53 -5.22 -18.59
C ASN H 128 -9.48 -5.07 -20.10
N ARG H 129 -9.78 -6.16 -20.79
CA ARG H 129 -9.79 -6.16 -22.25
C ARG H 129 -11.24 -6.07 -22.73
N LEU H 130 -11.42 -5.42 -23.87
CA LEU H 130 -12.69 -5.11 -24.53
C LEU H 130 -13.42 -3.98 -23.81
N THR H 131 -13.01 -3.59 -22.62
CA THR H 131 -13.58 -2.50 -21.84
C THR H 131 -12.54 -1.44 -21.53
N ALA H 132 -11.29 -1.85 -21.31
CA ALA H 132 -10.16 -0.93 -21.12
C ALA H 132 -10.38 0.00 -19.92
N VAL H 133 -11.02 -0.53 -18.87
CA VAL H 133 -11.12 0.19 -17.60
C VAL H 133 -10.09 -0.36 -16.64
N ALA H 134 -9.56 0.50 -15.78
CA ALA H 134 -8.42 0.17 -14.94
C ALA H 134 -8.86 0.03 -13.48
N ASN H 135 -8.42 -1.04 -12.82
CA ASN H 135 -8.72 -1.22 -11.41
C ASN H 135 -7.45 -1.11 -10.57
N PRO H 136 -7.48 -0.40 -9.46
CA PRO H 136 -6.26 -0.22 -8.66
C PRO H 136 -5.98 -1.37 -7.70
N ARG H 137 -4.71 -1.49 -7.31
CA ARG H 137 -4.20 -2.41 -6.30
C ARG H 137 -3.27 -1.65 -5.37
N GLN H 138 -3.10 -2.19 -4.15
CA GLN H 138 -2.25 -1.59 -3.14
C GLN H 138 -1.50 -2.71 -2.40
N ILE H 139 -0.20 -2.82 -2.61
CA ILE H 139 0.58 -3.96 -2.12
C ILE H 139 1.83 -3.47 -1.40
N GLU H 140 2.14 -4.08 -0.24
CA GLU H 140 3.35 -3.76 0.50
C GLU H 140 4.51 -4.68 0.11
N ARG H 141 5.73 -4.14 0.19
CA ARG H 141 6.95 -4.86 -0.14
C ARG H 141 8.07 -4.43 0.80
N VAL H 142 9.08 -5.27 0.95
CA VAL H 142 10.21 -4.91 1.80
C VAL H 142 11.07 -3.88 1.08
N THR H 143 11.57 -2.90 1.82
CA THR H 143 12.51 -1.96 1.23
C THR H 143 13.81 -2.67 0.88
N ARG H 144 14.30 -2.42 -0.32
CA ARG H 144 15.43 -3.16 -0.85
C ARG H 144 16.71 -2.85 -0.08
N GLY H 145 17.60 -3.84 -0.01
CA GLY H 145 18.90 -3.67 0.59
C GLY H 145 19.03 -4.07 2.04
N SER H 146 17.94 -4.38 2.72
CA SER H 146 17.99 -4.70 4.14
C SER H 146 18.71 -6.02 4.37
N GLU H 147 19.18 -6.22 5.60
CA GLU H 147 19.84 -7.44 6.01
C GLU H 147 19.04 -8.18 7.07
N PHE H 148 19.07 -9.51 7.00
CA PHE H 148 18.47 -10.41 7.97
C PHE H 148 19.54 -11.36 8.48
N ASP H 149 19.51 -11.65 9.78
CA ASP H 149 20.47 -12.57 10.37
C ASP H 149 19.79 -13.92 10.65
N PHE H 150 20.39 -15.00 10.15
CA PHE H 150 19.77 -16.31 10.19
C PHE H 150 20.72 -17.35 10.76
N VAL H 151 20.13 -18.41 11.32
CA VAL H 151 20.86 -19.50 11.97
C VAL H 151 20.15 -20.82 11.69
N PHE H 152 20.91 -21.81 11.23
CA PHE H 152 20.46 -23.17 11.05
C PHE H 152 21.24 -24.10 11.98
N ILE H 153 20.61 -25.21 12.37
CA ILE H 153 21.27 -26.24 13.17
C ILE H 153 21.21 -27.57 12.44
N TYR H 154 22.36 -28.25 12.36
CA TYR H 154 22.46 -29.58 11.78
C TYR H 154 22.96 -30.52 12.87
N ASN H 155 22.14 -31.51 13.23
CA ASN H 155 22.47 -32.50 14.25
C ASN H 155 23.07 -33.71 13.56
N VAL H 156 24.38 -33.93 13.70
CA VAL H 156 25.02 -35.04 12.99
C VAL H 156 24.70 -36.33 13.74
N ASP H 157 23.86 -37.15 13.12
CA ASP H 157 23.57 -38.51 13.54
C ASP H 157 24.37 -39.57 12.78
N GLU H 158 24.91 -39.22 11.60
CA GLU H 158 25.63 -40.17 10.75
C GLU H 158 26.93 -39.52 10.27
N GLU H 159 28.06 -40.13 10.60
CA GLU H 159 29.35 -39.50 10.34
C GLU H 159 29.68 -39.46 8.86
N SER H 160 29.39 -40.54 8.13
CA SER H 160 29.86 -40.69 6.76
C SER H 160 28.91 -40.10 5.71
N GLN H 161 27.97 -39.24 6.09
CA GLN H 161 27.05 -38.69 5.11
C GLN H 161 27.00 -37.17 5.10
N VAL H 162 27.50 -36.50 6.14
CA VAL H 162 27.21 -35.08 6.31
C VAL H 162 27.69 -34.29 5.11
N GLU H 163 28.86 -34.68 4.57
CA GLU H 163 29.39 -33.98 3.40
C GLU H 163 28.36 -33.93 2.28
N ASP H 164 27.82 -35.10 1.91
CA ASP H 164 26.80 -35.15 0.88
C ASP H 164 25.62 -34.27 1.28
N ASP H 165 25.18 -34.38 2.54
CA ASP H 165 24.09 -33.53 3.00
C ASP H 165 24.46 -32.07 2.84
N PHE H 166 25.67 -31.71 3.25
CA PHE H 166 26.06 -30.33 3.08
C PHE H 166 26.24 -29.99 1.62
N GLU H 167 26.67 -30.94 0.80
CA GLU H 167 26.67 -30.67 -0.64
C GLU H 167 25.29 -30.22 -1.05
N ASN H 168 24.26 -30.97 -0.64
CA ASN H 168 22.89 -30.58 -0.93
C ASN H 168 22.60 -29.18 -0.45
N ILE H 169 22.95 -28.88 0.80
CA ILE H 169 22.58 -27.57 1.31
C ILE H 169 23.28 -26.49 0.52
N GLU H 170 24.52 -26.76 0.07
CA GLU H 170 25.18 -25.82 -0.82
C GLU H 170 24.25 -25.47 -1.97
N LYS H 171 23.89 -26.47 -2.78
CA LYS H 171 23.02 -26.20 -3.91
C LYS H 171 21.77 -25.49 -3.47
N ALA H 172 21.26 -25.82 -2.29
CA ALA H 172 20.04 -25.19 -1.80
C ALA H 172 20.16 -23.68 -1.91
N ILE H 173 21.13 -23.11 -1.21
CA ILE H 173 21.22 -21.66 -1.24
C ILE H 173 21.50 -21.19 -2.67
N HIS H 174 22.35 -21.92 -3.39
CA HIS H 174 22.66 -21.57 -4.77
C HIS H 174 21.39 -21.48 -5.59
N LEU H 175 20.52 -22.49 -5.49
CA LEU H 175 19.25 -22.42 -6.21
C LEU H 175 18.44 -21.23 -5.74
N LEU H 176 18.30 -21.09 -4.42
CA LEU H 176 17.54 -19.97 -3.90
C LEU H 176 18.18 -18.66 -4.29
N GLU H 177 19.49 -18.69 -4.54
CA GLU H 177 20.17 -17.47 -4.94
C GLU H 177 19.54 -16.90 -6.18
N ASN H 178 19.17 -17.76 -7.12
CA ASN H 178 18.56 -17.34 -8.36
C ASN H 178 17.07 -17.67 -8.40
N ASP H 179 16.40 -17.42 -7.28
CA ASP H 179 14.96 -17.53 -7.21
C ASP H 179 14.46 -16.40 -6.34
N TYR H 180 13.22 -16.49 -5.90
CA TYR H 180 12.57 -15.45 -5.16
C TYR H 180 11.95 -16.04 -3.91
N LEU H 181 11.53 -15.18 -3.01
CA LEU H 181 10.73 -15.61 -1.88
C LEU H 181 9.43 -14.83 -1.86
N GLY H 182 8.35 -15.53 -1.55
CA GLY H 182 7.06 -14.91 -1.43
C GLY H 182 6.27 -14.90 -2.72
N GLY H 183 5.29 -13.99 -2.76
CA GLY H 183 4.34 -13.93 -3.85
C GLY H 183 4.62 -12.82 -4.84
N GLY H 184 4.15 -13.03 -6.06
CA GLY H 184 4.42 -12.12 -7.15
C GLY H 184 5.82 -12.18 -7.68
N GLY H 185 6.51 -13.29 -7.45
CA GLY H 185 7.93 -13.33 -7.75
C GLY H 185 8.26 -13.20 -9.22
N THR H 186 7.46 -13.81 -10.09
CA THR H 186 7.72 -13.72 -11.52
C THR H 186 7.55 -12.30 -12.02
N ARG H 187 6.64 -11.55 -11.42
CA ARG H 187 6.37 -10.17 -11.80
C ARG H 187 7.49 -9.24 -11.36
N GLY H 188 8.49 -9.75 -10.65
CA GLY H 188 9.72 -9.01 -10.48
C GLY H 188 10.14 -8.64 -9.08
N ASN H 189 9.75 -9.41 -8.07
CA ASN H 189 10.21 -9.10 -6.72
C ASN H 189 10.47 -10.39 -5.96
N GLY H 190 11.29 -10.26 -4.91
CA GLY H 190 11.61 -11.38 -4.03
C GLY H 190 13.04 -11.87 -4.10
N ARG H 191 13.90 -11.29 -4.93
CA ARG H 191 15.28 -11.76 -5.03
C ARG H 191 16.03 -11.45 -3.74
N ILE H 192 16.81 -12.43 -3.26
CA ILE H 192 17.54 -12.32 -2.01
C ILE H 192 18.99 -12.67 -2.25
N GLN H 193 19.82 -12.33 -1.27
CA GLN H 193 21.27 -12.55 -1.34
C GLN H 193 21.76 -13.08 -0.01
N PHE H 194 22.85 -13.85 -0.04
CA PHE H 194 23.44 -14.47 1.15
C PHE H 194 24.87 -14.00 1.32
N LYS H 195 25.20 -13.49 2.52
CA LYS H 195 26.53 -13.03 2.87
C LYS H 195 26.92 -13.53 4.25
N ASP H 196 28.23 -13.54 4.50
CA ASP H 196 28.81 -13.75 5.83
C ASP H 196 28.44 -15.11 6.43
N THR H 197 28.85 -16.16 5.73
CA THR H 197 28.58 -17.53 6.15
C THR H 197 29.81 -18.15 6.81
N ASN H 198 29.63 -18.67 8.01
CA ASN H 198 30.68 -19.33 8.78
C ASN H 198 30.14 -20.65 9.33
N ILE H 199 30.99 -21.65 9.44
CA ILE H 199 30.57 -22.97 9.93
C ILE H 199 31.35 -23.28 11.21
N GLU H 200 30.63 -23.52 12.29
CA GLU H 200 31.21 -23.70 13.61
C GLU H 200 30.60 -24.92 14.29
N THR H 201 31.42 -25.60 15.09
CA THR H 201 30.95 -26.68 15.96
C THR H 201 30.91 -26.18 17.40
N VAL H 202 29.79 -26.42 18.09
CA VAL H 202 29.62 -25.95 19.46
C VAL H 202 29.29 -27.05 20.46
N VAL H 203 28.80 -28.20 20.01
CA VAL H 203 28.61 -29.36 20.88
C VAL H 203 29.07 -30.60 20.14
N GLY H 204 29.73 -31.49 20.88
CA GLY H 204 30.43 -32.60 20.26
C GLY H 204 31.87 -32.24 19.95
N GLU H 205 32.55 -33.17 19.29
CA GLU H 205 33.96 -33.00 18.91
C GLU H 205 34.16 -33.32 17.44
N TYR H 206 33.27 -32.83 16.59
CA TYR H 206 33.44 -32.99 15.15
C TYR H 206 33.91 -31.68 14.55
N ASP H 207 34.93 -31.74 13.70
CA ASP H 207 35.54 -30.55 13.14
C ASP H 207 34.67 -29.95 12.06
N SER H 208 34.70 -28.61 11.95
CA SER H 208 33.78 -27.92 11.07
C SER H 208 34.50 -26.92 10.17
N THR H 209 35.79 -27.15 9.90
CA THR H 209 36.60 -26.20 9.16
C THR H 209 36.69 -26.49 7.67
N ASN H 210 36.03 -27.51 7.17
CA ASN H 210 36.18 -27.88 5.78
C ASN H 210 34.90 -27.74 4.96
N LEU H 211 33.76 -27.52 5.59
CA LEU H 211 32.51 -27.29 4.87
C LEU H 211 32.37 -25.82 4.51
N LYS H 212 31.68 -25.56 3.39
CA LYS H 212 31.59 -24.22 2.84
C LYS H 212 30.19 -23.97 2.31
N ILE H 213 29.63 -22.81 2.60
CA ILE H 213 28.30 -22.42 2.12
C ILE H 213 28.37 -21.01 1.57
N LYS H 214 27.97 -20.84 0.32
CA LYS H 214 27.90 -19.53 -0.33
C LYS H 214 26.47 -19.03 -0.43
N THR I 5 20.35 -29.96 44.12
CA THR I 5 18.97 -29.52 43.94
C THR I 5 18.92 -28.19 43.19
N LYS I 6 19.45 -28.18 41.97
CA LYS I 6 19.53 -26.95 41.19
C LYS I 6 18.34 -26.83 40.25
N VAL I 7 18.07 -25.60 39.81
CA VAL I 7 16.97 -25.32 38.92
C VAL I 7 17.50 -24.60 37.68
N PHE I 8 16.89 -24.86 36.54
CA PHE I 8 17.36 -24.36 35.26
C PHE I 8 16.37 -23.30 34.75
N LYS I 9 16.90 -22.25 34.11
CA LYS I 9 16.09 -21.16 33.58
C LYS I 9 16.27 -21.10 32.07
N LEU I 10 15.15 -20.99 31.36
CA LEU I 10 15.10 -21.15 29.90
C LEU I 10 14.57 -19.88 29.26
N SER I 11 15.28 -19.38 28.25
CA SER I 11 14.77 -18.33 27.39
C SER I 11 14.67 -18.86 25.97
N PHE I 12 13.63 -18.46 25.25
CA PHE I 12 13.31 -19.09 23.96
C PHE I 12 13.74 -18.21 22.78
N LYS I 13 13.26 -16.97 22.71
CA LYS I 13 13.55 -16.00 21.66
C LYS I 13 12.98 -16.39 20.30
N THR I 14 12.27 -17.51 20.21
CA THR I 14 11.67 -17.99 18.97
C THR I 14 10.25 -18.42 19.32
N PRO I 15 9.29 -18.23 18.42
CA PRO I 15 7.95 -18.76 18.69
C PRO I 15 8.03 -20.26 18.88
N VAL I 16 7.18 -20.78 19.78
CA VAL I 16 7.15 -22.19 20.10
C VAL I 16 5.70 -22.65 20.23
N HIS I 17 5.41 -23.86 19.76
CA HIS I 17 4.09 -24.46 19.79
C HIS I 17 4.06 -25.65 20.75
N PHE I 18 3.06 -25.70 21.63
CA PHE I 18 3.06 -26.77 22.66
C PHE I 18 2.00 -27.85 22.35
N GLY I 19 0.75 -27.51 22.03
CA GLY I 19 -0.19 -28.53 21.61
C GLY I 19 -0.85 -29.33 22.71
N LYS I 20 -2.17 -29.46 22.64
CA LYS I 20 -2.96 -30.28 23.56
C LYS I 20 -3.74 -31.36 22.84
N LYS I 21 -4.51 -30.98 21.83
CA LYS I 21 -5.26 -31.93 21.02
C LYS I 21 -5.09 -31.73 19.52
N ARG I 22 -5.05 -30.49 19.04
CA ARG I 22 -5.00 -30.21 17.61
C ARG I 22 -3.98 -29.12 17.32
N LEU I 23 -3.49 -29.10 16.07
CA LEU I 23 -2.42 -28.17 15.71
C LEU I 23 -2.81 -26.72 15.92
N SER I 24 -4.10 -26.42 15.94
CA SER I 24 -4.53 -25.06 16.16
C SER I 24 -4.58 -24.71 17.64
N ASP I 25 -4.29 -25.66 18.51
CA ASP I 25 -4.32 -25.40 19.95
C ASP I 25 -2.93 -25.01 20.43
N GLY I 26 -2.90 -24.09 21.39
CA GLY I 26 -1.65 -23.64 21.95
C GLY I 26 -1.61 -23.73 23.46
N GLU I 27 -0.47 -24.14 24.00
CA GLU I 27 -0.27 -24.20 25.44
C GLU I 27 0.99 -23.42 25.78
N MET I 28 1.02 -22.86 26.99
CA MET I 28 2.16 -22.08 27.46
C MET I 28 3.10 -22.91 28.33
N THR I 29 2.53 -23.75 29.20
CA THR I 29 3.32 -24.60 30.08
C THR I 29 3.07 -26.07 29.74
N ILE I 30 4.15 -26.86 29.80
CA ILE I 30 4.07 -28.28 29.48
C ILE I 30 4.34 -29.08 30.74
N THR I 31 4.05 -30.37 30.65
CA THR I 31 4.16 -31.27 31.79
C THR I 31 5.43 -32.11 31.69
N ALA I 32 5.79 -32.72 32.81
CA ALA I 32 7.03 -33.46 32.90
C ALA I 32 7.03 -34.67 31.99
N ASP I 33 5.88 -35.09 31.49
CA ASP I 33 5.88 -36.14 30.48
C ASP I 33 6.65 -35.68 29.25
N THR I 34 6.27 -34.53 28.70
CA THR I 34 6.95 -34.01 27.52
C THR I 34 8.41 -33.69 27.83
N LEU I 35 8.68 -33.05 28.96
CA LEU I 35 10.05 -32.66 29.29
C LEU I 35 10.93 -33.88 29.51
N PHE I 36 10.47 -34.80 30.36
CA PHE I 36 11.26 -35.98 30.67
C PHE I 36 11.47 -36.83 29.44
N SER I 37 10.45 -36.95 28.60
CA SER I 37 10.63 -37.69 27.36
C SER I 37 11.60 -36.98 26.44
N ALA I 38 11.63 -35.64 26.49
CA ALA I 38 12.64 -34.91 25.74
C ALA I 38 14.03 -35.24 26.27
N LEU I 39 14.18 -35.27 27.58
CA LEU I 39 15.45 -35.64 28.19
C LEU I 39 15.86 -37.03 27.75
N PHE I 40 14.89 -37.95 27.72
CA PHE I 40 15.17 -39.32 27.31
C PHE I 40 15.61 -39.38 25.85
N ILE I 41 14.90 -38.69 24.97
CA ILE I 41 15.23 -38.78 23.55
C ILE I 41 16.57 -38.13 23.27
N GLU I 42 16.89 -37.04 23.95
CA GLU I 42 18.21 -36.43 23.76
C GLU I 42 19.31 -37.26 24.37
N THR I 43 19.05 -37.94 25.48
CA THR I 43 20.03 -38.87 26.03
C THR I 43 20.31 -40.00 25.05
N LEU I 44 19.26 -40.57 24.47
CA LEU I 44 19.44 -41.64 23.49
C LEU I 44 20.18 -41.11 22.26
N GLN I 45 19.85 -39.89 21.85
CA GLN I 45 20.58 -39.27 20.74
C GLN I 45 22.06 -39.10 21.09
N LEU I 46 22.35 -38.76 22.35
CA LEU I 46 23.73 -38.66 22.78
C LEU I 46 24.43 -40.02 22.81
N GLY I 47 23.68 -41.11 22.90
CA GLY I 47 24.30 -42.40 23.08
C GLY I 47 24.81 -42.65 24.48
N LYS I 48 24.27 -41.96 25.48
CA LYS I 48 24.72 -42.09 26.86
C LYS I 48 24.14 -43.34 27.51
N ASP I 49 24.45 -43.51 28.79
CA ASP I 49 23.90 -44.60 29.57
C ASP I 49 22.69 -44.12 30.37
N THR I 50 21.56 -44.79 30.16
CA THR I 50 20.29 -44.21 30.52
C THR I 50 19.80 -44.60 31.90
N ASP I 51 20.33 -45.67 32.48
CA ASP I 51 19.85 -46.12 33.77
C ASP I 51 20.03 -45.03 34.82
N TRP I 52 21.13 -44.29 34.73
CA TRP I 52 21.46 -43.30 35.75
C TRP I 52 20.41 -42.21 35.83
N LEU I 53 19.90 -41.74 34.69
CA LEU I 53 18.94 -40.65 34.67
C LEU I 53 17.50 -41.14 34.60
N LEU I 54 17.30 -42.45 34.59
CA LEU I 54 15.97 -43.04 34.49
C LEU I 54 15.37 -43.33 35.86
N ASN I 55 16.09 -44.07 36.69
CA ASN I 55 15.61 -44.40 38.02
C ASN I 55 16.43 -43.69 39.08
N ASP I 56 17.02 -42.55 38.74
CA ASP I 56 17.65 -41.71 39.75
C ASP I 56 17.32 -40.23 39.63
N LEU I 57 16.72 -39.77 38.54
CA LEU I 57 16.45 -38.35 38.36
C LEU I 57 15.03 -38.02 38.81
N ILE I 58 14.88 -36.88 39.48
CA ILE I 58 13.58 -36.37 39.90
C ILE I 58 13.34 -35.03 39.22
N ILE I 59 12.23 -34.93 38.49
CA ILE I 59 11.91 -33.76 37.66
C ILE I 59 10.50 -33.29 37.98
N SER I 60 10.32 -31.97 38.05
CA SER I 60 8.99 -31.37 38.17
C SER I 60 8.53 -30.80 36.83
N ASP I 61 7.25 -30.41 36.79
CA ASP I 61 6.73 -29.74 35.60
C ASP I 61 7.35 -28.36 35.45
N THR I 62 7.17 -27.78 34.29
CA THR I 62 7.75 -26.48 33.97
C THR I 62 6.82 -25.36 34.39
N PHE I 63 7.39 -24.26 34.87
CA PHE I 63 6.53 -23.15 35.29
C PHE I 63 7.06 -21.84 34.74
N PRO I 64 6.18 -20.89 34.45
CA PRO I 64 6.62 -19.66 33.78
C PRO I 64 7.24 -18.67 34.73
N TYR I 65 8.06 -17.78 34.16
CA TYR I 65 8.71 -16.73 34.91
C TYR I 65 8.61 -15.41 34.16
N GLU I 66 8.92 -14.35 34.88
CA GLU I 66 8.89 -12.99 34.37
C GLU I 66 10.23 -12.32 34.65
N ASN I 67 10.30 -10.99 34.51
CA ASN I 67 11.54 -10.26 34.74
C ASN I 67 12.27 -10.75 35.98
N GLU I 68 11.61 -10.71 37.14
CA GLU I 68 12.21 -11.22 38.36
C GLU I 68 11.22 -12.02 39.22
N LEU I 69 10.03 -12.31 38.72
CA LEU I 69 8.99 -12.98 39.50
C LEU I 69 8.83 -14.41 39.02
N TYR I 70 8.60 -15.32 39.96
CA TYR I 70 8.47 -16.74 39.65
C TYR I 70 7.08 -17.23 40.04
N TYR I 71 6.63 -18.27 39.36
CA TYR I 71 5.24 -18.71 39.47
C TYR I 71 5.15 -20.21 39.68
N LEU I 72 4.15 -20.62 40.45
CA LEU I 72 3.85 -22.03 40.68
C LEU I 72 2.37 -22.26 40.39
N PRO I 73 2.01 -23.47 40.01
CA PRO I 73 0.59 -23.77 39.75
C PRO I 73 -0.19 -23.80 41.05
N LYS I 74 -1.47 -23.49 40.92
CA LYS I 74 -2.32 -23.19 42.07
C LYS I 74 -2.54 -24.42 42.94
N PRO I 75 -2.50 -24.29 44.26
CA PRO I 75 -2.86 -25.43 45.12
C PRO I 75 -4.37 -25.61 45.19
N LEU I 76 -4.82 -26.87 45.07
CA LEU I 76 -6.25 -27.18 45.08
C LEU I 76 -6.71 -27.46 46.51
N ILE I 77 -6.69 -26.41 47.33
CA ILE I 77 -7.00 -26.54 48.75
C ILE I 77 -8.42 -26.05 48.99
N LYS I 78 -8.96 -26.43 50.14
CA LYS I 78 -10.29 -26.00 50.57
C LYS I 78 -10.13 -24.74 51.40
N ILE I 79 -10.41 -23.59 50.79
CA ILE I 79 -10.42 -22.32 51.50
C ILE I 79 -11.86 -21.94 51.81
N ASP I 80 -12.12 -21.55 53.06
CA ASP I 80 -13.46 -21.19 53.52
C ASP I 80 -13.55 -19.67 53.64
N SER I 81 -14.39 -19.08 52.80
CA SER I 81 -14.62 -17.63 52.84
C SER I 81 -15.87 -17.30 53.65
N ASN I 86 -16.54 -15.15 47.45
CA ASN I 86 -16.59 -14.82 46.03
C ASN I 86 -16.50 -16.07 45.17
N HIS I 87 -15.50 -16.91 45.44
CA HIS I 87 -15.32 -18.21 44.78
C HIS I 87 -15.14 -18.06 43.26
N LYS I 88 -14.80 -16.86 42.79
CA LYS I 88 -14.76 -16.57 41.37
C LYS I 88 -13.41 -16.07 40.90
N ALA I 89 -12.88 -15.02 41.54
CA ALA I 89 -11.58 -14.50 41.16
C ALA I 89 -10.48 -15.52 41.38
N PHE I 90 -10.62 -16.35 42.41
CA PHE I 90 -9.68 -17.45 42.61
C PHE I 90 -9.77 -18.45 41.47
N LYS I 91 -10.99 -18.72 40.99
CA LYS I 91 -11.15 -19.57 39.82
C LYS I 91 -10.52 -18.92 38.59
N LYS I 92 -10.72 -17.62 38.43
CA LYS I 92 -10.12 -16.89 37.33
C LYS I 92 -8.62 -16.79 37.46
N LEU I 93 -8.06 -17.21 38.58
CA LEU I 93 -6.63 -17.22 38.79
C LEU I 93 -6.08 -18.62 38.49
N LYS I 94 -4.94 -18.66 37.81
CA LYS I 94 -4.32 -19.93 37.45
C LYS I 94 -2.98 -20.17 38.12
N TYR I 95 -2.16 -19.13 38.28
CA TYR I 95 -0.82 -19.28 38.84
C TYR I 95 -0.65 -18.38 40.05
N VAL I 96 0.29 -18.74 40.93
CA VAL I 96 0.56 -18.02 42.15
C VAL I 96 2.03 -17.56 42.12
N PRO I 97 2.32 -16.30 42.34
CA PRO I 97 3.72 -15.88 42.47
C PRO I 97 4.32 -16.36 43.79
N VAL I 98 5.65 -16.49 43.78
CA VAL I 98 6.36 -17.05 44.92
C VAL I 98 6.28 -16.13 46.12
N HIS I 99 6.10 -14.83 45.88
CA HIS I 99 6.13 -13.85 46.96
C HIS I 99 5.01 -14.08 47.97
N HIS I 100 3.81 -14.35 47.49
CA HIS I 100 2.65 -14.52 48.36
C HIS I 100 2.23 -15.97 48.48
N TYR I 101 3.12 -16.92 48.18
CA TYR I 101 2.74 -18.32 48.10
C TYR I 101 2.20 -18.82 49.43
N ASN I 102 2.97 -18.63 50.51
CA ASN I 102 2.48 -19.01 51.83
C ASN I 102 1.32 -18.15 52.27
N GLN I 103 1.29 -16.89 51.83
CA GLN I 103 0.15 -16.03 52.16
C GLN I 103 -1.14 -16.63 51.62
N TYR I 104 -1.13 -17.11 50.39
CA TYR I 104 -2.28 -17.86 49.90
C TYR I 104 -2.47 -19.14 50.71
N LEU I 105 -1.38 -19.86 50.99
CA LEU I 105 -1.49 -21.09 51.74
C LEU I 105 -1.96 -20.88 53.17
N ASN I 106 -1.79 -19.68 53.70
CA ASN I 106 -2.37 -19.33 55.00
C ASN I 106 -3.50 -18.34 54.82
N GLY I 107 -3.98 -18.19 53.58
CA GLY I 107 -5.13 -17.34 53.34
C GLY I 107 -4.89 -15.87 53.52
N GLU I 108 -3.64 -15.42 53.56
CA GLU I 108 -3.33 -14.01 53.71
C GLU I 108 -3.50 -13.24 52.42
N LEU I 109 -4.22 -13.81 51.45
CA LEU I 109 -4.46 -13.18 50.16
C LEU I 109 -5.91 -12.73 50.10
N SER I 110 -6.12 -11.48 49.69
CA SER I 110 -7.44 -10.89 49.62
C SER I 110 -7.91 -10.81 48.18
N ALA I 111 -9.19 -10.50 48.01
CA ALA I 111 -9.78 -10.45 46.68
C ALA I 111 -9.11 -9.39 45.81
N GLU I 112 -8.89 -8.20 46.36
CA GLU I 112 -8.22 -7.15 45.58
C GLU I 112 -6.79 -7.54 45.26
N ASP I 113 -6.11 -8.21 46.20
CA ASP I 113 -4.76 -8.67 45.94
C ASP I 113 -4.73 -9.69 44.81
N ALA I 114 -5.70 -10.61 44.81
CA ALA I 114 -5.79 -11.56 43.71
C ALA I 114 -6.09 -10.87 42.40
N THR I 115 -6.96 -9.86 42.43
CA THR I 115 -7.26 -9.10 41.22
C THR I 115 -6.00 -8.46 40.67
N ASP I 116 -5.21 -7.85 41.56
CA ASP I 116 -3.95 -7.27 41.12
C ASP I 116 -3.05 -8.33 40.53
N LEU I 117 -2.95 -9.49 41.20
CA LEU I 117 -2.07 -10.54 40.72
C LEU I 117 -2.49 -11.02 39.33
N ASN I 118 -3.78 -11.18 39.12
CA ASN I 118 -4.28 -11.51 37.78
C ASN I 118 -3.89 -10.42 36.80
N ASP I 119 -3.95 -9.15 37.23
CA ASP I 119 -3.61 -8.06 36.34
C ASP I 119 -2.17 -8.16 35.85
N ILE I 120 -1.25 -8.54 36.73
CA ILE I 120 0.16 -8.66 36.34
C ILE I 120 0.46 -9.97 35.64
N PHE I 121 -0.56 -10.71 35.18
CA PHE I 121 -0.37 -12.04 34.62
C PHE I 121 -0.12 -12.02 33.13
N ASN I 122 0.25 -10.88 32.56
CA ASN I 122 0.55 -10.80 31.14
C ASN I 122 1.97 -11.29 30.91
N ILE I 123 2.12 -12.49 30.33
CA ILE I 123 3.44 -13.10 30.22
C ILE I 123 3.68 -13.64 28.82
N GLY I 124 3.00 -13.09 27.83
CA GLY I 124 3.15 -13.56 26.48
C GLY I 124 1.80 -13.60 25.79
N TYR I 125 1.84 -13.82 24.47
CA TYR I 125 0.61 -13.81 23.69
C TYR I 125 0.59 -14.98 22.71
N PHE I 126 -0.62 -15.37 22.35
CA PHE I 126 -0.90 -16.51 21.49
C PHE I 126 -1.21 -16.05 20.08
N SER I 127 -0.96 -16.93 19.11
CA SER I 127 -1.20 -16.55 17.74
C SER I 127 -1.59 -17.75 16.94
N LEU I 128 -2.29 -17.49 15.84
CA LEU I 128 -2.61 -18.47 14.83
C LEU I 128 -2.03 -18.00 13.51
N GLN I 129 -1.11 -18.77 12.95
CA GLN I 129 -0.51 -18.48 11.67
C GLN I 129 -1.14 -19.40 10.62
N THR I 130 -1.56 -18.82 9.51
CA THR I 130 -2.14 -19.60 8.43
C THR I 130 -1.04 -20.10 7.53
N LYS I 131 -1.31 -21.22 6.87
CA LYS I 131 -0.37 -21.80 5.93
C LYS I 131 -1.16 -22.53 4.85
N VAL I 132 -0.44 -22.88 3.78
CA VAL I 132 -1.00 -23.67 2.70
C VAL I 132 -0.10 -24.88 2.51
N SER I 133 -0.60 -25.83 1.71
CA SER I 133 0.13 -27.05 1.41
C SER I 133 0.11 -27.24 -0.09
N LEU I 134 1.25 -27.03 -0.72
CA LEU I 134 1.39 -27.19 -2.16
C LEU I 134 2.30 -28.36 -2.53
N ILE I 135 2.49 -29.30 -1.59
CA ILE I 135 3.03 -30.60 -1.95
C ILE I 135 2.00 -31.44 -2.68
N ALA I 136 0.75 -30.98 -2.69
CA ALA I 136 -0.35 -31.73 -3.27
C ALA I 136 -0.31 -31.61 -4.79
N GLN I 137 -1.38 -32.08 -5.44
CA GLN I 137 -1.42 -32.14 -6.90
C GLN I 137 -1.26 -30.78 -7.55
N GLU I 138 -1.23 -29.70 -6.78
CA GLU I 138 -0.76 -28.43 -7.31
C GLU I 138 0.63 -28.58 -7.89
N THR I 139 1.41 -29.51 -7.34
CA THR I 139 2.62 -29.98 -8.02
C THR I 139 2.29 -30.62 -9.35
N ASP I 140 1.20 -31.38 -9.41
CA ASP I 140 0.86 -32.18 -10.58
C ASP I 140 -0.03 -31.41 -11.56
N SER I 141 -1.20 -31.00 -11.12
CA SER I 141 -2.16 -30.36 -12.02
C SER I 141 -3.11 -29.51 -11.19
N SER I 142 -4.24 -29.14 -11.80
CA SER I 142 -5.25 -28.32 -11.15
C SER I 142 -5.76 -28.98 -9.87
N ALA I 143 -5.46 -28.38 -8.73
CA ALA I 143 -5.97 -28.84 -7.45
C ALA I 143 -5.85 -27.70 -6.47
N ASP I 144 -6.92 -27.42 -5.74
CA ASP I 144 -6.89 -26.35 -4.77
C ASP I 144 -5.89 -26.67 -3.67
N SER I 145 -5.31 -25.63 -3.10
CA SER I 145 -4.38 -25.79 -2.00
C SER I 145 -5.13 -26.25 -0.75
N GLU I 146 -4.36 -26.73 0.24
CA GLU I 146 -4.91 -27.29 1.48
C GLU I 146 -4.38 -26.46 2.64
N PRO I 147 -4.96 -25.29 2.88
CA PRO I 147 -4.54 -24.48 4.02
C PRO I 147 -4.75 -25.19 5.35
N TYR I 148 -3.91 -24.85 6.33
CA TYR I 148 -4.11 -25.19 7.73
C TYR I 148 -3.75 -24.00 8.59
N SER I 149 -4.10 -24.06 9.87
CA SER I 149 -3.73 -23.03 10.82
C SER I 149 -2.93 -23.68 11.95
N VAL I 150 -1.92 -22.96 12.44
CA VAL I 150 -1.12 -23.47 13.53
C VAL I 150 -1.14 -22.43 14.63
N GLY I 151 -0.91 -22.88 15.86
CA GLY I 151 -0.88 -22.02 17.01
C GLY I 151 0.57 -21.89 17.49
N THR I 152 0.93 -20.67 17.86
CA THR I 152 2.26 -20.38 18.36
C THR I 152 2.15 -19.46 19.56
N PHE I 153 3.22 -19.44 20.36
CA PHE I 153 3.29 -18.55 21.51
C PHE I 153 4.51 -17.67 21.37
N THR I 154 4.36 -16.41 21.78
CA THR I 154 5.45 -15.47 21.80
C THR I 154 5.56 -14.89 23.20
N PHE I 155 6.77 -14.93 23.76
CA PHE I 155 7.02 -14.45 25.11
C PHE I 155 7.64 -13.06 25.07
N GLU I 156 7.30 -12.26 26.08
CA GLU I 156 7.95 -10.96 26.23
C GLU I 156 9.43 -11.17 26.56
N PRO I 157 10.29 -10.20 26.21
CA PRO I 157 11.73 -10.46 26.20
C PRO I 157 12.33 -10.89 27.53
N GLU I 158 11.54 -10.88 28.60
CA GLU I 158 12.04 -11.21 29.92
C GLU I 158 11.22 -12.32 30.56
N ALA I 159 10.75 -13.26 29.74
CA ALA I 159 9.95 -14.37 30.22
C ALA I 159 10.55 -15.70 29.77
N GLY I 160 9.93 -16.78 30.22
CA GLY I 160 10.36 -18.12 29.86
C GLY I 160 9.80 -19.12 30.86
N LEU I 161 10.41 -20.31 30.87
CA LEU I 161 10.00 -21.38 31.76
C LEU I 161 11.19 -21.84 32.57
N TYR I 162 10.91 -22.45 33.73
CA TYR I 162 11.96 -22.97 34.60
C TYR I 162 11.53 -24.30 35.19
N PHE I 163 12.55 -25.10 35.51
CA PHE I 163 12.41 -26.45 36.05
C PHE I 163 12.77 -26.45 37.52
N ILE I 164 12.59 -27.63 38.13
CA ILE I 164 13.21 -27.98 39.40
C ILE I 164 13.62 -29.43 39.31
N ALA I 165 14.90 -29.73 39.57
CA ALA I 165 15.39 -31.10 39.57
C ALA I 165 16.23 -31.36 40.81
N LYS I 166 16.23 -32.61 41.26
CA LYS I 166 17.04 -32.98 42.41
C LYS I 166 17.51 -34.43 42.27
N GLY I 167 18.64 -34.71 42.90
CA GLY I 167 19.23 -36.02 42.85
C GLY I 167 20.71 -35.94 43.19
N SER I 168 21.39 -37.07 42.95
CA SER I 168 22.81 -37.18 43.23
C SER I 168 23.61 -36.31 42.27
N GLU I 169 24.85 -36.03 42.66
CA GLU I 169 25.65 -35.06 41.93
C GLU I 169 26.06 -35.60 40.56
N GLU I 170 26.39 -36.88 40.47
CA GLU I 170 26.73 -37.44 39.16
C GLU I 170 25.53 -37.39 38.22
N THR I 171 24.35 -37.74 38.73
CA THR I 171 23.14 -37.61 37.93
C THR I 171 22.95 -36.17 37.50
N LEU I 172 23.17 -35.22 38.41
CA LEU I 172 22.92 -33.83 38.06
C LEU I 172 23.92 -33.32 37.03
N ASP I 173 25.17 -33.76 37.11
CA ASP I 173 26.15 -33.36 36.10
C ASP I 173 25.79 -33.94 34.75
N HIS I 174 25.35 -35.20 34.73
CA HIS I 174 24.84 -35.76 33.50
C HIS I 174 23.65 -34.96 32.99
N LEU I 175 22.80 -34.50 33.91
CA LEU I 175 21.65 -33.68 33.53
C LEU I 175 22.09 -32.38 32.88
N ASN I 176 23.15 -31.77 33.39
CA ASN I 176 23.69 -30.56 32.77
C ASN I 176 24.23 -30.84 31.37
N ASN I 177 24.91 -31.98 31.20
CA ASN I 177 25.38 -32.36 29.88
C ASN I 177 24.20 -32.55 28.91
N ILE I 178 23.15 -33.22 29.37
CA ILE I 178 21.96 -33.41 28.56
C ILE I 178 21.29 -32.07 28.25
N MET I 179 21.30 -31.14 29.21
CA MET I 179 20.69 -29.83 28.99
C MET I 179 21.45 -29.04 27.93
N THR I 180 22.77 -29.10 27.96
CA THR I 180 23.55 -28.47 26.90
C THR I 180 23.21 -29.08 25.54
N ALA I 181 23.18 -30.42 25.46
CA ALA I 181 22.88 -31.03 24.17
C ALA I 181 21.48 -30.66 23.70
N LEU I 182 20.52 -30.63 24.60
CA LEU I 182 19.14 -30.35 24.23
C LEU I 182 18.92 -28.90 23.85
N GLN I 183 19.78 -28.00 24.35
CA GLN I 183 19.55 -26.54 24.11
C GLN I 183 19.49 -26.23 22.60
N TYR I 184 20.02 -27.12 21.74
CA TYR I 184 20.02 -26.82 20.32
C TYR I 184 19.02 -27.66 19.53
N SER I 185 18.52 -28.75 20.08
CA SER I 185 17.30 -29.34 19.57
C SER I 185 16.11 -28.61 20.21
N GLY I 186 14.89 -29.09 19.98
CA GLY I 186 13.69 -28.39 20.36
C GLY I 186 13.03 -28.92 21.62
N LEU I 187 11.93 -28.24 22.01
CA LEU I 187 11.24 -28.55 23.25
C LEU I 187 9.73 -28.30 23.16
N GLY I 188 9.13 -28.43 21.97
CA GLY I 188 7.73 -28.10 21.86
C GLY I 188 6.89 -28.99 20.95
N GLY I 189 6.11 -28.37 20.08
CA GLY I 189 5.24 -29.09 19.17
C GLY I 189 5.91 -29.26 17.83
N LYS I 190 5.63 -28.33 16.90
CA LYS I 190 6.31 -28.33 15.62
C LYS I 190 7.72 -27.78 15.75
N ARG I 191 8.63 -28.50 16.41
CA ARG I 191 9.98 -27.99 16.59
C ARG I 191 10.70 -27.85 15.26
N ASN I 192 10.73 -28.90 14.47
CA ASN I 192 11.50 -28.87 13.23
C ASN I 192 10.95 -27.88 12.24
N ALA I 193 9.81 -27.26 12.54
CA ALA I 193 9.20 -26.30 11.64
C ALA I 193 9.66 -24.89 11.87
N GLY I 194 10.53 -24.67 12.86
CA GLY I 194 10.95 -23.31 13.13
C GLY I 194 10.42 -22.81 14.45
N TYR I 195 10.16 -23.72 15.38
CA TYR I 195 9.66 -23.33 16.69
C TYR I 195 10.41 -24.07 17.78
N GLY I 196 10.76 -23.35 18.84
CA GLY I 196 11.17 -23.99 20.07
C GLY I 196 12.64 -24.23 20.30
N GLN I 197 13.48 -23.22 20.11
CA GLN I 197 14.87 -23.28 20.52
C GLN I 197 15.11 -22.30 21.67
N PHE I 198 16.14 -22.58 22.46
CA PHE I 198 16.26 -21.89 23.74
C PHE I 198 17.70 -21.96 24.25
N GLU I 199 18.00 -21.06 25.17
CA GLU I 199 19.27 -20.99 25.89
C GLU I 199 19.01 -20.99 27.39
N TYR I 200 19.85 -21.76 28.09
CA TYR I 200 19.60 -21.94 29.52
C TYR I 200 20.67 -21.31 30.41
N GLU I 201 20.32 -21.12 31.66
CA GLU I 201 21.21 -20.63 32.71
C GLU I 201 20.78 -21.22 34.05
N ILE I 202 21.75 -21.55 34.90
CA ILE I 202 21.48 -22.20 36.17
C ILE I 202 21.55 -21.15 37.27
N ILE I 203 20.44 -20.94 37.97
CA ILE I 203 20.33 -19.94 39.02
C ILE I 203 19.81 -20.60 40.28
N ASN I 204 20.35 -20.22 41.43
CA ASN I 204 19.85 -20.68 42.72
C ASN I 204 19.19 -19.51 43.43
N ASN I 205 17.86 -19.46 43.38
CA ASN I 205 17.11 -18.42 44.07
C ASN I 205 16.90 -18.85 45.51
N GLN I 206 17.29 -17.99 46.44
CA GLN I 206 17.22 -18.33 47.85
C GLN I 206 15.78 -18.60 48.29
N GLN I 207 14.85 -17.73 47.92
CA GLN I 207 13.47 -17.88 48.39
C GLN I 207 12.85 -19.16 47.85
N LEU I 208 13.08 -19.47 46.59
CA LEU I 208 12.50 -20.69 46.02
C LEU I 208 13.05 -21.94 46.71
N SER I 209 14.36 -21.96 46.97
CA SER I 209 14.94 -23.07 47.72
C SER I 209 14.34 -23.16 49.12
N LYS I 210 14.19 -22.01 49.78
CA LYS I 210 13.60 -22.00 51.12
C LYS I 210 12.20 -22.59 51.10
N LEU I 211 11.40 -22.20 50.10
CA LEU I 211 10.09 -22.80 49.92
C LEU I 211 10.20 -24.30 49.71
N LEU I 212 11.23 -24.72 48.97
CA LEU I 212 11.41 -26.14 48.69
C LEU I 212 11.74 -26.92 49.94
N ASN I 213 12.31 -26.28 50.94
CA ASN I 213 12.90 -26.94 52.09
C ASN I 213 12.10 -26.72 53.36
N GLN I 214 10.78 -26.67 53.24
CA GLN I 214 9.92 -26.50 54.40
C GLN I 214 9.56 -27.88 54.96
N ASN I 215 8.69 -27.90 55.96
CA ASN I 215 8.18 -29.12 56.55
C ASN I 215 6.77 -28.87 57.04
N GLY I 216 5.83 -29.74 56.64
CA GLY I 216 4.45 -29.57 57.03
C GLY I 216 3.65 -30.85 57.10
N LYS I 217 2.32 -30.72 57.06
CA LYS I 217 1.42 -31.86 57.15
C LYS I 217 0.80 -32.27 55.83
N HIS I 218 0.49 -31.30 54.97
CA HIS I 218 -0.05 -31.59 53.64
C HIS I 218 1.10 -31.84 52.68
N SER I 219 0.77 -31.92 51.38
CA SER I 219 1.77 -32.09 50.35
C SER I 219 1.21 -31.57 49.03
N ILE I 220 2.03 -30.85 48.26
CA ILE I 220 1.63 -30.28 46.99
C ILE I 220 2.49 -30.88 45.90
N LEU I 221 1.86 -31.57 44.96
CA LEU I 221 2.59 -32.29 43.92
C LEU I 221 2.94 -31.35 42.78
N LEU I 222 4.24 -31.20 42.53
CA LEU I 222 4.75 -30.30 41.50
C LEU I 222 5.07 -31.01 40.19
N SER I 223 4.81 -32.30 40.07
CA SER I 223 5.02 -33.01 38.82
C SER I 223 3.76 -33.80 38.45
N THR I 224 3.84 -34.65 37.44
CA THR I 224 2.73 -35.51 37.04
C THR I 224 2.96 -36.89 37.61
N ALA I 225 2.12 -37.31 38.54
CA ALA I 225 2.38 -38.54 39.29
C ALA I 225 1.16 -39.45 39.27
N MET I 226 1.41 -40.72 39.53
CA MET I 226 0.36 -41.74 39.57
C MET I 226 0.84 -42.88 40.46
N ALA I 227 0.11 -43.13 41.55
CA ALA I 227 0.55 -44.11 42.53
C ALA I 227 0.52 -45.52 41.95
N LYS I 228 1.42 -46.36 42.46
CA LYS I 228 1.48 -47.76 42.08
C LYS I 228 0.28 -48.51 42.65
N LYS I 229 0.19 -49.79 42.26
CA LYS I 229 -1.01 -50.58 42.50
C LYS I 229 -1.33 -50.71 43.98
N GLU I 230 -0.32 -50.94 44.80
CA GLU I 230 -0.53 -51.46 46.15
C GLU I 230 -0.67 -50.37 47.21
N GLU I 231 -0.45 -49.11 46.87
CA GLU I 231 -0.49 -48.04 47.85
C GLU I 231 -1.55 -47.02 47.57
N ILE I 232 -2.17 -47.04 46.39
CA ILE I 232 -3.11 -45.99 46.03
C ILE I 232 -4.25 -45.96 47.01
N GLU I 233 -4.73 -47.13 47.40
CA GLU I 233 -5.83 -47.25 48.35
C GLU I 233 -5.51 -46.51 49.64
N SER I 234 -4.26 -46.57 50.07
CA SER I 234 -3.80 -45.75 51.18
C SER I 234 -3.44 -44.34 50.74
N ALA I 235 -3.21 -44.12 49.45
CA ALA I 235 -2.89 -42.77 49.00
C ALA I 235 -4.12 -41.89 48.93
N LEU I 236 -5.27 -42.46 48.61
CA LEU I 236 -6.47 -41.68 48.31
C LEU I 236 -7.39 -41.56 49.51
N LYS I 237 -6.85 -41.64 50.72
CA LYS I 237 -7.70 -41.58 51.90
C LYS I 237 -8.43 -40.24 51.99
N GLU I 238 -7.69 -39.14 51.90
CA GLU I 238 -8.26 -37.80 51.92
C GLU I 238 -7.49 -36.98 50.91
N ALA I 239 -8.14 -36.61 49.81
CA ALA I 239 -7.41 -35.99 48.71
C ALA I 239 -8.31 -35.03 47.96
N ARG I 240 -7.65 -34.13 47.22
CA ARG I 240 -8.30 -33.33 46.19
C ARG I 240 -7.38 -33.38 44.98
N TYR I 241 -7.83 -34.07 43.93
CA TYR I 241 -6.99 -34.27 42.76
C TYR I 241 -7.82 -34.14 41.50
N ILE I 242 -7.12 -33.98 40.38
CA ILE I 242 -7.73 -33.77 39.08
C ILE I 242 -7.09 -34.74 38.11
N LEU I 243 -7.91 -35.41 37.32
CA LEU I 243 -7.41 -36.32 36.30
C LEU I 243 -7.23 -35.58 34.98
N THR I 244 -6.23 -36.03 34.22
CA THR I 244 -5.99 -35.50 32.89
C THR I 244 -5.69 -36.68 31.97
N LYS I 245 -6.58 -36.94 31.03
CA LYS I 245 -6.32 -37.99 30.06
C LYS I 245 -5.13 -37.62 29.20
N ARG I 246 -4.07 -38.37 29.31
CA ARG I 246 -2.88 -38.20 28.50
C ARG I 246 -2.93 -39.23 27.38
N SER I 247 -2.98 -38.75 26.15
CA SER I 247 -2.86 -39.61 24.99
C SER I 247 -1.87 -39.02 24.02
N GLY I 248 -1.66 -39.65 22.89
CA GLY I 248 -0.71 -39.16 21.92
C GLY I 248 0.06 -40.30 21.31
N PHE I 249 0.90 -39.95 20.35
CA PHE I 249 1.64 -40.94 19.59
C PHE I 249 3.01 -41.19 20.22
N VAL I 250 3.93 -41.77 19.45
CA VAL I 250 5.28 -42.09 19.89
C VAL I 250 6.22 -41.93 18.71
N GLN I 251 7.52 -41.82 19.00
CA GLN I 251 8.55 -41.63 17.99
C GLN I 251 9.43 -42.86 17.91
N SER I 252 9.56 -43.43 16.71
CA SER I 252 10.49 -44.51 16.42
C SER I 252 10.20 -45.76 17.27
N THR I 253 9.02 -46.34 17.03
CA THR I 253 8.59 -47.60 17.62
C THR I 253 8.29 -48.68 16.58
N ASN I 254 7.35 -48.41 15.67
CA ASN I 254 6.90 -49.40 14.68
C ASN I 254 6.79 -48.69 13.33
N TYR I 255 6.17 -49.35 12.35
CA TYR I 255 6.22 -48.89 10.97
C TYR I 255 5.42 -47.61 10.76
N SER I 256 4.14 -47.63 11.12
CA SER I 256 3.24 -46.53 10.80
C SER I 256 3.01 -45.67 12.03
N GLU I 257 3.24 -44.36 11.88
CA GLU I 257 2.94 -43.45 12.98
C GLU I 257 1.45 -43.40 13.27
N MET I 258 0.63 -43.38 12.22
CA MET I 258 -0.82 -43.39 12.41
C MET I 258 -1.26 -44.67 13.08
N LEU I 259 -0.55 -45.77 12.84
CA LEU I 259 -0.87 -47.04 13.47
C LEU I 259 -0.45 -47.09 14.94
N VAL I 260 0.54 -46.29 15.34
CA VAL I 260 1.12 -46.37 16.69
C VAL I 260 0.54 -45.24 17.53
N LYS I 261 0.08 -45.58 18.73
CA LYS I 261 -0.48 -44.60 19.64
C LYS I 261 -0.37 -45.10 21.06
N LYS I 262 0.12 -44.25 21.94
CA LYS I 262 0.19 -44.59 23.35
C LYS I 262 -1.21 -44.88 23.87
N SER I 263 -1.33 -45.92 24.68
CA SER I 263 -2.60 -46.22 25.32
C SER I 263 -2.98 -45.05 26.21
N ASP I 264 -4.27 -44.78 26.30
CA ASP I 264 -4.74 -43.67 27.12
C ASP I 264 -4.27 -43.88 28.54
N PHE I 265 -3.87 -42.79 29.18
CA PHE I 265 -3.39 -42.86 30.55
C PHE I 265 -4.11 -41.79 31.35
N TYR I 266 -4.35 -42.07 32.62
CA TYR I 266 -5.00 -41.10 33.49
C TYR I 266 -4.10 -40.78 34.66
N SER I 267 -3.93 -39.48 34.92
CA SER I 267 -2.96 -39.10 35.92
C SER I 267 -3.44 -37.85 36.65
N PHE I 268 -2.88 -37.69 37.84
CA PHE I 268 -3.09 -36.55 38.70
C PHE I 268 -2.40 -35.32 38.13
N SER I 269 -2.96 -34.15 38.42
CA SER I 269 -2.44 -32.89 37.89
C SER I 269 -1.42 -32.28 38.85
N SER I 270 -0.97 -31.07 38.53
CA SER I 270 0.03 -30.37 39.31
C SER I 270 -0.56 -29.33 40.26
N GLY I 271 -1.70 -29.63 40.87
CA GLY I 271 -2.26 -28.74 41.86
C GLY I 271 -2.86 -29.54 42.99
N SER I 272 -2.64 -30.84 42.94
CA SER I 272 -3.26 -31.78 43.85
C SER I 272 -2.67 -31.70 45.25
N VAL I 273 -3.46 -32.12 46.24
CA VAL I 273 -3.08 -32.16 47.64
C VAL I 273 -3.29 -33.57 48.17
N PHE I 274 -2.32 -34.07 48.95
CA PHE I 274 -2.37 -35.43 49.49
C PHE I 274 -2.01 -35.41 50.97
N LYS I 275 -2.45 -36.45 51.69
CA LYS I 275 -2.02 -36.68 53.06
C LYS I 275 -0.89 -37.70 53.13
N ASN I 276 -1.05 -38.83 52.46
CA ASN I 276 -0.09 -39.92 52.50
C ASN I 276 0.72 -39.91 51.21
N ILE I 277 2.01 -39.62 51.32
CA ILE I 277 2.86 -39.58 50.16
C ILE I 277 2.90 -40.97 49.53
N PHE I 278 3.03 -41.00 48.23
CA PHE I 278 3.31 -42.23 47.53
C PHE I 278 4.51 -41.99 46.64
N ASN I 279 5.43 -42.94 46.62
CA ASN I 279 6.43 -42.93 45.57
C ASN I 279 5.81 -43.51 44.32
N GLY I 280 6.06 -42.88 43.20
CA GLY I 280 5.41 -43.23 41.98
C GLY I 280 6.16 -44.29 41.22
N ASP I 281 5.97 -44.32 39.92
CA ASP I 281 6.72 -45.23 39.10
C ASP I 281 6.64 -44.73 37.67
N ILE I 282 7.57 -45.22 36.85
CA ILE I 282 7.53 -45.01 35.42
C ILE I 282 6.72 -46.15 34.82
N PHE I 283 5.53 -45.82 34.32
CA PHE I 283 4.60 -46.84 33.84
C PHE I 283 4.66 -47.00 32.34
N ASN I 284 4.82 -48.24 31.89
CA ASN I 284 4.82 -48.52 30.47
C ASN I 284 3.40 -48.47 29.92
N VAL I 285 3.22 -47.74 28.83
CA VAL I 285 1.93 -47.65 28.16
C VAL I 285 2.13 -48.26 26.79
N GLY I 286 3.05 -49.20 26.69
CA GLY I 286 3.45 -49.77 25.42
C GLY I 286 2.75 -51.07 25.09
N HIS I 287 2.51 -51.28 23.81
CA HIS I 287 1.92 -52.50 23.33
C HIS I 287 2.14 -52.57 21.82
N ASN I 288 2.47 -53.76 21.34
CA ASN I 288 2.83 -53.96 19.94
C ASN I 288 3.97 -53.03 19.52
N GLY I 289 4.96 -52.89 20.41
CA GLY I 289 6.09 -52.04 20.11
C GLY I 289 7.41 -52.77 20.31
N LYS I 290 8.40 -52.35 19.53
CA LYS I 290 9.70 -53.00 19.57
C LYS I 290 10.51 -52.58 20.78
N HIS I 291 10.07 -51.55 21.48
CA HIS I 291 10.68 -51.09 22.73
C HIS I 291 9.58 -50.58 23.64
N PRO I 292 9.77 -50.62 24.95
CA PRO I 292 8.78 -50.02 25.85
C PRO I 292 8.81 -48.52 25.77
N VAL I 293 7.64 -47.92 25.94
CA VAL I 293 7.50 -46.48 26.01
C VAL I 293 7.08 -46.13 27.42
N TYR I 294 7.87 -45.28 28.05
CA TYR I 294 7.73 -44.99 29.46
C TYR I 294 6.98 -43.68 29.64
N ARG I 295 6.10 -43.65 30.60
CA ARG I 295 5.44 -42.42 31.01
C ARG I 295 5.85 -42.14 32.43
N TYR I 296 6.01 -40.87 32.76
CA TYR I 296 6.65 -40.47 34.00
C TYR I 296 5.60 -40.23 35.07
N ALA I 297 5.76 -40.90 36.20
CA ALA I 297 4.90 -40.63 37.35
C ALA I 297 5.77 -40.81 38.60
N LYS I 298 6.43 -39.72 38.99
CA LYS I 298 7.31 -39.76 40.14
C LYS I 298 7.25 -38.37 40.75
N PRO I 299 6.82 -38.25 41.99
CA PRO I 299 6.40 -36.97 42.53
C PRO I 299 7.48 -36.15 43.22
N LEU I 300 7.45 -34.86 42.94
CA LEU I 300 8.29 -33.87 43.61
C LEU I 300 7.37 -33.02 44.48
N TRP I 301 7.51 -33.14 45.79
CA TRP I 301 6.53 -32.64 46.73
C TRP I 301 6.91 -31.31 47.34
N LEU I 302 5.90 -30.51 47.67
CA LEU I 302 6.07 -29.27 48.40
C LEU I 302 5.28 -29.37 49.70
N GLU I 303 6.00 -29.50 50.81
CA GLU I 303 5.42 -29.93 52.08
C GLU I 303 5.08 -28.71 52.93
N VAL I 304 3.92 -28.13 52.68
CA VAL I 304 3.39 -27.06 53.53
C VAL I 304 1.92 -26.83 53.23
#